data_6EQ0
#
_entry.id   6EQ0
#
_cell.length_a   107.840
_cell.length_b   73.920
_cell.length_c   171.100
_cell.angle_alpha   90.00
_cell.angle_beta   92.55
_cell.angle_gamma   90.00
#
_symmetry.space_group_name_H-M   'C 1 2 1'
#
loop_
_entity.id
_entity.type
_entity.pdbx_description
1 polymer 'Periplasmic alpha-galactoside-binding protein'
2 non-polymer alpha-D-galactopyranose
3 non-polymer DI(HYDROXYETHYL)ETHER
4 non-polymer 1,2-ETHANEDIOL
5 non-polymer 'CHLORIDE ION'
6 non-polymer 'CALCIUM ION'
7 water water
#
_entity_poly.entity_id   1
_entity_poly.type   'polypeptide(L)'
_entity_poly.pdbx_seq_one_letter_code
;MIALSANAFETTTPPEPPQFPAEGKINYVARDTILEFKALPSYSEPDWITEKFEKAGKLPPLKERLPEEPLVYKTGNMPD
GVGVYGDTMRHVVGGRPEGWNYIAGQSQGWGGIDIALSECLTRTAPLFQVDAKDTEPLPNLAKSWEWSEDGHTLTMHLVK
GAKWSDGEAFNADDVMFYWEDAVVDPNVSPLGGGASPEAFGEGTTLKKIDDYTVEWTFKAAFPKQYLYTMAYPSFCPGPS
HILKPQHPKYSKNTYNQFKNAFPPEYMNMPVMGAWVPVSYRPDDLIVLRRNPYYWKVDEKGQQLPYLNEVHYKLSTWADR
DVQAVAGSGDFSNLEQPENFVASLKRAADPNAPARLAFGPRLIGYNLQMNFSANGWGNPDERGQAIRELNRNEVFRQAVT
SALDRKAIGDSLVKGPFTAIYPGGISSGTSFYDRASTVYYPFNLEGAKAALASIGLKDTDGDGFLNFPKETLGGRNVEIT
LLVNNGYATDKSLAEGLVGQMAKLGLRVVIHSLDSNQRDAAHYGGQFDWLVRRNSTELSSVVQNTEQLAPVGPRTSWNHR
SPEGKELDLMPFEKEMADIVRKFISSQDNAERADLMKQYQKVYTQNLYTIGLTEYPGALIVNKRFSNVPQGTPIFMFNWA
EDAIIRERLWVAADKQGKYELFPQQLPGKPGEGGPINHHHHHH
;
_entity_poly.pdbx_strand_id   A,B
#
# COMPACT_ATOMS: atom_id res chain seq x y z
N ALA A 8 28.82 0.14 14.20
CA ALA A 8 27.87 -0.24 15.25
C ALA A 8 28.17 -1.66 15.72
N PHE A 9 28.07 -2.60 14.77
CA PHE A 9 28.30 -4.04 14.88
C PHE A 9 28.87 -4.47 13.54
N GLU A 10 29.82 -5.43 13.56
CA GLU A 10 30.46 -5.89 12.33
C GLU A 10 29.66 -7.04 11.71
N THR A 11 28.60 -6.68 10.94
CA THR A 11 27.72 -7.65 10.28
C THR A 11 28.37 -8.25 9.07
N THR A 12 28.15 -9.55 8.90
CA THR A 12 28.66 -10.35 7.78
C THR A 12 27.50 -11.21 7.27
N THR A 13 27.78 -12.28 6.55
CA THR A 13 26.79 -13.23 6.02
C THR A 13 26.97 -14.50 6.87
N PRO A 14 25.89 -15.30 7.14
CA PRO A 14 26.08 -16.47 8.02
C PRO A 14 26.98 -17.55 7.42
N PRO A 15 27.81 -18.22 8.25
CA PRO A 15 28.72 -19.24 7.70
C PRO A 15 27.99 -20.45 7.12
N GLU A 16 28.59 -21.05 6.07
CA GLU A 16 28.07 -22.24 5.39
C GLU A 16 28.07 -23.39 6.39
N PRO A 17 26.94 -24.13 6.51
CA PRO A 17 26.88 -25.21 7.52
C PRO A 17 27.66 -26.44 7.06
N PRO A 18 27.91 -27.47 7.94
CA PRO A 18 28.61 -28.68 7.45
C PRO A 18 27.80 -29.41 6.39
N GLN A 19 28.47 -30.16 5.52
CA GLN A 19 27.79 -30.93 4.48
C GLN A 19 26.88 -31.96 5.14
N PHE A 20 25.64 -32.08 4.67
CA PHE A 20 24.70 -33.05 5.22
C PHE A 20 24.34 -34.17 4.20
N PRO A 21 25.25 -35.17 3.96
CA PRO A 21 24.91 -36.25 3.02
C PRO A 21 24.08 -37.37 3.68
N ALA A 22 23.72 -38.42 2.89
CA ALA A 22 22.93 -39.60 3.33
C ALA A 22 21.63 -39.10 3.97
N GLU A 23 20.79 -38.58 3.08
CA GLU A 23 19.54 -37.89 3.28
C GLU A 23 18.35 -38.70 2.75
N GLY A 24 17.88 -38.31 1.55
CA GLY A 24 16.75 -38.88 0.81
C GLY A 24 16.39 -37.97 -0.34
N LYS A 25 16.51 -38.48 -1.60
CA LYS A 25 16.23 -37.66 -2.78
C LYS A 25 14.77 -37.75 -3.22
N ILE A 26 14.17 -36.58 -3.48
CA ILE A 26 12.80 -36.49 -3.97
C ILE A 26 12.81 -36.86 -5.45
N ASN A 27 11.78 -37.63 -5.88
CA ASN A 27 11.54 -37.99 -7.27
C ASN A 27 10.61 -36.89 -7.77
N TYR A 28 11.11 -35.91 -8.53
CA TYR A 28 10.30 -34.78 -8.98
C TYR A 28 9.34 -35.12 -10.09
N VAL A 29 8.09 -34.60 -9.99
CA VAL A 29 7.01 -34.87 -10.93
C VAL A 29 6.21 -33.62 -11.29
N ALA A 30 5.51 -33.65 -12.44
CA ALA A 30 4.61 -32.56 -12.85
C ALA A 30 3.35 -32.53 -11.91
N ARG A 31 2.69 -31.38 -11.81
CA ARG A 31 1.58 -31.10 -10.89
C ARG A 31 0.39 -32.10 -10.96
N ASP A 32 -0.01 -32.49 -12.18
CA ASP A 32 -1.17 -33.33 -12.43
C ASP A 32 -0.88 -34.83 -12.62
N THR A 33 0.26 -35.29 -12.12
CA THR A 33 0.61 -36.72 -12.11
C THR A 33 -0.01 -37.41 -10.89
N ILE A 34 -0.48 -36.61 -9.91
CA ILE A 34 -1.03 -37.10 -8.64
C ILE A 34 -2.52 -37.53 -8.69
N LEU A 35 -3.40 -36.63 -9.11
CA LEU A 35 -4.83 -36.84 -9.08
C LEU A 35 -5.52 -36.07 -10.20
N GLU A 36 -6.78 -36.46 -10.47
CA GLU A 36 -7.73 -35.85 -11.41
C GLU A 36 -9.16 -36.14 -10.90
N PHE A 37 -10.18 -35.49 -11.50
CA PHE A 37 -11.60 -35.70 -11.18
C PHE A 37 -12.29 -36.30 -12.43
N LYS A 38 -12.60 -37.60 -12.36
CA LYS A 38 -13.26 -38.34 -13.43
C LYS A 38 -14.22 -39.40 -12.88
N ALA A 39 -15.27 -39.71 -13.62
CA ALA A 39 -16.22 -40.78 -13.26
C ALA A 39 -15.63 -42.10 -13.79
N LEU A 40 -15.51 -43.11 -12.93
CA LEU A 40 -14.96 -44.41 -13.34
C LEU A 40 -16.06 -45.41 -13.73
N PRO A 41 -15.78 -46.42 -14.61
CA PRO A 41 -16.87 -47.34 -15.01
C PRO A 41 -17.49 -48.09 -13.83
N SER A 42 -16.66 -48.67 -12.97
CA SER A 42 -17.09 -49.41 -11.77
C SER A 42 -16.21 -49.09 -10.55
N TYR A 43 -16.80 -49.26 -9.37
CA TYR A 43 -16.18 -48.94 -8.09
C TYR A 43 -16.08 -50.16 -7.16
N SER A 44 -15.11 -50.14 -6.20
CA SER A 44 -14.80 -51.22 -5.25
C SER A 44 -14.60 -50.70 -3.81
N GLU A 45 -14.66 -51.63 -2.81
CA GLU A 45 -14.53 -51.35 -1.37
C GLU A 45 -14.22 -52.65 -0.54
N PRO A 46 -13.90 -52.55 0.78
CA PRO A 46 -13.70 -53.75 1.58
C PRO A 46 -14.97 -54.62 1.65
N ASP A 47 -14.79 -55.90 1.34
CA ASP A 47 -15.82 -56.95 1.21
C ASP A 47 -16.82 -57.04 2.36
N TRP A 48 -16.38 -56.73 3.57
CA TRP A 48 -17.23 -56.73 4.75
C TRP A 48 -18.22 -55.58 4.74
N ILE A 49 -17.89 -54.45 4.07
CA ILE A 49 -18.84 -53.34 3.98
C ILE A 49 -20.06 -53.78 3.16
N THR A 50 -19.81 -54.47 2.03
CA THR A 50 -20.82 -54.98 1.12
C THR A 50 -21.63 -56.17 1.71
N GLU A 51 -20.97 -57.07 2.48
CA GLU A 51 -21.59 -58.28 3.05
C GLU A 51 -22.16 -58.14 4.45
N LYS A 52 -21.64 -57.25 5.27
CA LYS A 52 -22.09 -57.05 6.66
C LYS A 52 -22.84 -55.74 6.88
N PHE A 53 -22.86 -54.82 5.88
CA PHE A 53 -23.55 -53.53 6.01
C PHE A 53 -24.55 -53.25 4.88
N GLU A 54 -24.11 -53.37 3.60
CA GLU A 54 -24.98 -53.12 2.43
C GLU A 54 -26.11 -54.13 2.35
N LYS A 55 -25.79 -55.45 2.46
CA LYS A 55 -26.74 -56.57 2.39
C LYS A 55 -27.65 -56.65 3.62
N ALA A 56 -27.14 -56.13 4.78
CA ALA A 56 -27.85 -56.06 6.06
C ALA A 56 -28.76 -54.81 6.11
N GLY A 57 -28.65 -53.95 5.10
CA GLY A 57 -29.42 -52.72 4.97
C GLY A 57 -28.58 -51.49 5.21
N LYS A 58 -27.91 -51.43 6.40
CA LYS A 58 -27.07 -50.42 7.07
C LYS A 58 -26.36 -49.33 6.21
N LEU A 59 -26.05 -49.57 4.93
CA LEU A 59 -25.35 -48.57 4.12
C LEU A 59 -25.84 -48.52 2.67
N PRO A 60 -25.90 -47.33 2.02
CA PRO A 60 -26.27 -47.30 0.58
C PRO A 60 -25.16 -47.94 -0.28
N PRO A 61 -25.46 -48.45 -1.51
CA PRO A 61 -24.38 -48.99 -2.35
C PRO A 61 -23.34 -47.92 -2.65
N LEU A 62 -22.07 -48.32 -2.80
CA LEU A 62 -20.94 -47.42 -3.01
C LEU A 62 -21.16 -46.29 -4.03
N LYS A 63 -21.75 -46.60 -5.20
CA LYS A 63 -22.03 -45.67 -6.29
C LYS A 63 -22.82 -44.42 -5.85
N GLU A 64 -23.78 -44.59 -4.92
CA GLU A 64 -24.58 -43.49 -4.40
C GLU A 64 -23.83 -42.69 -3.37
N ARG A 65 -22.97 -43.36 -2.57
CA ARG A 65 -22.14 -42.75 -1.53
C ARG A 65 -21.07 -41.81 -2.08
N LEU A 66 -20.60 -42.10 -3.30
CA LEU A 66 -19.58 -41.34 -3.99
C LEU A 66 -20.15 -40.24 -4.89
N PRO A 67 -19.40 -39.13 -5.16
CA PRO A 67 -19.91 -38.11 -6.11
C PRO A 67 -19.94 -38.64 -7.55
N GLU A 68 -20.52 -37.87 -8.49
CA GLU A 68 -20.54 -38.28 -9.89
C GLU A 68 -19.10 -38.37 -10.41
N GLU A 69 -18.27 -37.36 -10.11
CA GLU A 69 -16.84 -37.36 -10.43
C GLU A 69 -16.04 -37.33 -9.13
N PRO A 70 -15.60 -38.50 -8.63
CA PRO A 70 -14.79 -38.48 -7.42
C PRO A 70 -13.34 -38.04 -7.70
N LEU A 71 -12.56 -37.80 -6.60
CA LEU A 71 -11.12 -37.52 -6.67
C LEU A 71 -10.44 -38.89 -6.99
N VAL A 72 -9.75 -38.99 -8.15
CA VAL A 72 -9.08 -40.24 -8.58
C VAL A 72 -7.56 -40.09 -8.47
N TYR A 73 -6.92 -40.90 -7.60
CA TYR A 73 -5.46 -40.88 -7.44
C TYR A 73 -4.83 -41.70 -8.54
N LYS A 74 -3.93 -41.06 -9.29
CA LYS A 74 -3.24 -41.70 -10.40
C LYS A 74 -2.22 -42.68 -9.85
N THR A 75 -2.14 -43.89 -10.42
CA THR A 75 -1.24 -44.93 -9.93
C THR A 75 0.22 -44.68 -10.33
N GLY A 76 0.45 -43.91 -11.40
CA GLY A 76 1.81 -43.57 -11.82
C GLY A 76 2.61 -42.86 -10.76
N ASN A 77 1.94 -41.99 -9.97
CA ASN A 77 2.48 -41.24 -8.84
C ASN A 77 2.43 -42.08 -7.55
N MET A 78 1.93 -43.31 -7.60
CA MET A 78 1.94 -44.11 -6.37
C MET A 78 3.31 -44.86 -6.26
N PRO A 79 4.15 -44.55 -5.23
CA PRO A 79 5.50 -45.18 -5.15
C PRO A 79 5.58 -46.70 -5.22
N ASP A 80 4.51 -47.43 -4.87
CA ASP A 80 4.51 -48.90 -4.86
C ASP A 80 3.33 -49.43 -5.67
N GLY A 81 2.57 -48.49 -6.22
CA GLY A 81 1.41 -48.73 -7.06
C GLY A 81 0.12 -48.80 -6.27
N VAL A 82 -0.94 -49.27 -6.95
CA VAL A 82 -2.27 -49.41 -6.36
C VAL A 82 -2.23 -50.42 -5.18
N GLY A 83 -2.97 -50.07 -4.12
CA GLY A 83 -2.99 -50.84 -2.89
C GLY A 83 -4.07 -51.87 -2.61
N VAL A 84 -4.11 -52.25 -1.35
CA VAL A 84 -5.01 -53.24 -0.79
C VAL A 84 -5.46 -52.70 0.57
N TYR A 85 -6.68 -53.09 0.95
CA TYR A 85 -7.33 -52.71 2.18
C TYR A 85 -6.82 -53.51 3.37
N GLY A 86 -6.87 -52.90 4.54
CA GLY A 86 -6.49 -53.57 5.78
C GLY A 86 -5.42 -52.85 6.56
N ASP A 87 -5.36 -53.15 7.87
CA ASP A 87 -4.38 -52.64 8.87
C ASP A 87 -4.83 -51.28 9.51
N THR A 88 -3.97 -50.74 10.36
CA THR A 88 -4.14 -49.55 11.19
C THR A 88 -2.92 -48.65 11.10
N MET A 89 -3.15 -47.34 11.22
CA MET A 89 -2.04 -46.41 11.33
C MET A 89 -1.99 -45.99 12.80
N ARG A 90 -0.93 -46.36 13.47
CA ARG A 90 -0.79 -46.03 14.88
C ARG A 90 0.06 -44.79 15.09
N HIS A 91 -0.60 -43.71 15.55
CA HIS A 91 0.06 -42.46 15.88
C HIS A 91 0.15 -42.31 17.38
N VAL A 92 1.13 -41.53 17.80
CA VAL A 92 1.42 -41.17 19.18
C VAL A 92 1.53 -39.65 19.12
N VAL A 93 0.69 -38.96 19.87
CA VAL A 93 0.65 -37.51 19.92
C VAL A 93 1.03 -37.02 21.32
N GLY A 94 1.54 -35.80 21.40
CA GLY A 94 1.92 -35.14 22.62
C GLY A 94 0.90 -34.10 23.04
N GLY A 95 -0.09 -33.94 22.19
CA GLY A 95 -1.21 -33.04 22.43
C GLY A 95 -2.40 -33.75 23.03
N ARG A 96 -3.37 -32.93 23.45
CA ARG A 96 -4.63 -33.39 24.01
C ARG A 96 -5.78 -32.70 23.28
N PRO A 97 -6.94 -33.38 23.06
CA PRO A 97 -8.07 -32.70 22.42
C PRO A 97 -8.82 -31.73 23.35
N GLU A 98 -9.32 -30.62 22.79
CA GLU A 98 -10.14 -29.61 23.48
C GLU A 98 -11.59 -29.91 23.10
N GLY A 99 -11.79 -30.33 21.85
CA GLY A 99 -13.08 -30.69 21.28
C GLY A 99 -13.01 -30.93 19.79
N TRP A 100 -14.17 -30.93 19.10
CA TRP A 100 -14.17 -31.18 17.65
C TRP A 100 -14.47 -29.91 16.80
N ASN A 101 -14.62 -28.72 17.44
CA ASN A 101 -14.86 -27.48 16.68
C ASN A 101 -13.54 -26.76 16.30
N TYR A 102 -12.98 -27.18 15.15
CA TYR A 102 -11.73 -26.71 14.55
C TYR A 102 -11.85 -25.24 14.13
N ILE A 103 -12.98 -24.90 13.50
CA ILE A 103 -13.20 -23.56 12.95
C ILE A 103 -13.42 -22.50 14.04
N ALA A 104 -13.79 -22.93 15.27
CA ALA A 104 -13.94 -22.04 16.42
C ALA A 104 -12.63 -21.89 17.25
N GLY A 105 -11.57 -22.58 16.83
CA GLY A 105 -10.24 -22.54 17.45
C GLY A 105 -9.90 -23.63 18.44
N GLN A 106 -10.58 -24.79 18.34
CA GLN A 106 -10.31 -25.94 19.21
C GLN A 106 -9.26 -26.89 18.62
N SER A 107 -8.30 -27.28 19.45
CA SER A 107 -7.25 -28.22 19.07
C SER A 107 -7.75 -29.65 19.30
N GLN A 108 -7.40 -30.56 18.39
CA GLN A 108 -7.78 -31.96 18.46
C GLN A 108 -6.62 -32.81 18.99
N GLY A 109 -5.46 -32.19 19.13
CA GLY A 109 -4.27 -32.85 19.65
C GLY A 109 -3.04 -32.73 18.79
N TRP A 110 -3.23 -32.30 17.54
CA TRP A 110 -2.16 -32.18 16.56
C TRP A 110 -1.67 -33.57 16.15
N GLY A 111 -0.42 -33.70 15.72
CA GLY A 111 0.16 -34.99 15.32
C GLY A 111 -0.56 -35.71 14.20
N GLY A 112 -1.22 -34.93 13.34
CA GLY A 112 -1.97 -35.38 12.18
C GLY A 112 -3.45 -35.60 12.37
N ILE A 113 -3.97 -35.37 13.59
CA ILE A 113 -5.37 -35.63 13.89
C ILE A 113 -6.28 -34.62 13.19
N ASP A 114 -6.02 -33.30 13.32
CA ASP A 114 -6.85 -32.30 12.64
C ASP A 114 -6.59 -32.26 11.08
N ILE A 115 -5.42 -32.74 10.63
CA ILE A 115 -5.06 -32.85 9.20
C ILE A 115 -5.93 -33.94 8.53
N ALA A 116 -6.07 -35.10 9.22
CA ALA A 116 -6.82 -36.29 8.80
C ALA A 116 -8.32 -36.11 8.85
N LEU A 117 -8.80 -35.02 9.48
CA LEU A 117 -10.21 -34.76 9.60
C LEU A 117 -10.58 -33.57 8.73
N SER A 118 -9.96 -32.41 9.01
CA SER A 118 -10.27 -31.16 8.32
C SER A 118 -9.54 -31.00 7.00
N GLU A 119 -10.28 -31.27 5.93
CA GLU A 119 -9.90 -31.17 4.52
C GLU A 119 -10.24 -29.78 4.04
N CYS A 120 -9.48 -29.27 3.07
CA CYS A 120 -9.61 -27.89 2.61
C CYS A 120 -10.03 -27.74 1.14
N LEU A 121 -10.12 -26.47 0.65
CA LEU A 121 -10.44 -26.18 -0.74
C LEU A 121 -9.34 -26.69 -1.66
N THR A 122 -8.08 -26.44 -1.28
CA THR A 122 -6.90 -26.92 -2.01
C THR A 122 -6.03 -27.82 -1.11
N ARG A 123 -4.94 -28.35 -1.67
CA ARG A 123 -3.93 -29.18 -0.98
C ARG A 123 -2.54 -28.83 -1.51
N THR A 124 -1.57 -28.64 -0.59
CA THR A 124 -0.21 -28.18 -0.90
C THR A 124 0.91 -29.07 -0.40
N ALA A 125 0.71 -29.75 0.74
CA ALA A 125 1.74 -30.60 1.34
C ALA A 125 2.41 -31.59 0.36
N PRO A 126 1.69 -32.28 -0.55
CA PRO A 126 2.38 -33.15 -1.51
C PRO A 126 3.16 -32.38 -2.61
N LEU A 127 3.11 -31.01 -2.67
CA LEU A 127 3.84 -30.24 -3.70
C LEU A 127 5.38 -30.19 -3.47
N PHE A 128 5.90 -30.94 -2.46
CA PHE A 128 7.35 -31.07 -2.21
C PHE A 128 7.98 -31.81 -3.40
N GLN A 129 7.16 -32.56 -4.15
CA GLN A 129 7.64 -33.32 -5.28
C GLN A 129 7.49 -32.61 -6.64
N VAL A 130 6.90 -31.41 -6.69
CA VAL A 130 6.83 -30.67 -7.94
C VAL A 130 7.98 -29.67 -7.97
N ASP A 131 8.72 -29.72 -9.10
CA ASP A 131 9.93 -28.96 -9.47
C ASP A 131 10.07 -27.59 -8.79
N ALA A 132 9.60 -26.52 -9.45
CA ALA A 132 9.68 -25.13 -9.00
C ALA A 132 8.75 -24.73 -7.81
N LYS A 133 8.64 -23.38 -7.54
CA LYS A 133 7.84 -22.74 -6.49
C LYS A 133 6.75 -21.78 -7.06
N ASP A 134 6.23 -22.06 -8.28
CA ASP A 134 5.17 -21.29 -8.94
C ASP A 134 4.04 -22.24 -9.30
N THR A 135 4.05 -23.36 -8.60
CA THR A 135 3.12 -24.47 -8.72
C THR A 135 1.71 -24.09 -8.24
N GLU A 136 0.69 -24.59 -8.94
CA GLU A 136 -0.67 -24.36 -8.53
C GLU A 136 -1.02 -25.42 -7.44
N PRO A 137 -1.67 -25.03 -6.30
CA PRO A 137 -2.06 -26.06 -5.30
C PRO A 137 -3.04 -27.07 -5.91
N LEU A 138 -3.01 -28.31 -5.41
CA LEU A 138 -3.85 -29.38 -5.95
C LEU A 138 -5.33 -29.15 -5.61
N PRO A 139 -6.26 -29.39 -6.56
CA PRO A 139 -7.69 -29.28 -6.24
C PRO A 139 -8.17 -30.31 -5.20
N ASN A 140 -8.53 -29.88 -3.97
CA ASN A 140 -9.05 -30.78 -2.94
C ASN A 140 -10.60 -30.72 -2.98
N LEU A 141 -11.26 -30.00 -2.04
CA LEU A 141 -12.73 -29.88 -2.02
C LEU A 141 -13.28 -29.01 -3.15
N ALA A 142 -12.43 -28.12 -3.69
CA ALA A 142 -12.71 -27.29 -4.86
C ALA A 142 -12.01 -28.04 -5.99
N LYS A 143 -12.77 -28.63 -6.91
CA LYS A 143 -12.21 -29.44 -8.00
C LYS A 143 -11.50 -28.60 -9.10
N SER A 144 -11.98 -27.37 -9.38
CA SER A 144 -11.42 -26.49 -10.41
C SER A 144 -11.68 -24.99 -10.13
N TRP A 145 -11.01 -24.10 -10.88
CA TRP A 145 -11.13 -22.65 -10.80
C TRP A 145 -10.63 -21.91 -12.06
N GLU A 146 -11.25 -20.77 -12.37
CA GLU A 146 -10.88 -19.94 -13.52
C GLU A 146 -10.69 -18.50 -13.07
N TRP A 147 -9.73 -17.78 -13.69
CA TRP A 147 -9.46 -16.37 -13.43
C TRP A 147 -10.04 -15.57 -14.58
N SER A 148 -10.59 -14.37 -14.26
CA SER A 148 -11.15 -13.43 -15.22
C SER A 148 -9.99 -12.77 -15.99
N GLU A 149 -10.28 -12.20 -17.19
CA GLU A 149 -9.31 -11.52 -18.05
C GLU A 149 -8.50 -10.40 -17.35
N ASP A 150 -9.05 -9.82 -16.24
CA ASP A 150 -8.43 -8.76 -15.43
C ASP A 150 -7.59 -9.29 -14.26
N GLY A 151 -8.07 -10.36 -13.61
CA GLY A 151 -7.39 -11.01 -12.48
C GLY A 151 -8.00 -10.73 -11.13
N HIS A 152 -9.18 -10.11 -11.11
CA HIS A 152 -9.83 -9.80 -9.85
C HIS A 152 -10.80 -10.88 -9.38
N THR A 153 -11.31 -11.71 -10.30
CA THR A 153 -12.32 -12.72 -9.94
C THR A 153 -11.89 -14.20 -10.14
N LEU A 154 -12.03 -15.01 -9.06
CA LEU A 154 -11.81 -16.45 -9.10
C LEU A 154 -13.13 -17.22 -8.91
N THR A 155 -13.60 -17.85 -9.99
CA THR A 155 -14.78 -18.69 -10.05
C THR A 155 -14.29 -20.09 -9.60
N MET A 156 -14.78 -20.57 -8.47
CA MET A 156 -14.37 -21.85 -7.92
C MET A 156 -15.48 -22.90 -8.02
N HIS A 157 -15.15 -24.04 -8.64
CA HIS A 157 -16.07 -25.15 -8.82
C HIS A 157 -15.76 -26.24 -7.80
N LEU A 158 -16.71 -26.50 -6.88
CA LEU A 158 -16.58 -27.49 -5.81
C LEU A 158 -16.85 -28.89 -6.33
N VAL A 159 -16.50 -29.93 -5.53
CA VAL A 159 -16.78 -31.32 -5.88
C VAL A 159 -18.32 -31.56 -5.78
N LYS A 160 -18.92 -31.98 -6.91
CA LYS A 160 -20.35 -32.20 -7.02
C LYS A 160 -20.77 -33.62 -6.66
N GLY A 161 -21.40 -33.76 -5.50
CA GLY A 161 -21.94 -35.03 -5.04
C GLY A 161 -21.35 -35.63 -3.78
N ALA A 162 -20.29 -35.02 -3.22
CA ALA A 162 -19.66 -35.53 -1.99
C ALA A 162 -20.61 -35.32 -0.80
N LYS A 163 -20.52 -36.22 0.17
CA LYS A 163 -21.32 -36.23 1.39
C LYS A 163 -20.39 -36.18 2.62
N TRP A 164 -20.91 -35.69 3.77
CA TRP A 164 -20.18 -35.71 5.05
C TRP A 164 -20.18 -37.15 5.53
N SER A 165 -19.32 -37.49 6.46
CA SER A 165 -19.18 -38.83 7.04
C SER A 165 -20.45 -39.37 7.69
N ASP A 166 -21.48 -38.50 7.83
CA ASP A 166 -22.79 -38.85 8.37
C ASP A 166 -23.85 -39.03 7.29
N GLY A 167 -23.55 -38.61 6.06
CA GLY A 167 -24.48 -38.73 4.93
C GLY A 167 -25.02 -37.45 4.31
N GLU A 168 -25.02 -36.32 5.07
CA GLU A 168 -25.50 -35.00 4.60
C GLU A 168 -24.57 -34.45 3.54
N ALA A 169 -25.13 -33.89 2.46
CA ALA A 169 -24.39 -33.38 1.31
C ALA A 169 -23.34 -32.32 1.63
N PHE A 170 -22.23 -32.34 0.87
CA PHE A 170 -21.21 -31.32 0.97
C PHE A 170 -21.46 -30.34 -0.16
N ASN A 171 -21.65 -29.06 0.18
CA ASN A 171 -21.90 -28.00 -0.81
C ASN A 171 -21.40 -26.63 -0.34
N ALA A 172 -21.72 -25.56 -1.11
CA ALA A 172 -21.35 -24.17 -0.89
C ALA A 172 -21.78 -23.62 0.47
N ASP A 173 -22.88 -24.13 1.05
CA ASP A 173 -23.39 -23.73 2.37
C ASP A 173 -22.34 -23.95 3.47
N ASP A 174 -21.43 -24.92 3.26
CA ASP A 174 -20.35 -25.24 4.19
C ASP A 174 -19.16 -24.30 3.99
N VAL A 175 -18.86 -23.98 2.73
CA VAL A 175 -17.79 -23.06 2.32
C VAL A 175 -18.18 -21.63 2.71
N MET A 176 -19.47 -21.26 2.54
CA MET A 176 -20.03 -19.95 2.89
C MET A 176 -20.10 -19.78 4.38
N PHE A 177 -20.50 -20.84 5.10
CA PHE A 177 -20.61 -20.82 6.55
C PHE A 177 -19.27 -20.53 7.20
N TYR A 178 -18.20 -21.12 6.67
CA TYR A 178 -16.84 -20.91 7.16
C TYR A 178 -16.37 -19.48 6.88
N TRP A 179 -16.55 -19.00 5.62
CA TRP A 179 -16.11 -17.66 5.20
C TRP A 179 -16.83 -16.53 5.94
N GLU A 180 -18.14 -16.65 6.12
CA GLU A 180 -18.92 -15.60 6.78
C GLU A 180 -18.95 -15.70 8.30
N ASP A 181 -19.27 -16.90 8.80
CA ASP A 181 -19.51 -17.16 10.21
C ASP A 181 -18.27 -17.58 11.02
N ALA A 182 -17.07 -17.63 10.41
CA ALA A 182 -15.83 -17.95 11.12
C ALA A 182 -14.71 -16.95 10.80
N VAL A 183 -14.31 -16.90 9.52
CA VAL A 183 -13.25 -16.01 9.01
C VAL A 183 -13.57 -14.53 9.19
N VAL A 184 -14.66 -14.05 8.55
CA VAL A 184 -15.08 -12.64 8.59
C VAL A 184 -15.52 -12.26 10.00
N ASP A 185 -16.40 -13.10 10.63
CA ASP A 185 -16.92 -12.94 12.00
C ASP A 185 -15.76 -12.70 12.98
N PRO A 186 -15.65 -11.50 13.58
CA PRO A 186 -14.49 -11.19 14.43
C PRO A 186 -14.38 -11.99 15.72
N ASN A 187 -15.48 -12.60 16.15
CA ASN A 187 -15.56 -13.34 17.41
C ASN A 187 -15.10 -14.80 17.27
N VAL A 188 -15.26 -15.38 16.08
CA VAL A 188 -14.82 -16.75 15.80
C VAL A 188 -13.37 -16.68 15.36
N SER A 189 -12.55 -17.61 15.87
CA SER A 189 -11.13 -17.67 15.55
C SER A 189 -10.70 -19.12 15.11
N PRO A 190 -10.61 -19.41 13.78
CA PRO A 190 -10.16 -20.75 13.36
C PRO A 190 -8.81 -21.18 13.94
N LEU A 191 -8.64 -22.50 14.18
CA LEU A 191 -7.43 -23.12 14.75
C LEU A 191 -6.19 -22.89 13.89
N GLY A 192 -5.16 -22.28 14.48
CA GLY A 192 -3.89 -21.99 13.82
C GLY A 192 -3.39 -20.57 13.97
N GLY A 193 -4.31 -19.66 14.26
CA GLY A 193 -4.08 -18.23 14.43
C GLY A 193 -3.70 -17.41 13.20
N GLY A 194 -4.23 -17.78 12.03
CA GLY A 194 -3.94 -17.07 10.78
C GLY A 194 -5.01 -17.05 9.70
N ALA A 195 -6.28 -17.33 10.05
CA ALA A 195 -7.36 -17.33 9.07
C ALA A 195 -8.26 -16.08 9.25
N SER A 196 -7.59 -14.90 9.35
CA SER A 196 -8.20 -13.58 9.46
C SER A 196 -8.66 -13.14 8.07
N PRO A 197 -9.63 -12.21 7.92
CA PRO A 197 -10.08 -11.83 6.56
C PRO A 197 -8.98 -11.38 5.56
N GLU A 198 -7.97 -10.63 6.05
CA GLU A 198 -6.89 -10.08 5.23
C GLU A 198 -5.88 -11.13 4.77
N ALA A 199 -5.88 -12.34 5.40
CA ALA A 199 -5.01 -13.47 5.01
C ALA A 199 -5.23 -13.80 3.52
N PHE A 200 -6.45 -13.49 3.02
CA PHE A 200 -6.95 -13.71 1.68
C PHE A 200 -6.93 -12.41 0.84
N GLY A 201 -6.31 -11.37 1.38
CA GLY A 201 -6.22 -10.04 0.76
C GLY A 201 -7.13 -9.04 1.42
N GLU A 202 -6.68 -7.78 1.54
CA GLU A 202 -7.49 -6.71 2.14
C GLU A 202 -8.64 -6.34 1.19
N GLY A 203 -9.87 -6.41 1.73
CA GLY A 203 -11.09 -6.11 0.98
C GLY A 203 -11.52 -7.20 0.04
N THR A 204 -11.09 -8.45 0.31
CA THR A 204 -11.43 -9.65 -0.47
C THR A 204 -12.74 -10.23 0.03
N THR A 205 -13.66 -10.46 -0.91
CA THR A 205 -14.99 -11.00 -0.66
C THR A 205 -15.16 -12.37 -1.35
N LEU A 206 -16.16 -13.14 -0.89
CA LEU A 206 -16.55 -14.46 -1.41
C LEU A 206 -18.10 -14.52 -1.40
N LYS A 207 -18.69 -15.12 -2.45
CA LYS A 207 -20.15 -15.20 -2.60
C LYS A 207 -20.58 -16.45 -3.39
N LYS A 208 -21.66 -17.09 -2.92
CA LYS A 208 -22.23 -18.29 -3.54
C LYS A 208 -22.85 -17.94 -4.89
N ILE A 209 -22.64 -18.80 -5.89
CA ILE A 209 -23.25 -18.65 -7.21
C ILE A 209 -24.41 -19.64 -7.21
N ASP A 210 -24.09 -20.93 -7.26
CA ASP A 210 -25.01 -22.06 -7.11
C ASP A 210 -24.41 -22.96 -6.01
N ASP A 211 -25.06 -24.09 -5.68
CA ASP A 211 -24.58 -24.99 -4.62
C ASP A 211 -23.18 -25.60 -4.86
N TYR A 212 -22.71 -25.65 -6.12
CA TYR A 212 -21.41 -26.22 -6.41
C TYR A 212 -20.45 -25.21 -7.07
N THR A 213 -20.79 -23.89 -6.98
CA THR A 213 -19.96 -22.78 -7.49
C THR A 213 -19.94 -21.60 -6.52
N VAL A 214 -18.72 -21.15 -6.16
CA VAL A 214 -18.47 -19.99 -5.28
C VAL A 214 -17.56 -19.00 -6.03
N GLU A 215 -17.67 -17.70 -5.74
CA GLU A 215 -16.90 -16.66 -6.44
C GLU A 215 -16.12 -15.72 -5.52
N TRP A 216 -14.79 -15.65 -5.73
CA TRP A 216 -13.89 -14.77 -5.00
C TRP A 216 -13.71 -13.46 -5.74
N THR A 217 -13.55 -12.37 -4.98
CA THR A 217 -13.31 -11.05 -5.57
C THR A 217 -12.12 -10.44 -4.84
N PHE A 218 -11.01 -10.27 -5.56
CA PHE A 218 -9.75 -9.74 -5.03
C PHE A 218 -9.47 -8.31 -5.49
N LYS A 219 -8.84 -7.51 -4.61
CA LYS A 219 -8.48 -6.11 -4.89
C LYS A 219 -7.26 -6.05 -5.83
N ALA A 220 -6.41 -7.11 -5.81
CA ALA A 220 -5.23 -7.23 -6.65
C ALA A 220 -5.47 -8.09 -7.88
N ALA A 221 -4.66 -7.87 -8.93
CA ALA A 221 -4.76 -8.61 -10.20
C ALA A 221 -3.94 -9.90 -10.10
N PHE A 222 -4.63 -11.04 -10.33
CA PHE A 222 -4.13 -12.43 -10.23
C PHE A 222 -3.29 -12.68 -8.97
N PRO A 223 -3.83 -12.46 -7.73
CA PRO A 223 -3.02 -12.74 -6.53
C PRO A 223 -3.05 -14.21 -6.17
N LYS A 224 -2.67 -15.06 -7.17
CA LYS A 224 -2.61 -16.53 -7.19
C LYS A 224 -2.03 -17.18 -5.94
N GLN A 225 -1.22 -16.44 -5.15
CA GLN A 225 -0.59 -16.93 -3.91
C GLN A 225 -1.60 -17.29 -2.81
N TYR A 226 -2.85 -16.75 -2.93
CA TYR A 226 -3.93 -16.99 -1.99
C TYR A 226 -4.55 -18.37 -2.12
N LEU A 227 -4.33 -19.07 -3.25
CA LEU A 227 -4.80 -20.46 -3.42
C LEU A 227 -4.14 -21.43 -2.44
N TYR A 228 -2.97 -21.06 -1.93
CA TYR A 228 -2.22 -21.79 -0.91
C TYR A 228 -2.87 -21.52 0.49
N THR A 229 -3.37 -20.30 0.73
CA THR A 229 -4.07 -19.91 1.96
C THR A 229 -5.44 -20.64 2.02
N MET A 230 -5.96 -21.05 0.84
CA MET A 230 -7.17 -21.86 0.71
C MET A 230 -6.91 -23.37 1.08
N ALA A 231 -5.62 -23.74 1.34
CA ALA A 231 -5.20 -25.05 1.84
C ALA A 231 -5.10 -24.97 3.38
N TYR A 232 -4.66 -26.05 4.05
CA TYR A 232 -4.52 -26.17 5.51
C TYR A 232 -3.42 -25.22 6.00
N PRO A 233 -3.61 -24.51 7.15
CA PRO A 233 -4.75 -24.59 8.09
C PRO A 233 -5.94 -23.66 7.88
N SER A 234 -5.76 -22.63 7.05
CA SER A 234 -6.65 -21.50 6.90
C SER A 234 -8.00 -21.72 6.19
N PHE A 235 -8.18 -22.70 5.29
CA PHE A 235 -9.54 -22.83 4.72
C PHE A 235 -10.09 -24.25 4.86
N CYS A 236 -10.50 -24.61 6.09
CA CYS A 236 -11.04 -25.91 6.42
C CYS A 236 -12.54 -25.86 6.79
N PRO A 237 -13.46 -26.07 5.81
CA PRO A 237 -14.91 -26.06 6.13
C PRO A 237 -15.31 -27.19 7.10
N GLY A 238 -16.24 -26.89 8.00
CA GLY A 238 -16.74 -27.82 9.01
C GLY A 238 -18.18 -28.26 8.74
N PRO A 239 -18.75 -29.22 9.54
CA PRO A 239 -20.12 -29.65 9.26
C PRO A 239 -21.17 -28.57 9.59
N SER A 240 -21.46 -27.68 8.60
CA SER A 240 -22.40 -26.58 8.76
C SER A 240 -23.79 -27.01 9.25
N HIS A 241 -24.28 -28.22 8.87
CA HIS A 241 -25.60 -28.72 9.33
C HIS A 241 -25.63 -29.07 10.83
N ILE A 242 -24.44 -29.20 11.44
CA ILE A 242 -24.23 -29.49 12.86
C ILE A 242 -23.82 -28.19 13.59
N LEU A 243 -22.89 -27.42 12.98
CA LEU A 243 -22.31 -26.18 13.51
C LEU A 243 -23.22 -24.95 13.47
N LYS A 244 -24.00 -24.77 12.36
CA LYS A 244 -24.92 -23.65 12.16
C LYS A 244 -25.98 -23.55 13.27
N PRO A 245 -26.70 -24.64 13.68
CA PRO A 245 -27.69 -24.49 14.78
C PRO A 245 -27.09 -24.12 16.15
N GLN A 246 -25.75 -24.22 16.28
CA GLN A 246 -25.00 -23.91 17.50
C GLN A 246 -24.39 -22.50 17.44
N HIS A 247 -24.29 -21.93 16.21
CA HIS A 247 -23.71 -20.61 15.92
C HIS A 247 -24.55 -19.45 16.48
N PRO A 248 -23.88 -18.47 17.17
CA PRO A 248 -24.61 -17.34 17.79
C PRO A 248 -25.44 -16.45 16.87
N LYS A 249 -25.11 -16.36 15.57
CA LYS A 249 -25.92 -15.55 14.65
C LYS A 249 -27.24 -16.28 14.35
N TYR A 250 -27.20 -17.64 14.44
CA TYR A 250 -28.30 -18.56 14.18
C TYR A 250 -28.98 -19.14 15.45
N SER A 251 -28.52 -18.76 16.68
CA SER A 251 -29.08 -19.30 17.94
C SER A 251 -28.93 -18.39 19.18
N LYS A 252 -29.24 -18.95 20.38
CA LYS A 252 -29.16 -18.25 21.66
C LYS A 252 -27.88 -18.62 22.45
N ASN A 253 -26.84 -19.08 21.71
CA ASN A 253 -25.53 -19.49 22.22
C ASN A 253 -24.55 -18.33 22.25
N THR A 254 -23.62 -18.32 23.22
CA THR A 254 -22.55 -17.32 23.28
C THR A 254 -21.45 -17.83 22.34
N TYR A 255 -20.36 -17.08 22.15
CA TYR A 255 -19.28 -17.54 21.28
C TYR A 255 -18.40 -18.58 21.95
N ASN A 256 -18.46 -18.65 23.30
CA ASN A 256 -17.73 -19.65 24.10
C ASN A 256 -18.55 -20.94 24.14
N GLN A 257 -19.90 -20.81 24.15
CA GLN A 257 -20.83 -21.95 24.14
C GLN A 257 -20.73 -22.68 22.81
N PHE A 258 -20.66 -21.91 21.69
CA PHE A 258 -20.48 -22.40 20.32
C PHE A 258 -19.13 -23.10 20.18
N LYS A 259 -18.06 -22.48 20.75
CA LYS A 259 -16.68 -22.98 20.72
C LYS A 259 -16.56 -24.34 21.38
N ASN A 260 -17.18 -24.48 22.56
CA ASN A 260 -17.16 -25.70 23.36
C ASN A 260 -18.45 -26.53 23.21
N ALA A 261 -19.17 -26.37 22.07
CA ALA A 261 -20.42 -27.09 21.80
C ALA A 261 -20.23 -28.60 21.58
N PHE A 262 -19.04 -28.99 21.12
CA PHE A 262 -18.75 -30.39 20.87
C PHE A 262 -17.52 -30.84 21.65
N PRO A 263 -17.74 -31.32 22.90
CA PRO A 263 -16.60 -31.79 23.73
C PRO A 263 -15.92 -33.04 23.16
N PRO A 264 -14.65 -33.37 23.55
CA PRO A 264 -14.00 -34.58 23.01
C PRO A 264 -14.76 -35.89 23.13
N GLU A 265 -15.67 -35.99 24.12
CA GLU A 265 -16.51 -37.16 24.42
C GLU A 265 -17.61 -37.31 23.36
N TYR A 266 -18.06 -36.18 22.74
CA TYR A 266 -19.06 -36.13 21.67
C TYR A 266 -18.44 -36.93 20.51
N MET A 267 -19.12 -38.01 20.07
CA MET A 267 -18.54 -38.88 19.03
C MET A 267 -19.17 -38.77 17.64
N ASN A 268 -18.49 -39.36 16.67
CA ASN A 268 -18.85 -39.49 15.25
C ASN A 268 -19.15 -38.14 14.56
N MET A 269 -18.31 -37.11 14.83
CA MET A 269 -18.41 -35.76 14.26
C MET A 269 -18.28 -35.77 12.71
N PRO A 270 -19.23 -35.17 11.94
CA PRO A 270 -19.12 -35.19 10.46
C PRO A 270 -17.87 -34.52 9.90
N VAL A 271 -17.16 -35.27 9.08
CA VAL A 271 -15.92 -34.88 8.45
C VAL A 271 -15.91 -35.14 6.93
N MET A 272 -14.99 -34.45 6.25
CA MET A 272 -14.71 -34.62 4.83
C MET A 272 -13.46 -35.47 4.67
N GLY A 273 -12.83 -35.79 5.82
CA GLY A 273 -11.63 -36.63 5.94
C GLY A 273 -11.88 -38.12 5.80
N ALA A 274 -10.80 -38.89 5.67
CA ALA A 274 -10.81 -40.35 5.43
C ALA A 274 -11.27 -41.20 6.65
N TRP A 275 -11.02 -40.73 7.90
CA TRP A 275 -11.41 -41.40 9.14
C TRP A 275 -12.24 -40.48 10.02
N VAL A 276 -13.02 -41.08 10.92
CA VAL A 276 -13.95 -40.36 11.80
C VAL A 276 -13.68 -40.83 13.24
N PRO A 277 -13.73 -39.92 14.27
CA PRO A 277 -13.53 -40.39 15.67
C PRO A 277 -14.72 -41.20 16.16
N VAL A 278 -14.46 -42.42 16.63
CA VAL A 278 -15.48 -43.39 17.11
C VAL A 278 -15.29 -43.71 18.62
N SER A 279 -14.08 -43.45 19.14
CA SER A 279 -13.73 -43.73 20.52
C SER A 279 -12.75 -42.67 21.06
N TYR A 280 -12.88 -42.37 22.35
CA TYR A 280 -11.99 -41.44 23.03
C TYR A 280 -11.86 -41.84 24.49
N ARG A 281 -10.64 -41.85 25.00
CA ARG A 281 -10.36 -42.15 26.40
C ARG A 281 -9.36 -41.07 26.88
N PRO A 282 -9.78 -40.16 27.78
CA PRO A 282 -8.85 -39.08 28.21
C PRO A 282 -7.47 -39.56 28.62
N ASP A 283 -6.43 -38.83 28.20
CA ASP A 283 -5.00 -39.07 28.44
C ASP A 283 -4.51 -40.48 27.98
N ASP A 284 -5.32 -41.17 27.16
CA ASP A 284 -5.02 -42.51 26.68
C ASP A 284 -5.03 -42.65 25.16
N LEU A 285 -6.22 -42.56 24.51
CA LEU A 285 -6.32 -42.85 23.08
C LEU A 285 -7.61 -42.33 22.46
N ILE A 286 -7.54 -41.99 21.17
CA ILE A 286 -8.62 -41.56 20.28
C ILE A 286 -8.50 -42.55 19.10
N VAL A 287 -9.59 -43.25 18.78
CA VAL A 287 -9.65 -44.19 17.66
C VAL A 287 -10.55 -43.65 16.56
N LEU A 288 -10.04 -43.69 15.31
CA LEU A 288 -10.80 -43.26 14.15
C LEU A 288 -11.01 -44.47 13.22
N ARG A 289 -12.18 -44.54 12.58
CA ARG A 289 -12.51 -45.59 11.63
C ARG A 289 -12.75 -45.00 10.27
N ARG A 290 -12.39 -45.75 9.19
CA ARG A 290 -12.62 -45.34 7.79
C ARG A 290 -14.05 -44.73 7.59
N ASN A 291 -14.12 -43.59 6.86
CA ASN A 291 -15.34 -42.83 6.51
C ASN A 291 -16.01 -43.47 5.28
N PRO A 292 -17.25 -44.00 5.41
CA PRO A 292 -17.90 -44.63 4.25
C PRO A 292 -18.28 -43.66 3.13
N TYR A 293 -18.40 -42.38 3.47
CA TYR A 293 -18.73 -41.30 2.53
C TYR A 293 -17.50 -40.52 1.97
N TYR A 294 -16.27 -41.11 2.03
CA TYR A 294 -15.06 -40.51 1.49
C TYR A 294 -15.17 -40.43 -0.04
N TRP A 295 -14.91 -39.24 -0.58
CA TRP A 295 -15.04 -38.78 -1.97
C TRP A 295 -13.82 -39.05 -2.84
N LYS A 296 -12.81 -39.70 -2.28
CA LYS A 296 -11.53 -40.04 -2.91
C LYS A 296 -11.39 -41.55 -3.18
N VAL A 297 -10.99 -41.91 -4.43
CA VAL A 297 -10.81 -43.27 -4.98
C VAL A 297 -9.50 -43.36 -5.76
N ASP A 298 -9.09 -44.58 -6.13
CA ASP A 298 -7.90 -44.80 -6.96
C ASP A 298 -8.34 -45.15 -8.41
N GLU A 299 -7.41 -45.16 -9.38
CA GLU A 299 -7.65 -45.46 -10.80
C GLU A 299 -8.41 -46.75 -11.05
N LYS A 300 -8.28 -47.71 -10.13
CA LYS A 300 -8.93 -49.04 -10.16
C LYS A 300 -10.39 -49.01 -9.64
N GLY A 301 -10.83 -47.86 -9.15
CA GLY A 301 -12.17 -47.67 -8.62
C GLY A 301 -12.32 -48.02 -7.15
N GLN A 302 -11.21 -48.40 -6.48
CA GLN A 302 -11.21 -48.76 -5.05
C GLN A 302 -11.40 -47.49 -4.20
N GLN A 303 -12.42 -47.49 -3.34
CA GLN A 303 -12.78 -46.37 -2.48
C GLN A 303 -11.81 -46.33 -1.36
N LEU A 304 -11.06 -45.22 -1.28
CA LEU A 304 -10.04 -44.97 -0.27
C LEU A 304 -10.67 -44.51 1.04
N PRO A 305 -9.96 -44.65 2.20
CA PRO A 305 -8.57 -45.15 2.38
C PRO A 305 -8.35 -46.65 2.28
N TYR A 306 -7.07 -47.05 2.27
CA TYR A 306 -6.69 -48.46 2.32
C TYR A 306 -6.78 -48.98 3.76
N LEU A 307 -6.17 -48.24 4.69
CA LEU A 307 -6.15 -48.52 6.13
C LEU A 307 -7.55 -48.20 6.67
N ASN A 308 -8.12 -49.12 7.47
CA ASN A 308 -9.44 -49.01 8.07
C ASN A 308 -9.50 -48.26 9.40
N GLU A 309 -8.37 -48.12 10.08
CA GLU A 309 -8.32 -47.58 11.41
C GLU A 309 -7.08 -46.70 11.68
N VAL A 310 -7.28 -45.58 12.45
CA VAL A 310 -6.21 -44.71 12.89
C VAL A 310 -6.25 -44.58 14.41
N HIS A 311 -5.08 -44.67 15.04
CA HIS A 311 -4.94 -44.52 16.47
C HIS A 311 -4.14 -43.28 16.70
N TYR A 312 -4.47 -42.52 17.75
CA TYR A 312 -3.70 -41.38 18.22
C TYR A 312 -3.58 -41.61 19.72
N LYS A 313 -2.41 -42.10 20.14
CA LYS A 313 -2.11 -42.33 21.54
C LYS A 313 -1.86 -40.97 22.20
N LEU A 314 -2.52 -40.74 23.33
CA LEU A 314 -2.36 -39.50 24.07
C LEU A 314 -1.22 -39.75 25.02
N SER A 315 -0.03 -39.27 24.65
CA SER A 315 1.23 -39.42 25.39
C SER A 315 2.08 -38.08 25.31
N THR A 316 3.39 -38.15 25.00
CA THR A 316 4.26 -36.98 24.85
C THR A 316 4.83 -36.90 23.41
N TRP A 317 5.47 -35.74 23.05
CA TRP A 317 6.09 -35.57 21.75
C TRP A 317 7.37 -36.40 21.55
N ALA A 318 8.11 -36.59 22.65
CA ALA A 318 9.35 -37.36 22.71
C ALA A 318 9.01 -38.87 22.62
N ASP A 319 7.92 -39.29 23.28
CA ASP A 319 7.46 -40.67 23.25
C ASP A 319 7.02 -41.10 21.86
N ARG A 320 6.56 -40.16 21.02
CA ARG A 320 6.23 -40.44 19.62
C ARG A 320 7.45 -41.05 18.88
N ASP A 321 8.63 -40.49 19.11
CA ASP A 321 9.92 -40.93 18.55
C ASP A 321 10.32 -42.28 19.12
N VAL A 322 10.32 -42.40 20.47
CA VAL A 322 10.61 -43.62 21.21
C VAL A 322 9.74 -44.77 20.68
N GLN A 323 8.42 -44.57 20.63
CA GLN A 323 7.46 -45.57 20.16
C GLN A 323 7.54 -45.94 18.70
N ALA A 324 8.04 -45.05 17.84
CA ALA A 324 8.18 -45.35 16.40
C ALA A 324 9.39 -46.25 16.12
N VAL A 325 10.53 -45.97 16.74
CA VAL A 325 11.74 -46.77 16.54
C VAL A 325 11.64 -48.14 17.21
N ALA A 326 10.84 -48.24 18.28
CA ALA A 326 10.55 -49.48 19.02
C ALA A 326 9.57 -50.35 18.23
N GLY A 327 8.64 -49.70 17.53
CA GLY A 327 7.68 -50.40 16.69
C GLY A 327 6.24 -50.42 17.16
N SER A 328 5.94 -49.70 18.26
CA SER A 328 4.59 -49.64 18.82
C SER A 328 3.78 -48.51 18.18
N GLY A 329 4.49 -47.48 17.74
CA GLY A 329 3.97 -46.36 16.96
C GLY A 329 4.52 -46.54 15.57
N ASP A 330 3.75 -46.13 14.57
CA ASP A 330 4.11 -46.35 13.16
C ASP A 330 4.73 -45.15 12.48
N PHE A 331 4.53 -43.99 13.05
CA PHE A 331 4.97 -42.76 12.40
C PHE A 331 5.53 -41.76 13.40
N SER A 332 6.57 -41.02 12.97
CA SER A 332 7.18 -39.92 13.73
C SER A 332 7.86 -38.88 12.83
N ASN A 333 7.81 -37.64 13.27
CA ASN A 333 8.56 -36.52 12.71
C ASN A 333 9.56 -36.31 13.81
N LEU A 334 10.81 -36.77 13.62
CA LEU A 334 11.88 -36.63 14.61
C LEU A 334 12.45 -35.23 14.46
N GLU A 335 11.98 -34.31 15.32
CA GLU A 335 12.22 -32.87 15.28
C GLU A 335 12.92 -32.30 16.52
N GLN A 336 13.17 -33.15 17.54
CA GLN A 336 13.85 -32.69 18.75
C GLN A 336 15.26 -33.24 18.74
N PRO A 337 16.30 -32.39 18.46
CA PRO A 337 17.70 -32.88 18.38
C PRO A 337 18.19 -33.69 19.57
N GLU A 338 17.50 -33.58 20.72
CA GLU A 338 17.77 -34.33 21.95
C GLU A 338 17.39 -35.79 21.81
N ASN A 339 16.71 -36.17 20.73
CA ASN A 339 16.25 -37.53 20.48
C ASN A 339 16.97 -38.19 19.32
N PHE A 340 17.68 -37.40 18.50
CA PHE A 340 18.39 -37.83 17.28
C PHE A 340 19.34 -38.99 17.49
N VAL A 341 20.25 -38.91 18.49
CA VAL A 341 21.28 -39.91 18.74
C VAL A 341 20.64 -41.24 19.13
N ALA A 342 19.67 -41.22 20.06
CA ALA A 342 18.94 -42.43 20.50
C ALA A 342 18.20 -43.09 19.35
N SER A 343 17.55 -42.28 18.53
CA SER A 343 16.80 -42.68 17.36
C SER A 343 17.66 -43.26 16.23
N LEU A 344 18.82 -42.66 15.96
CA LEU A 344 19.78 -43.10 14.94
C LEU A 344 20.46 -44.42 15.37
N LYS A 345 20.71 -44.60 16.69
CA LYS A 345 21.26 -45.81 17.32
C LYS A 345 20.31 -46.99 17.09
N ARG A 346 19.00 -46.81 17.37
CA ARG A 346 17.98 -47.81 17.14
C ARG A 346 17.78 -48.07 15.63
N ALA A 347 17.94 -47.01 14.80
CA ALA A 347 17.83 -47.05 13.33
C ALA A 347 18.99 -47.81 12.72
N ALA A 348 20.17 -47.75 13.35
CA ALA A 348 21.37 -48.47 12.92
C ALA A 348 21.13 -49.99 12.85
N ASP A 349 20.23 -50.52 13.68
CA ASP A 349 19.92 -51.95 13.68
C ASP A 349 19.22 -52.31 12.35
N PRO A 350 19.74 -53.27 11.58
CA PRO A 350 19.09 -53.65 10.31
C PRO A 350 17.73 -54.34 10.48
N ASN A 351 17.42 -54.83 11.70
CA ASN A 351 16.17 -55.50 12.00
C ASN A 351 15.18 -54.57 12.70
N ALA A 352 15.44 -53.23 12.64
CA ALA A 352 14.58 -52.18 13.20
C ALA A 352 13.22 -52.10 12.47
N PRO A 353 12.10 -51.85 13.19
CA PRO A 353 10.79 -51.84 12.51
C PRO A 353 10.52 -50.63 11.63
N ALA A 354 11.27 -49.56 11.86
CA ALA A 354 11.11 -48.30 11.14
C ALA A 354 12.37 -47.84 10.41
N ARG A 355 12.18 -47.03 9.38
CA ARG A 355 13.21 -46.43 8.57
C ARG A 355 13.20 -44.96 8.91
N LEU A 356 14.40 -44.40 9.07
CA LEU A 356 14.62 -43.00 9.41
C LEU A 356 15.21 -42.31 8.17
N ALA A 357 14.74 -41.12 7.87
CA ALA A 357 15.26 -40.41 6.70
C ALA A 357 15.31 -38.91 6.98
N PHE A 358 16.53 -38.38 7.00
CA PHE A 358 16.76 -36.94 7.19
C PHE A 358 16.55 -36.18 5.87
N GLY A 359 16.20 -34.90 5.99
CA GLY A 359 15.99 -34.01 4.86
C GLY A 359 16.77 -32.72 5.04
N PRO A 360 16.34 -31.62 4.37
CA PRO A 360 17.10 -30.36 4.47
C PRO A 360 16.85 -29.64 5.80
N ARG A 361 17.62 -28.58 6.12
CA ARG A 361 17.46 -27.82 7.37
C ARG A 361 16.25 -26.89 7.32
N LEU A 362 15.03 -27.46 7.48
CA LEU A 362 13.78 -26.69 7.43
C LEU A 362 13.11 -26.47 8.81
N ILE A 363 13.76 -26.90 9.89
CA ILE A 363 13.23 -26.66 11.24
C ILE A 363 14.02 -25.52 11.85
N GLY A 364 13.32 -24.43 12.12
CA GLY A 364 13.89 -23.24 12.73
C GLY A 364 13.15 -22.82 13.98
N TYR A 365 13.87 -22.09 14.87
CA TYR A 365 13.38 -21.47 16.11
C TYR A 365 13.81 -20.01 16.17
N ASN A 366 12.82 -19.15 16.40
CA ASN A 366 13.04 -17.71 16.52
C ASN A 366 12.53 -17.18 17.81
N LEU A 367 13.19 -16.11 18.28
CA LEU A 367 12.81 -15.29 19.42
C LEU A 367 11.96 -14.19 18.78
N GLN A 368 10.69 -14.10 19.19
CA GLN A 368 9.76 -13.10 18.72
C GLN A 368 9.49 -12.17 19.87
N MET A 369 9.58 -10.87 19.57
CA MET A 369 9.39 -9.75 20.48
C MET A 369 8.08 -9.11 20.10
N ASN A 370 7.28 -8.70 21.09
CA ASN A 370 6.02 -8.01 20.84
C ASN A 370 6.28 -6.57 20.38
N PHE A 371 5.87 -6.26 19.14
CA PHE A 371 6.08 -4.95 18.49
C PHE A 371 4.88 -4.02 18.57
N SER A 372 3.81 -4.42 19.28
CA SER A 372 2.65 -3.57 19.49
C SER A 372 2.85 -2.67 20.69
N ALA A 373 2.81 -1.35 20.43
CA ALA A 373 2.95 -0.29 21.40
C ALA A 373 1.60 0.43 21.56
N ASN A 374 0.58 -0.04 20.82
CA ASN A 374 -0.77 0.52 20.87
C ASN A 374 -1.73 -0.40 21.65
N GLY A 375 -1.16 -1.23 22.53
CA GLY A 375 -1.92 -2.07 23.43
C GLY A 375 -2.50 -3.37 22.93
N TRP A 376 -1.72 -4.17 22.16
CA TRP A 376 -2.15 -5.51 21.76
C TRP A 376 -1.84 -6.39 22.97
N GLY A 377 -2.88 -7.04 23.52
CA GLY A 377 -2.77 -7.90 24.68
C GLY A 377 -2.92 -7.21 26.03
N ASN A 378 -3.35 -5.92 25.99
CA ASN A 378 -3.59 -5.02 27.12
C ASN A 378 -2.38 -4.94 28.12
N PRO A 379 -1.19 -4.45 27.70
CA PRO A 379 -0.06 -4.38 28.64
C PRO A 379 -0.13 -3.28 29.69
N ASP A 380 0.50 -3.55 30.85
CA ASP A 380 0.62 -2.63 31.98
C ASP A 380 1.85 -1.73 31.74
N GLU A 381 2.27 -0.92 32.73
CA GLU A 381 3.43 -0.02 32.63
C GLU A 381 4.75 -0.75 32.34
N ARG A 382 4.99 -1.91 33.01
CA ARG A 382 6.19 -2.72 32.79
C ARG A 382 6.18 -3.41 31.44
N GLY A 383 5.00 -3.92 31.04
CA GLY A 383 4.78 -4.53 29.74
C GLY A 383 5.06 -3.54 28.63
N GLN A 384 4.38 -2.37 28.67
CA GLN A 384 4.52 -1.25 27.73
C GLN A 384 5.97 -0.78 27.57
N ALA A 385 6.75 -0.75 28.67
CA ALA A 385 8.16 -0.34 28.67
C ALA A 385 9.02 -1.27 27.80
N ILE A 386 8.73 -2.58 27.79
CA ILE A 386 9.43 -3.61 27.02
C ILE A 386 9.11 -3.50 25.50
N ARG A 387 7.84 -3.25 25.14
CA ARG A 387 7.36 -3.04 23.78
C ARG A 387 8.13 -1.89 23.16
N GLU A 388 8.47 -0.87 23.99
CA GLU A 388 9.25 0.31 23.61
C GLU A 388 10.73 -0.04 23.38
N LEU A 389 11.25 -1.04 24.13
CA LEU A 389 12.64 -1.51 24.01
C LEU A 389 12.76 -2.35 22.74
N ASN A 390 11.79 -3.26 22.54
CA ASN A 390 11.66 -4.21 21.45
C ASN A 390 11.63 -3.52 20.12
N ARG A 391 10.96 -2.36 20.04
CA ARG A 391 10.83 -1.55 18.83
C ARG A 391 12.09 -0.71 18.54
N ASN A 392 12.99 -0.61 19.53
CA ASN A 392 14.27 0.09 19.40
C ASN A 392 15.26 -0.86 18.70
N GLU A 393 15.79 -0.44 17.51
CA GLU A 393 16.72 -1.24 16.69
C GLU A 393 18.05 -1.56 17.39
N VAL A 394 18.55 -0.65 18.26
CA VAL A 394 19.81 -0.83 18.99
C VAL A 394 19.64 -1.89 20.12
N PHE A 395 18.42 -2.01 20.67
CA PHE A 395 18.12 -3.06 21.64
C PHE A 395 18.11 -4.43 20.96
N ARG A 396 17.49 -4.54 19.75
CA ARG A 396 17.43 -5.82 19.04
C ARG A 396 18.81 -6.26 18.56
N GLN A 397 19.61 -5.33 18.04
CA GLN A 397 20.99 -5.60 17.59
C GLN A 397 21.85 -6.15 18.74
N ALA A 398 21.74 -5.55 19.95
CA ALA A 398 22.45 -6.02 21.14
C ALA A 398 21.97 -7.41 21.63
N VAL A 399 20.64 -7.65 21.60
CA VAL A 399 20.04 -8.94 22.02
C VAL A 399 20.54 -10.10 21.17
N THR A 400 20.56 -9.90 19.83
CA THR A 400 21.01 -10.88 18.85
C THR A 400 22.54 -11.15 18.92
N SER A 401 23.37 -10.09 19.12
CA SER A 401 24.84 -10.17 19.23
C SER A 401 25.32 -10.79 20.56
N ALA A 402 24.45 -10.83 21.59
CA ALA A 402 24.80 -11.42 22.89
C ALA A 402 24.67 -12.96 22.85
N LEU A 403 24.13 -13.48 21.73
CA LEU A 403 23.91 -14.89 21.46
C LEU A 403 25.09 -15.58 20.81
N ASP A 404 25.57 -16.68 21.46
CA ASP A 404 26.61 -17.57 20.93
C ASP A 404 25.81 -18.68 20.27
N ARG A 405 25.62 -18.53 18.96
CA ARG A 405 24.82 -19.41 18.12
C ARG A 405 25.45 -20.79 17.92
N LYS A 406 26.80 -20.86 17.93
CA LYS A 406 27.54 -22.13 17.83
C LYS A 406 27.20 -22.99 19.06
N ALA A 407 27.28 -22.40 20.28
CA ALA A 407 26.96 -23.02 21.56
C ALA A 407 25.49 -23.40 21.68
N ILE A 408 24.58 -22.62 21.02
CA ILE A 408 23.13 -22.88 21.01
C ILE A 408 22.83 -24.23 20.34
N GLY A 409 23.41 -24.42 19.15
CA GLY A 409 23.27 -25.63 18.33
C GLY A 409 23.82 -26.84 19.04
N ASP A 410 25.01 -26.69 19.61
CA ASP A 410 25.72 -27.69 20.37
C ASP A 410 25.00 -28.07 21.67
N SER A 411 24.09 -27.20 22.18
CA SER A 411 23.29 -27.48 23.37
C SER A 411 22.11 -28.41 23.07
N LEU A 412 21.81 -28.60 21.80
CA LEU A 412 20.72 -29.46 21.34
C LEU A 412 21.27 -30.80 20.85
N VAL A 413 22.28 -30.74 19.97
CA VAL A 413 22.98 -31.88 19.38
C VAL A 413 24.32 -31.41 18.77
N LYS A 414 25.43 -32.10 19.10
CA LYS A 414 26.74 -31.81 18.51
C LYS A 414 26.82 -32.53 17.18
N GLY A 415 27.59 -32.01 16.24
CA GLY A 415 27.71 -32.63 14.93
C GLY A 415 27.33 -31.77 13.73
N PRO A 416 26.83 -32.41 12.64
CA PRO A 416 26.54 -31.67 11.39
C PRO A 416 25.09 -31.18 11.18
N PHE A 417 24.21 -31.40 12.17
CA PHE A 417 22.78 -31.10 12.06
C PHE A 417 22.44 -29.60 12.00
N THR A 418 22.90 -28.84 12.99
CA THR A 418 22.58 -27.42 13.16
C THR A 418 23.38 -26.49 12.25
N ALA A 419 22.74 -25.36 11.92
CA ALA A 419 23.30 -24.30 11.11
C ALA A 419 23.14 -22.98 11.87
N ILE A 420 24.13 -22.10 11.74
CA ILE A 420 24.07 -20.76 12.35
C ILE A 420 22.83 -20.10 11.70
N TYR A 421 21.87 -19.73 12.55
CA TYR A 421 20.64 -19.15 12.07
C TYR A 421 20.38 -17.77 12.65
N PRO A 422 20.56 -16.72 11.81
CA PRO A 422 20.32 -15.35 12.29
C PRO A 422 18.83 -14.97 12.32
N GLY A 423 18.00 -15.72 11.58
CA GLY A 423 16.56 -15.50 11.45
C GLY A 423 16.12 -15.53 10.00
N GLY A 424 14.85 -15.22 9.76
CA GLY A 424 14.28 -15.11 8.41
C GLY A 424 13.95 -16.41 7.72
N ILE A 425 14.09 -16.41 6.38
CA ILE A 425 13.88 -17.54 5.47
C ILE A 425 14.83 -18.68 5.85
N SER A 426 14.29 -19.91 5.88
CA SER A 426 15.04 -21.13 6.17
C SER A 426 16.08 -21.37 5.07
N SER A 427 17.33 -21.72 5.49
CA SER A 427 18.46 -21.99 4.58
C SER A 427 18.18 -23.19 3.68
N GLY A 428 17.36 -24.10 4.19
CA GLY A 428 16.94 -25.32 3.51
C GLY A 428 16.04 -25.11 2.31
N THR A 429 15.35 -23.94 2.24
CA THR A 429 14.42 -23.58 1.16
C THR A 429 15.20 -22.97 -0.06
N SER A 430 14.60 -23.05 -1.26
CA SER A 430 15.17 -22.57 -2.52
C SER A 430 15.27 -21.04 -2.61
N PHE A 431 14.20 -20.33 -2.13
CA PHE A 431 14.04 -18.88 -2.09
C PHE A 431 15.12 -18.13 -1.28
N TYR A 432 15.90 -18.88 -0.48
CA TYR A 432 16.96 -18.40 0.41
C TYR A 432 18.17 -17.93 -0.33
N ASP A 433 18.73 -16.81 0.12
CA ASP A 433 19.98 -16.32 -0.41
C ASP A 433 20.91 -16.01 0.76
N ARG A 434 22.07 -16.71 0.82
CA ARG A 434 23.08 -16.55 1.88
C ARG A 434 23.68 -15.14 1.86
N ALA A 435 23.95 -14.61 0.65
CA ALA A 435 24.49 -13.26 0.44
C ALA A 435 23.52 -12.18 0.98
N SER A 436 22.20 -12.47 0.96
CA SER A 436 21.09 -11.63 1.41
C SER A 436 20.87 -11.66 2.91
N THR A 437 21.25 -12.75 3.61
CA THR A 437 21.09 -12.90 5.06
C THR A 437 22.11 -12.03 5.80
N VAL A 438 21.66 -11.32 6.83
CA VAL A 438 22.52 -10.45 7.64
C VAL A 438 22.85 -11.18 8.93
N TYR A 439 24.15 -11.47 9.15
CA TYR A 439 24.64 -12.14 10.33
C TYR A 439 25.25 -11.18 11.33
N TYR A 440 24.65 -11.13 12.53
CA TYR A 440 25.14 -10.37 13.69
C TYR A 440 25.96 -11.38 14.53
N PRO A 441 27.32 -11.46 14.35
CA PRO A 441 28.10 -12.47 15.11
C PRO A 441 28.12 -12.30 16.62
N PHE A 442 28.55 -13.34 17.34
CA PHE A 442 28.59 -13.30 18.80
C PHE A 442 29.59 -12.24 19.22
N ASN A 443 29.07 -11.16 19.84
CA ASN A 443 29.78 -9.99 20.31
C ASN A 443 29.12 -9.48 21.58
N LEU A 444 29.33 -10.18 22.71
CA LEU A 444 28.72 -9.82 23.98
C LEU A 444 29.15 -8.42 24.46
N GLU A 445 30.46 -8.12 24.49
CA GLU A 445 31.01 -6.81 24.89
C GLU A 445 30.41 -5.67 24.06
N GLY A 446 30.19 -5.93 22.76
CA GLY A 446 29.57 -5.00 21.83
C GLY A 446 28.11 -4.79 22.21
N ALA A 447 27.40 -5.90 22.45
CA ALA A 447 26.00 -5.92 22.85
C ALA A 447 25.80 -5.11 24.14
N LYS A 448 26.67 -5.37 25.15
CA LYS A 448 26.69 -4.68 26.46
C LYS A 448 26.79 -3.18 26.27
N ALA A 449 27.74 -2.73 25.42
CA ALA A 449 27.97 -1.32 25.10
C ALA A 449 26.80 -0.65 24.37
N ALA A 450 26.05 -1.42 23.55
CA ALA A 450 24.87 -0.93 22.80
C ALA A 450 23.70 -0.67 23.75
N LEU A 451 23.53 -1.55 24.73
CA LEU A 451 22.48 -1.36 25.72
C LEU A 451 22.78 -0.19 26.61
N ALA A 452 24.07 0.07 26.90
CA ALA A 452 24.54 1.22 27.68
C ALA A 452 24.28 2.53 26.92
N SER A 453 24.42 2.48 25.57
CA SER A 453 24.20 3.61 24.68
C SER A 453 22.73 4.02 24.56
N ILE A 454 21.76 3.11 24.81
CA ILE A 454 20.34 3.48 24.73
C ILE A 454 19.81 3.92 26.12
N GLY A 455 20.64 3.74 27.15
CA GLY A 455 20.35 4.13 28.52
C GLY A 455 20.14 2.97 29.47
N LEU A 456 20.88 1.87 29.24
CA LEU A 456 20.75 0.67 30.08
C LEU A 456 22.05 0.30 30.81
N LYS A 457 22.12 0.71 32.08
CA LYS A 457 23.26 0.48 32.95
C LYS A 457 22.75 -0.14 34.25
N ASP A 458 23.61 -0.91 34.91
CA ASP A 458 23.34 -1.49 36.22
C ASP A 458 23.47 -0.30 37.21
N THR A 459 22.41 -0.08 38.03
CA THR A 459 22.28 1.03 38.98
C THR A 459 22.45 0.58 40.45
N ASP A 460 22.07 -0.68 40.76
CA ASP A 460 22.10 -1.28 42.10
C ASP A 460 23.32 -2.18 42.41
N GLY A 461 24.17 -2.43 41.41
CA GLY A 461 25.39 -3.23 41.55
C GLY A 461 25.18 -4.72 41.73
N ASP A 462 24.03 -5.25 41.29
CA ASP A 462 23.61 -6.65 41.41
C ASP A 462 24.02 -7.53 40.21
N GLY A 463 24.39 -6.90 39.09
CA GLY A 463 24.78 -7.57 37.87
C GLY A 463 23.75 -7.51 36.76
N PHE A 464 22.54 -7.00 37.09
CA PHE A 464 21.43 -6.84 36.15
C PHE A 464 21.25 -5.40 35.71
N LEU A 465 20.94 -5.18 34.43
CA LEU A 465 20.73 -3.82 33.90
C LEU A 465 19.48 -3.15 34.50
N ASN A 466 19.43 -1.81 34.42
CA ASN A 466 18.31 -1.06 34.98
C ASN A 466 17.71 -0.13 33.96
N PHE A 467 16.41 0.15 34.11
CA PHE A 467 15.68 1.13 33.31
C PHE A 467 16.21 2.54 33.71
N PRO A 468 16.21 3.57 32.82
CA PRO A 468 16.65 4.90 33.25
C PRO A 468 15.76 5.44 34.39
N LYS A 469 16.23 6.46 35.13
CA LYS A 469 15.50 7.07 36.25
C LYS A 469 14.06 7.41 35.87
N GLU A 470 13.85 7.91 34.64
CA GLU A 470 12.55 8.31 34.10
C GLU A 470 11.60 7.14 33.81
N THR A 471 12.13 5.91 33.55
CA THR A 471 11.32 4.72 33.25
C THR A 471 11.19 3.78 34.44
N LEU A 472 9.93 3.45 34.82
CA LEU A 472 9.50 2.54 35.91
C LEU A 472 10.24 2.72 37.26
N GLY A 473 10.63 3.95 37.58
CA GLY A 473 11.35 4.29 38.81
C GLY A 473 12.78 3.78 38.83
N GLY A 474 13.31 3.49 37.64
CA GLY A 474 14.67 2.99 37.44
C GLY A 474 14.90 1.57 37.91
N ARG A 475 13.83 0.76 38.00
CA ARG A 475 13.86 -0.65 38.42
C ARG A 475 14.64 -1.53 37.44
N ASN A 476 15.06 -2.71 37.90
CA ASN A 476 15.79 -3.69 37.09
C ASN A 476 14.90 -4.18 35.95
N VAL A 477 15.49 -4.35 34.76
CA VAL A 477 14.83 -4.81 33.55
C VAL A 477 14.20 -6.20 33.75
N GLU A 478 12.92 -6.35 33.42
CA GLU A 478 12.20 -7.62 33.57
C GLU A 478 11.42 -7.94 32.32
N ILE A 479 11.81 -9.05 31.64
CA ILE A 479 11.17 -9.50 30.40
C ILE A 479 10.55 -10.86 30.64
N THR A 480 9.34 -11.07 30.10
CA THR A 480 8.59 -12.33 30.20
C THR A 480 8.61 -13.10 28.88
N LEU A 481 9.21 -14.32 28.94
CA LEU A 481 9.39 -15.25 27.82
C LEU A 481 8.33 -16.37 27.78
N LEU A 482 7.46 -16.37 26.75
CA LEU A 482 6.42 -17.40 26.55
C LEU A 482 7.03 -18.65 25.88
N VAL A 483 6.90 -19.82 26.54
CA VAL A 483 7.50 -21.07 26.06
C VAL A 483 6.50 -22.22 25.99
N ASN A 484 6.56 -23.02 24.89
CA ASN A 484 5.78 -24.24 24.66
C ASN A 484 6.35 -25.36 25.55
N ASN A 485 5.55 -25.74 26.57
CA ASN A 485 5.78 -26.74 27.60
C ASN A 485 5.84 -28.20 27.09
N GLY A 486 5.34 -28.43 25.89
CA GLY A 486 5.27 -29.76 25.30
C GLY A 486 6.52 -30.26 24.60
N TYR A 487 7.56 -29.42 24.50
CA TYR A 487 8.79 -29.77 23.79
C TYR A 487 10.00 -29.45 24.64
N ALA A 488 10.95 -30.41 24.69
CA ALA A 488 12.24 -30.34 25.37
C ALA A 488 13.14 -29.32 24.71
N THR A 489 13.04 -29.20 23.34
CA THR A 489 13.81 -28.25 22.52
C THR A 489 13.50 -26.81 22.93
N ASP A 490 12.23 -26.46 22.92
CA ASP A 490 11.73 -25.16 23.31
C ASP A 490 12.28 -24.74 24.67
N LYS A 491 12.21 -25.65 25.66
CA LYS A 491 12.67 -25.49 27.02
C LYS A 491 14.19 -25.28 27.11
N SER A 492 14.97 -26.11 26.38
CA SER A 492 16.43 -26.10 26.29
C SER A 492 16.87 -24.71 25.79
N LEU A 493 16.19 -24.27 24.71
CA LEU A 493 16.40 -22.97 24.07
C LEU A 493 16.00 -21.82 24.98
N ALA A 494 14.84 -21.95 25.65
CA ALA A 494 14.31 -20.95 26.56
C ALA A 494 15.28 -20.71 27.72
N GLU A 495 15.75 -21.79 28.36
CA GLU A 495 16.70 -21.76 29.47
C GLU A 495 18.07 -21.18 29.03
N GLY A 496 18.52 -21.56 27.84
CA GLY A 496 19.79 -21.13 27.26
C GLY A 496 19.81 -19.64 27.02
N LEU A 497 18.72 -19.14 26.41
CA LEU A 497 18.51 -17.72 26.12
C LEU A 497 18.58 -16.92 27.41
N VAL A 498 17.91 -17.42 28.47
CA VAL A 498 17.87 -16.82 29.80
C VAL A 498 19.28 -16.68 30.41
N GLY A 499 20.10 -17.71 30.24
CA GLY A 499 21.48 -17.74 30.73
C GLY A 499 22.38 -16.75 30.01
N GLN A 500 22.21 -16.65 28.68
CA GLN A 500 22.97 -15.73 27.82
C GLN A 500 22.50 -14.28 27.98
N MET A 501 21.18 -14.07 28.23
CA MET A 501 20.62 -12.73 28.48
C MET A 501 21.01 -12.25 29.86
N ALA A 502 21.37 -13.18 30.76
CA ALA A 502 21.81 -12.88 32.12
C ALA A 502 23.27 -12.38 32.10
N LYS A 503 24.10 -12.95 31.20
CA LYS A 503 25.50 -12.56 30.99
C LYS A 503 25.52 -11.11 30.46
N LEU A 504 24.50 -10.77 29.64
CA LEU A 504 24.31 -9.44 29.04
C LEU A 504 23.83 -8.46 30.14
N GLY A 505 22.93 -8.90 31.01
CA GLY A 505 22.42 -8.06 32.10
C GLY A 505 20.91 -7.99 32.14
N LEU A 506 20.23 -8.45 31.09
CA LEU A 506 18.76 -8.45 31.01
C LEU A 506 18.17 -9.62 31.80
N ARG A 507 17.26 -9.37 32.76
CA ARG A 507 16.60 -10.42 33.55
C ARG A 507 15.41 -10.97 32.76
N VAL A 508 15.42 -12.29 32.47
CA VAL A 508 14.37 -12.94 31.68
C VAL A 508 13.67 -14.04 32.52
N VAL A 509 12.31 -14.01 32.55
CA VAL A 509 11.45 -14.95 33.32
C VAL A 509 10.72 -15.87 32.35
N ILE A 510 10.84 -17.18 32.56
CA ILE A 510 10.18 -18.18 31.72
C ILE A 510 8.72 -18.36 32.15
N HIS A 511 7.79 -18.17 31.19
CA HIS A 511 6.34 -18.38 31.33
C HIS A 511 6.03 -19.58 30.46
N SER A 512 6.15 -20.79 31.02
CA SER A 512 5.92 -22.02 30.29
C SER A 512 4.48 -22.51 30.40
N LEU A 513 3.77 -22.47 29.26
CA LEU A 513 2.37 -22.84 29.17
C LEU A 513 2.13 -24.00 28.24
N ASP A 514 1.02 -24.74 28.46
CA ASP A 514 0.62 -25.84 27.59
C ASP A 514 0.14 -25.26 26.25
N SER A 515 0.38 -25.98 25.16
CA SER A 515 0.07 -25.63 23.76
C SER A 515 -1.20 -24.78 23.59
N ASN A 516 -2.34 -25.24 24.16
CA ASN A 516 -3.66 -24.56 24.11
C ASN A 516 -3.60 -23.16 24.73
N GLN A 517 -3.01 -23.06 25.94
CA GLN A 517 -2.83 -21.82 26.71
C GLN A 517 -1.85 -20.90 26.01
N ARG A 518 -0.67 -21.43 25.64
CA ARG A 518 0.39 -20.73 24.93
C ARG A 518 -0.16 -19.98 23.69
N ASP A 519 -1.06 -20.60 22.92
CA ASP A 519 -1.62 -19.99 21.70
C ASP A 519 -2.51 -18.80 22.00
N ALA A 520 -3.30 -18.84 23.09
CA ALA A 520 -4.18 -17.74 23.52
C ALA A 520 -3.33 -16.56 24.02
N ALA A 521 -2.26 -16.86 24.78
CA ALA A 521 -1.30 -15.88 25.30
C ALA A 521 -0.46 -15.27 24.17
N HIS A 522 -0.27 -15.98 23.07
CA HIS A 522 0.50 -15.49 21.91
C HIS A 522 -0.43 -14.71 21.01
N TYR A 523 -1.47 -15.36 20.44
CA TYR A 523 -2.39 -14.73 19.48
C TYR A 523 -3.15 -13.54 20.08
N GLY A 524 -3.31 -13.54 21.41
CA GLY A 524 -3.95 -12.45 22.14
C GLY A 524 -3.06 -11.24 22.32
N GLY A 525 -1.75 -11.45 22.38
CA GLY A 525 -0.73 -10.43 22.58
C GLY A 525 -0.22 -10.33 24.00
N GLN A 526 -0.53 -11.32 24.84
CA GLN A 526 -0.13 -11.37 26.23
C GLN A 526 1.29 -11.97 26.40
N PHE A 527 2.30 -11.28 25.83
CA PHE A 527 3.72 -11.68 25.90
C PHE A 527 4.66 -10.48 25.65
N ASP A 528 5.89 -10.54 26.18
CA ASP A 528 6.95 -9.55 25.94
C ASP A 528 7.88 -10.18 24.84
N TRP A 529 8.34 -11.42 25.07
CA TRP A 529 9.18 -12.25 24.18
C TRP A 529 8.61 -13.66 24.15
N LEU A 530 8.88 -14.41 23.08
CA LEU A 530 8.47 -15.82 22.97
C LEU A 530 9.45 -16.63 22.17
N VAL A 531 9.51 -17.95 22.45
CA VAL A 531 10.33 -18.92 21.70
C VAL A 531 9.32 -19.72 20.87
N ARG A 532 9.55 -19.81 19.55
CA ARG A 532 8.61 -20.50 18.68
C ARG A 532 9.29 -21.26 17.58
N ARG A 533 8.70 -22.39 17.20
CA ARG A 533 9.17 -23.16 16.05
C ARG A 533 8.55 -22.50 14.81
N ASN A 534 9.34 -22.29 13.77
CA ASN A 534 8.88 -21.61 12.56
C ASN A 534 7.74 -22.36 11.83
N SER A 535 6.74 -21.60 11.35
CA SER A 535 5.62 -22.13 10.60
C SER A 535 5.99 -22.19 9.09
N THR A 536 5.11 -22.75 8.25
CA THR A 536 5.35 -23.02 6.84
C THR A 536 5.95 -21.89 6.00
N GLU A 537 5.59 -20.62 6.23
CA GLU A 537 6.10 -19.46 5.48
C GLU A 537 7.63 -19.29 5.53
N LEU A 538 8.31 -19.73 6.61
CA LEU A 538 9.77 -19.59 6.67
C LEU A 538 10.47 -20.82 6.04
N SER A 539 9.75 -21.94 5.92
CA SER A 539 10.15 -23.23 5.35
C SER A 539 9.78 -23.41 3.86
N SER A 540 8.82 -22.60 3.34
CA SER A 540 8.34 -22.69 1.96
C SER A 540 8.21 -21.35 1.23
N VAL A 541 7.84 -20.27 1.95
CA VAL A 541 7.61 -18.89 1.46
C VAL A 541 6.22 -18.78 0.80
N VAL A 542 5.91 -19.76 -0.06
CA VAL A 542 4.69 -19.89 -0.84
C VAL A 542 3.46 -20.29 -0.01
N GLN A 543 3.66 -20.99 1.11
CA GLN A 543 2.56 -21.42 1.97
C GLN A 543 2.38 -20.43 3.09
N ASN A 544 1.17 -19.76 3.14
CA ASN A 544 0.76 -18.74 4.12
C ASN A 544 1.73 -17.57 4.12
N THR A 545 2.01 -17.06 2.91
CA THR A 545 2.92 -15.94 2.63
C THR A 545 2.58 -14.71 3.47
N GLU A 546 1.27 -14.51 3.79
CA GLU A 546 0.77 -13.37 4.58
C GLU A 546 1.42 -13.25 5.97
N GLN A 547 1.94 -14.36 6.51
CA GLN A 547 2.58 -14.41 7.84
C GLN A 547 4.07 -13.92 7.84
N LEU A 548 4.61 -13.63 6.65
CA LEU A 548 5.97 -13.09 6.46
C LEU A 548 6.12 -11.64 6.93
N ALA A 549 5.02 -10.89 6.95
CA ALA A 549 5.03 -9.48 7.35
C ALA A 549 3.65 -9.06 7.86
N PRO A 550 3.51 -7.90 8.54
CA PRO A 550 2.16 -7.48 8.96
C PRO A 550 1.45 -6.81 7.77
N VAL A 551 0.94 -7.63 6.83
CA VAL A 551 0.24 -7.14 5.64
C VAL A 551 -1.17 -6.68 6.03
N GLY A 552 -1.76 -7.40 6.99
CA GLY A 552 -3.06 -7.12 7.59
C GLY A 552 -2.91 -6.89 9.08
N PRO A 553 -3.99 -6.53 9.82
CA PRO A 553 -3.83 -6.29 11.26
C PRO A 553 -3.64 -7.54 12.13
N ARG A 554 -3.68 -8.75 11.54
CA ARG A 554 -3.52 -9.99 12.32
C ARG A 554 -2.65 -11.05 11.62
N THR A 555 -2.02 -10.70 10.50
CA THR A 555 -1.21 -11.62 9.69
C THR A 555 0.18 -11.93 10.31
N SER A 556 0.71 -11.02 11.14
CA SER A 556 2.03 -11.13 11.80
C SER A 556 1.97 -11.91 13.12
N TRP A 557 3.02 -12.71 13.42
CA TRP A 557 3.10 -13.44 14.68
C TRP A 557 3.49 -12.51 15.85
N ASN A 558 4.32 -11.46 15.58
CA ASN A 558 4.75 -10.60 16.67
C ASN A 558 4.25 -9.13 16.59
N HIS A 559 3.51 -8.77 15.53
CA HIS A 559 2.95 -7.43 15.44
C HIS A 559 1.52 -7.42 14.89
N ARG A 560 0.58 -7.51 15.84
CA ARG A 560 -0.84 -7.40 15.58
C ARG A 560 -1.37 -6.17 16.32
N SER A 561 -2.58 -5.72 15.98
CA SER A 561 -3.19 -4.55 16.61
C SER A 561 -4.45 -4.96 17.40
N PRO A 562 -4.81 -4.25 18.52
CA PRO A 562 -6.04 -4.60 19.24
C PRO A 562 -7.31 -4.22 18.47
N GLU A 563 -8.41 -4.97 18.73
CA GLU A 563 -9.72 -4.77 18.12
C GLU A 563 -10.48 -3.70 18.91
N GLY A 564 -10.76 -2.55 18.29
CA GLY A 564 -10.41 -2.23 16.91
C GLY A 564 -9.44 -1.05 16.85
N LYS A 565 -8.32 -1.23 16.12
CA LYS A 565 -7.25 -0.24 15.91
C LYS A 565 -6.35 -0.63 14.71
N GLU A 566 -5.75 0.40 14.07
CA GLU A 566 -4.83 0.26 12.94
C GLU A 566 -3.45 -0.14 13.50
N LEU A 567 -2.57 -0.71 12.64
CA LEU A 567 -1.22 -1.09 13.03
C LEU A 567 -0.31 0.13 13.31
N ASP A 568 0.62 -0.03 14.27
CA ASP A 568 1.60 0.99 14.67
C ASP A 568 2.99 0.58 14.10
N LEU A 569 3.00 0.24 12.79
CA LEU A 569 4.17 -0.26 12.06
C LEU A 569 5.41 0.62 12.07
N MET A 570 6.58 -0.05 12.00
CA MET A 570 7.91 0.54 11.90
C MET A 570 8.24 0.65 10.39
N PRO A 571 9.16 1.54 9.94
CA PRO A 571 9.40 1.67 8.49
C PRO A 571 9.87 0.40 7.78
N PHE A 572 10.62 -0.50 8.46
CA PHE A 572 11.07 -1.77 7.85
C PHE A 572 9.92 -2.74 7.63
N GLU A 573 8.96 -2.77 8.56
CA GLU A 573 7.76 -3.62 8.51
C GLU A 573 6.86 -3.18 7.36
N LYS A 574 6.75 -1.85 7.17
CA LYS A 574 5.98 -1.19 6.10
C LYS A 574 6.56 -1.56 4.75
N GLU A 575 7.90 -1.62 4.64
CA GLU A 575 8.62 -1.97 3.42
C GLU A 575 8.54 -3.48 3.17
N MET A 576 8.58 -4.26 4.27
CA MET A 576 8.46 -5.73 4.24
C MET A 576 7.09 -6.17 3.71
N ALA A 577 6.02 -5.46 4.15
CA ALA A 577 4.63 -5.68 3.77
C ALA A 577 4.41 -5.35 2.30
N ASP A 578 5.17 -4.37 1.77
CA ASP A 578 5.13 -3.97 0.37
C ASP A 578 5.70 -5.11 -0.48
N ILE A 579 6.83 -5.70 0.00
CA ILE A 579 7.53 -6.84 -0.62
C ILE A 579 6.59 -8.08 -0.74
N VAL A 580 5.90 -8.38 0.36
CA VAL A 580 5.00 -9.53 0.47
C VAL A 580 3.75 -9.36 -0.43
N ARG A 581 3.18 -8.13 -0.48
CA ARG A 581 2.03 -7.82 -1.33
C ARG A 581 2.37 -7.89 -2.83
N LYS A 582 3.61 -7.50 -3.19
CA LYS A 582 4.11 -7.51 -4.57
C LYS A 582 4.40 -8.95 -4.99
N PHE A 583 4.96 -9.75 -4.07
CA PHE A 583 5.29 -11.15 -4.28
C PHE A 583 4.04 -12.00 -4.56
N ILE A 584 2.96 -11.76 -3.78
CA ILE A 584 1.67 -12.45 -3.85
C ILE A 584 1.01 -12.31 -5.24
N SER A 585 1.04 -11.08 -5.79
CA SER A 585 0.46 -10.77 -7.09
C SER A 585 1.41 -10.98 -8.28
N SER A 586 2.65 -11.45 -8.02
CA SER A 586 3.65 -11.71 -9.06
C SER A 586 3.57 -13.10 -9.65
N GLN A 587 3.65 -13.16 -10.98
CA GLN A 587 3.67 -14.40 -11.75
C GLN A 587 5.08 -14.62 -12.33
N ASP A 588 5.90 -13.55 -12.32
CA ASP A 588 7.29 -13.54 -12.81
C ASP A 588 8.21 -14.16 -11.76
N ASN A 589 8.86 -15.28 -12.10
CA ASN A 589 9.74 -16.06 -11.23
C ASN A 589 11.04 -15.36 -10.84
N ALA A 590 11.64 -14.62 -11.79
CA ALA A 590 12.88 -13.87 -11.59
C ALA A 590 12.60 -12.69 -10.66
N GLU A 591 11.40 -12.07 -10.78
CA GLU A 591 10.96 -10.97 -9.93
C GLU A 591 10.79 -11.52 -8.51
N ARG A 592 10.08 -12.67 -8.39
CA ARG A 592 9.79 -13.41 -7.17
C ARG A 592 11.04 -13.82 -6.41
N ALA A 593 12.08 -14.25 -7.15
CA ALA A 593 13.36 -14.67 -6.56
C ALA A 593 14.13 -13.47 -5.95
N ASP A 594 14.12 -12.30 -6.64
CA ASP A 594 14.80 -11.11 -6.14
C ASP A 594 13.96 -10.37 -5.10
N LEU A 595 12.63 -10.56 -5.10
CA LEU A 595 11.74 -9.99 -4.09
C LEU A 595 12.05 -10.65 -2.75
N MET A 596 12.43 -11.95 -2.76
CA MET A 596 12.79 -12.71 -1.55
C MET A 596 14.19 -12.41 -1.05
N LYS A 597 15.12 -12.07 -1.98
CA LYS A 597 16.49 -11.63 -1.65
C LYS A 597 16.39 -10.29 -0.87
N GLN A 598 15.50 -9.38 -1.36
CA GLN A 598 15.17 -8.08 -0.77
C GLN A 598 14.58 -8.30 0.62
N TYR A 599 13.46 -9.04 0.68
CA TYR A 599 12.70 -9.41 1.88
C TYR A 599 13.59 -9.87 3.04
N GLN A 600 14.46 -10.85 2.76
CA GLN A 600 15.41 -11.48 3.68
C GLN A 600 16.38 -10.46 4.25
N LYS A 601 16.94 -9.58 3.38
CA LYS A 601 17.88 -8.54 3.79
C LYS A 601 17.23 -7.58 4.78
N VAL A 602 16.01 -7.10 4.48
CA VAL A 602 15.22 -6.19 5.34
C VAL A 602 14.91 -6.89 6.67
N TYR A 603 14.52 -8.16 6.62
CA TYR A 603 14.23 -8.97 7.79
C TYR A 603 15.40 -9.07 8.76
N THR A 604 16.51 -9.63 8.27
CA THR A 604 17.73 -9.96 9.01
C THR A 604 18.50 -8.76 9.55
N GLN A 605 18.60 -7.67 8.77
CA GLN A 605 19.31 -6.47 9.20
C GLN A 605 18.49 -5.70 10.24
N ASN A 606 17.16 -5.75 10.13
CA ASN A 606 16.29 -5.00 11.05
C ASN A 606 15.88 -5.80 12.26
N LEU A 607 15.97 -7.14 12.15
CA LEU A 607 15.61 -8.12 13.14
C LEU A 607 14.12 -8.09 13.42
N TYR A 608 13.36 -8.61 12.45
CA TYR A 608 11.91 -8.80 12.56
C TYR A 608 11.69 -9.88 13.64
N THR A 609 12.59 -10.88 13.69
CA THR A 609 12.67 -11.95 14.70
C THR A 609 14.15 -12.23 14.91
N ILE A 610 14.52 -12.81 16.04
CA ILE A 610 15.93 -13.11 16.32
C ILE A 610 16.10 -14.64 16.30
N GLY A 611 16.84 -15.12 15.30
CA GLY A 611 17.10 -16.54 15.10
C GLY A 611 17.93 -17.16 16.20
N LEU A 612 17.59 -18.40 16.57
CA LEU A 612 18.31 -19.13 17.60
C LEU A 612 19.15 -20.22 16.94
N THR A 613 18.47 -21.17 16.27
CA THR A 613 19.08 -22.28 15.53
C THR A 613 18.09 -22.89 14.53
N GLU A 614 18.65 -23.68 13.61
CA GLU A 614 17.98 -24.35 12.50
C GLU A 614 18.64 -25.70 12.30
N TYR A 615 17.84 -26.69 11.93
CA TYR A 615 18.36 -28.03 11.75
C TYR A 615 17.43 -28.88 10.93
N PRO A 616 17.85 -30.10 10.51
CA PRO A 616 16.95 -30.96 9.77
C PRO A 616 16.24 -31.96 10.68
N GLY A 617 15.01 -32.26 10.33
CA GLY A 617 14.25 -33.28 11.03
C GLY A 617 14.28 -34.51 10.14
N ALA A 618 13.94 -35.67 10.72
CA ALA A 618 13.90 -36.92 9.98
C ALA A 618 12.49 -37.51 9.98
N LEU A 619 12.06 -38.14 8.87
CA LEU A 619 10.79 -38.84 8.84
C LEU A 619 11.05 -40.29 9.25
N ILE A 620 10.25 -40.78 10.23
CA ILE A 620 10.24 -42.16 10.76
C ILE A 620 8.87 -42.76 10.43
N VAL A 621 8.86 -43.79 9.62
CA VAL A 621 7.69 -44.58 9.22
C VAL A 621 8.03 -46.05 9.45
N ASN A 622 7.05 -46.85 9.88
CA ASN A 622 7.15 -48.31 10.02
C ASN A 622 7.36 -48.89 8.61
N LYS A 623 8.28 -49.86 8.48
CA LYS A 623 8.67 -50.46 7.22
C LYS A 623 7.57 -51.26 6.48
N ARG A 624 6.49 -51.62 7.18
CA ARG A 624 5.43 -52.42 6.56
C ARG A 624 4.58 -51.59 5.54
N PHE A 625 4.50 -50.26 5.74
CA PHE A 625 3.73 -49.33 4.91
C PHE A 625 4.29 -49.15 3.52
N SER A 626 3.40 -49.20 2.54
CA SER A 626 3.68 -49.03 1.11
C SER A 626 3.13 -47.64 0.70
N ASN A 627 3.57 -47.11 -0.46
CA ASN A 627 3.20 -45.83 -1.07
C ASN A 627 3.69 -44.63 -0.24
N VAL A 628 4.83 -44.81 0.46
CA VAL A 628 5.43 -43.72 1.24
C VAL A 628 6.40 -43.03 0.31
N PRO A 629 6.14 -41.79 -0.12
CA PRO A 629 7.08 -41.15 -1.08
C PRO A 629 8.49 -40.97 -0.54
N GLN A 630 9.46 -41.22 -1.40
CA GLN A 630 10.90 -41.09 -1.14
C GLN A 630 11.20 -39.59 -1.00
N GLY A 631 12.00 -39.23 0.01
CA GLY A 631 12.41 -37.85 0.25
C GLY A 631 11.33 -36.92 0.77
N THR A 632 10.23 -37.46 1.37
CA THR A 632 9.15 -36.67 1.96
C THR A 632 9.72 -35.94 3.20
N PRO A 633 9.76 -34.57 3.13
CA PRO A 633 10.25 -33.80 4.29
C PRO A 633 9.31 -33.88 5.48
N ILE A 634 9.76 -33.53 6.67
CA ILE A 634 8.87 -33.57 7.83
C ILE A 634 8.07 -32.30 7.88
N PHE A 635 8.63 -31.21 7.31
CA PHE A 635 7.99 -29.91 7.29
C PHE A 635 8.46 -29.06 6.12
N MET A 636 7.51 -28.66 5.23
CA MET A 636 7.74 -27.79 4.06
C MET A 636 6.46 -26.95 3.79
N PHE A 637 5.56 -27.43 2.93
CA PHE A 637 4.24 -26.83 2.64
C PHE A 637 3.26 -27.17 3.79
N ASN A 638 3.58 -28.22 4.57
CA ASN A 638 2.91 -28.72 5.79
C ASN A 638 3.73 -29.90 6.29
N TRP A 639 3.34 -30.41 7.50
CA TRP A 639 3.88 -31.57 8.18
C TRP A 639 3.70 -32.82 7.36
N ALA A 640 4.68 -33.78 7.46
CA ALA A 640 4.71 -35.03 6.69
C ALA A 640 3.45 -35.85 6.77
N GLU A 641 2.66 -35.77 7.88
CA GLU A 641 1.34 -36.45 8.02
C GLU A 641 0.47 -36.11 6.84
N ASP A 642 0.46 -34.82 6.42
CA ASP A 642 -0.28 -34.34 5.25
C ASP A 642 0.40 -34.74 3.94
N ALA A 643 1.73 -34.52 3.85
CA ALA A 643 2.59 -34.75 2.70
C ALA A 643 2.60 -36.16 2.17
N ILE A 644 2.63 -37.17 3.08
CA ILE A 644 2.69 -38.62 2.69
C ILE A 644 1.41 -39.16 2.02
N ILE A 645 0.26 -38.45 2.11
CA ILE A 645 -1.05 -38.86 1.59
C ILE A 645 -1.41 -40.19 2.25
N ARG A 646 -1.83 -40.12 3.52
CA ARG A 646 -2.12 -41.28 4.37
C ARG A 646 -3.26 -42.20 3.90
N GLU A 647 -4.25 -41.66 3.18
CA GLU A 647 -5.38 -42.39 2.56
C GLU A 647 -4.91 -43.24 1.35
N ARG A 648 -3.65 -42.98 0.90
CA ARG A 648 -3.00 -43.66 -0.21
C ARG A 648 -1.96 -44.72 0.27
N LEU A 649 -1.71 -44.74 1.57
CA LEU A 649 -0.80 -45.68 2.22
C LEU A 649 -1.46 -47.03 2.40
N TRP A 650 -0.68 -48.09 2.25
CA TRP A 650 -1.23 -49.44 2.40
C TRP A 650 -0.22 -50.43 2.85
N VAL A 651 -0.67 -51.62 3.21
CA VAL A 651 0.16 -52.68 3.71
C VAL A 651 -0.29 -53.95 2.98
N ALA A 652 0.67 -54.72 2.42
CA ALA A 652 0.46 -56.02 1.79
C ALA A 652 -0.11 -56.94 2.86
N ALA A 653 -1.09 -57.82 2.51
CA ALA A 653 -1.77 -58.70 3.47
C ALA A 653 -0.86 -59.66 4.26
N ASP A 654 0.30 -60.07 3.70
CA ASP A 654 1.27 -60.92 4.42
C ASP A 654 2.12 -60.10 5.45
N LYS A 655 2.07 -58.75 5.37
CA LYS A 655 2.82 -57.85 6.27
C LYS A 655 1.95 -57.19 7.33
N GLN A 656 0.59 -57.18 7.12
CA GLN A 656 -0.44 -56.52 7.94
C GLN A 656 -0.41 -56.90 9.40
N GLY A 657 -0.46 -55.88 10.26
CA GLY A 657 -0.51 -56.07 11.70
C GLY A 657 -1.91 -56.42 12.18
N LYS A 658 -2.01 -56.92 13.40
CA LYS A 658 -3.30 -57.28 13.97
C LYS A 658 -3.68 -56.27 15.08
N TYR A 659 -3.90 -55.00 14.71
CA TYR A 659 -4.12 -53.90 15.69
C TYR A 659 -5.48 -53.18 15.68
N GLU A 660 -6.48 -53.65 14.93
CA GLU A 660 -7.81 -53.04 14.82
C GLU A 660 -8.61 -53.22 16.10
N LEU A 661 -9.05 -52.11 16.73
CA LEU A 661 -9.82 -52.16 17.98
C LEU A 661 -11.34 -52.27 17.78
N PHE A 662 -11.81 -52.01 16.56
CA PHE A 662 -13.18 -52.16 16.15
C PHE A 662 -13.12 -52.77 14.75
N PRO A 663 -12.52 -54.00 14.57
CA PRO A 663 -12.46 -54.61 13.23
C PRO A 663 -13.85 -54.89 12.65
N GLN A 664 -13.99 -54.50 11.37
CA GLN A 664 -15.17 -54.65 10.55
C GLN A 664 -16.36 -53.84 11.09
N GLN A 665 -16.03 -52.62 11.63
CA GLN A 665 -16.99 -51.65 12.16
C GLN A 665 -16.85 -50.32 11.44
N LEU A 666 -17.93 -49.53 11.44
CA LEU A 666 -17.96 -48.22 10.82
C LEU A 666 -18.39 -47.14 11.81
N PRO A 667 -18.21 -45.83 11.54
CA PRO A 667 -18.64 -44.81 12.54
C PRO A 667 -20.16 -44.76 12.69
N GLY A 668 -20.62 -44.48 13.91
CA GLY A 668 -22.03 -44.33 14.23
C GLY A 668 -22.54 -42.96 13.84
N LYS A 669 -23.64 -42.50 14.48
CA LYS A 669 -24.22 -41.18 14.21
C LYS A 669 -23.61 -40.14 15.14
N PRO A 670 -23.47 -38.86 14.72
CA PRO A 670 -22.93 -37.83 15.61
C PRO A 670 -23.68 -37.67 16.93
N GLY A 671 -22.99 -37.94 18.05
CA GLY A 671 -23.58 -37.83 19.38
C GLY A 671 -23.81 -39.15 20.08
N GLU A 672 -23.94 -40.25 19.32
CA GLU A 672 -24.12 -41.62 19.82
C GLU A 672 -22.87 -42.11 20.57
N GLY A 673 -22.96 -43.31 21.14
CA GLY A 673 -21.89 -43.94 21.90
C GLY A 673 -20.56 -44.04 21.19
N GLY A 674 -20.56 -44.74 20.06
CA GLY A 674 -19.36 -44.93 19.26
C GLY A 674 -19.60 -45.57 17.90
N PRO A 675 -18.76 -46.58 17.52
CA PRO A 675 -18.93 -47.19 16.20
C PRO A 675 -20.10 -48.14 16.08
N ILE A 676 -20.33 -48.62 14.86
CA ILE A 676 -21.39 -49.55 14.52
C ILE A 676 -20.88 -50.89 13.93
N ASN A 677 -21.41 -52.01 14.47
CA ASN A 677 -21.24 -53.41 14.02
C ASN A 677 -22.71 -53.90 13.75
N HIS A 678 -23.09 -55.21 13.64
CA HIS A 678 -22.36 -56.48 13.73
C HIS A 678 -22.54 -57.29 12.43
N ALA B 8 23.07 -3.50 -6.39
CA ALA B 8 22.58 -3.00 -7.67
C ALA B 8 23.20 -1.65 -7.96
N PHE B 9 22.92 -0.70 -7.06
CA PHE B 9 23.37 0.70 -7.05
C PHE B 9 23.54 1.07 -5.59
N GLU B 10 24.56 1.87 -5.30
CA GLU B 10 24.86 2.29 -3.93
C GLU B 10 24.08 3.56 -3.57
N THR B 11 22.80 3.36 -3.15
CA THR B 11 21.90 4.44 -2.77
C THR B 11 22.24 4.98 -1.40
N THR B 12 22.16 6.31 -1.28
CA THR B 12 22.40 7.04 -0.05
C THR B 12 21.26 8.04 0.11
N THR B 13 21.45 9.07 0.95
CA THR B 13 20.48 10.13 1.18
C THR B 13 21.06 11.36 0.47
N PRO B 14 20.24 12.31 -0.07
CA PRO B 14 20.82 13.44 -0.82
C PRO B 14 21.63 14.38 0.06
N PRO B 15 22.75 14.95 -0.47
CA PRO B 15 23.56 15.87 0.36
C PRO B 15 22.86 17.17 0.72
N GLU B 16 23.18 17.72 1.91
CA GLU B 16 22.62 18.96 2.41
C GLU B 16 23.07 20.10 1.48
N PRO B 17 22.13 20.98 1.05
CA PRO B 17 22.50 22.06 0.12
C PRO B 17 23.23 23.20 0.84
N PRO B 18 23.85 24.19 0.13
CA PRO B 18 24.50 25.31 0.84
C PRO B 18 23.47 26.14 1.61
N GLN B 19 23.90 26.81 2.68
CA GLN B 19 23.00 27.66 3.48
C GLN B 19 22.48 28.78 2.59
N PHE B 20 21.17 29.04 2.65
CA PHE B 20 20.57 30.12 1.86
C PHE B 20 20.00 31.24 2.77
N PRO B 21 20.87 32.12 3.36
CA PRO B 21 20.35 33.21 4.22
C PRO B 21 19.70 34.32 3.40
N ALA B 22 18.55 34.83 3.90
CA ALA B 22 17.66 35.84 3.28
C ALA B 22 17.18 35.47 1.81
N GLU B 23 16.12 34.63 1.59
CA GLU B 23 15.21 33.82 2.43
C GLU B 23 14.33 34.61 3.47
N GLY B 24 13.02 34.62 3.18
CA GLY B 24 11.98 35.21 4.03
C GLY B 24 12.24 36.62 4.52
N LYS B 25 11.77 36.98 5.75
CA LYS B 25 11.06 36.12 6.70
C LYS B 25 9.56 36.39 6.70
N ILE B 26 8.76 35.31 6.77
CA ILE B 26 7.30 35.40 6.85
C ILE B 26 6.95 35.76 8.28
N ASN B 27 5.95 36.66 8.44
CA ASN B 27 5.36 37.07 9.71
C ASN B 27 4.17 36.10 9.90
N TYR B 28 4.33 35.08 10.75
CA TYR B 28 3.27 34.07 10.92
C TYR B 28 2.07 34.56 11.71
N VAL B 29 0.86 34.19 11.25
CA VAL B 29 -0.43 34.60 11.83
C VAL B 29 -1.42 33.45 11.93
N ALA B 30 -2.42 33.59 12.82
CA ALA B 30 -3.51 32.60 12.95
C ALA B 30 -4.45 32.68 11.70
N ARG B 31 -5.16 31.59 11.38
CA ARG B 31 -6.01 31.41 10.19
C ARG B 31 -7.05 32.54 9.93
N ASP B 32 -7.73 32.99 11.00
CA ASP B 32 -8.83 33.96 10.94
C ASP B 32 -8.44 35.42 11.22
N THR B 33 -7.16 35.77 11.06
CA THR B 33 -6.66 37.14 11.18
C THR B 33 -6.83 37.88 9.84
N ILE B 34 -7.07 37.12 8.76
CA ILE B 34 -7.17 37.64 7.39
C ILE B 34 -8.55 38.24 7.02
N LEU B 35 -9.62 37.44 7.17
CA LEU B 35 -10.95 37.82 6.74
C LEU B 35 -12.02 37.16 7.60
N GLU B 36 -13.25 37.73 7.57
CA GLU B 36 -14.49 37.28 8.23
C GLU B 36 -15.71 37.78 7.38
N PHE B 37 -16.88 37.11 7.51
CA PHE B 37 -18.10 37.46 6.78
C PHE B 37 -19.06 38.15 7.77
N LYS B 38 -19.18 39.48 7.63
CA LYS B 38 -20.02 40.30 8.51
C LYS B 38 -20.59 41.50 7.75
N ALA B 39 -21.84 41.88 8.09
CA ALA B 39 -22.51 43.03 7.49
C ALA B 39 -21.98 44.30 8.19
N LEU B 40 -21.51 45.29 7.42
CA LEU B 40 -20.96 46.53 7.98
C LEU B 40 -22.02 47.64 8.05
N PRO B 41 -21.90 48.64 8.99
CA PRO B 41 -22.94 49.69 9.08
C PRO B 41 -23.12 50.47 7.77
N SER B 42 -22.02 50.94 7.17
CA SER B 42 -22.00 51.69 5.93
C SER B 42 -20.88 51.25 5.00
N TYR B 43 -21.08 51.46 3.69
CA TYR B 43 -20.14 51.05 2.63
C TYR B 43 -19.63 52.23 1.80
N SER B 44 -18.43 52.08 1.18
CA SER B 44 -17.74 53.11 0.38
C SER B 44 -17.20 52.53 -0.94
N GLU B 45 -16.86 53.43 -1.91
CA GLU B 45 -16.36 53.12 -3.26
C GLU B 45 -15.69 54.36 -3.94
N PRO B 46 -15.02 54.20 -5.11
CA PRO B 46 -14.45 55.37 -5.80
C PRO B 46 -15.53 56.37 -6.21
N ASP B 47 -15.32 57.64 -5.83
CA ASP B 47 -16.21 58.79 -5.99
C ASP B 47 -16.81 58.97 -7.38
N TRP B 48 -16.07 58.58 -8.42
CA TRP B 48 -16.53 58.65 -9.79
C TRP B 48 -17.62 57.62 -10.08
N ILE B 49 -17.63 56.49 -9.37
CA ILE B 49 -18.68 55.49 -9.58
C ILE B 49 -20.03 56.09 -9.13
N THR B 50 -20.04 56.76 -7.98
CA THR B 50 -21.21 57.40 -7.38
C THR B 50 -21.66 58.63 -8.17
N GLU B 51 -20.70 59.43 -8.64
CA GLU B 51 -21.03 60.65 -9.37
C GLU B 51 -21.33 60.43 -10.86
N LYS B 52 -20.47 59.67 -11.56
CA LYS B 52 -20.55 59.48 -13.02
C LYS B 52 -21.36 58.27 -13.47
N PHE B 53 -21.78 57.38 -12.53
CA PHE B 53 -22.54 56.18 -12.89
C PHE B 53 -23.85 56.02 -12.09
N GLU B 54 -23.79 56.11 -10.75
CA GLU B 54 -24.98 55.98 -9.89
C GLU B 54 -25.97 57.13 -10.11
N LYS B 55 -25.48 58.39 -10.09
CA LYS B 55 -26.26 59.62 -10.28
C LYS B 55 -26.76 59.77 -11.72
N ALA B 56 -26.01 59.18 -12.69
CA ALA B 56 -26.32 59.17 -14.13
C ALA B 56 -27.32 58.04 -14.47
N GLY B 57 -27.58 57.19 -13.48
CA GLY B 57 -28.50 56.05 -13.60
C GLY B 57 -27.77 54.72 -13.62
N LYS B 58 -26.81 54.58 -14.56
CA LYS B 58 -25.93 53.46 -14.98
C LYS B 58 -25.63 52.32 -13.99
N LEU B 59 -25.66 52.55 -12.66
CA LEU B 59 -25.36 51.48 -11.69
C LEU B 59 -26.24 51.50 -10.45
N PRO B 60 -26.63 50.33 -9.86
CA PRO B 60 -27.40 50.35 -8.60
C PRO B 60 -26.53 50.88 -7.44
N PRO B 61 -27.12 51.43 -6.34
CA PRO B 61 -26.28 51.88 -5.22
C PRO B 61 -25.49 50.70 -4.65
N LEU B 62 -24.29 50.97 -4.14
CA LEU B 62 -23.36 49.95 -3.61
C LEU B 62 -24.00 48.88 -2.73
N LYS B 63 -24.85 49.27 -1.77
CA LYS B 63 -25.54 48.39 -0.82
C LYS B 63 -26.30 47.22 -1.49
N GLU B 64 -26.93 47.48 -2.64
CA GLU B 64 -27.67 46.46 -3.41
C GLU B 64 -26.72 45.58 -4.18
N ARG B 65 -25.61 46.14 -4.69
CA ARG B 65 -24.58 45.42 -5.46
C ARG B 65 -23.82 44.40 -4.63
N LEU B 66 -23.69 44.65 -3.32
CA LEU B 66 -22.99 43.80 -2.37
C LEU B 66 -23.91 42.80 -1.70
N PRO B 67 -23.39 41.63 -1.24
CA PRO B 67 -24.24 40.68 -0.48
C PRO B 67 -24.65 41.24 0.89
N GLU B 68 -25.56 40.55 1.62
CA GLU B 68 -25.96 40.98 2.97
C GLU B 68 -24.71 40.92 3.86
N GLU B 69 -23.94 39.83 3.75
CA GLU B 69 -22.70 39.64 4.49
C GLU B 69 -21.57 39.49 3.50
N PRO B 70 -20.86 40.60 3.20
CA PRO B 70 -19.71 40.50 2.27
C PRO B 70 -18.46 39.93 2.96
N LEU B 71 -17.40 39.69 2.15
CA LEU B 71 -16.11 39.22 2.65
C LEU B 71 -15.36 40.45 3.18
N VAL B 72 -15.11 40.50 4.50
CA VAL B 72 -14.46 41.66 5.12
C VAL B 72 -13.01 41.34 5.43
N TYR B 73 -12.06 42.06 4.80
CA TYR B 73 -10.64 41.87 5.05
C TYR B 73 -10.25 42.61 6.30
N LYS B 74 -9.67 41.90 7.27
CA LYS B 74 -9.27 42.49 8.53
C LYS B 74 -8.03 43.34 8.30
N THR B 75 -7.99 44.54 8.90
CA THR B 75 -6.88 45.49 8.69
C THR B 75 -5.63 45.08 9.49
N GLY B 76 -5.80 44.31 10.58
CA GLY B 76 -4.69 43.79 11.38
C GLY B 76 -3.68 42.99 10.56
N ASN B 77 -4.20 42.18 9.60
CA ASN B 77 -3.43 41.37 8.65
C ASN B 77 -3.01 42.18 7.42
N MET B 78 -3.38 43.47 7.32
CA MET B 78 -2.90 44.25 6.16
C MET B 78 -1.49 44.80 6.51
N PRO B 79 -0.42 44.43 5.74
CA PRO B 79 0.95 44.90 6.06
C PRO B 79 1.15 46.43 6.17
N ASP B 80 0.30 47.25 5.53
CA ASP B 80 0.46 48.70 5.53
C ASP B 80 -0.84 49.40 5.99
N GLY B 81 -1.85 48.58 6.29
CA GLY B 81 -3.14 49.03 6.79
C GLY B 81 -4.16 49.19 5.69
N VAL B 82 -5.29 49.82 6.02
CA VAL B 82 -6.38 50.07 5.09
C VAL B 82 -5.91 51.04 3.98
N GLY B 83 -6.35 50.82 2.75
CA GLY B 83 -5.90 51.60 1.63
C GLY B 83 -6.79 52.67 1.03
N VAL B 84 -6.36 53.12 -0.12
CA VAL B 84 -6.94 54.14 -1.00
C VAL B 84 -7.04 53.55 -2.40
N TYR B 85 -8.04 53.98 -3.15
CA TYR B 85 -8.33 53.63 -4.54
C TYR B 85 -7.43 54.35 -5.52
N GLY B 86 -7.18 53.74 -6.68
CA GLY B 86 -6.38 54.33 -7.73
C GLY B 86 -5.20 53.48 -8.17
N ASP B 87 -4.71 53.75 -9.43
CA ASP B 87 -3.56 53.11 -10.09
C ASP B 87 -3.94 51.82 -10.87
N THR B 88 -2.93 51.10 -11.36
CA THR B 88 -2.95 49.94 -12.25
C THR B 88 -1.91 48.93 -11.81
N MET B 89 -2.20 47.62 -11.91
CA MET B 89 -1.15 46.62 -11.68
C MET B 89 -0.77 46.13 -13.08
N ARG B 90 0.47 46.43 -13.53
CA ARG B 90 0.98 46.06 -14.84
C ARG B 90 1.73 44.75 -14.84
N HIS B 91 1.14 43.74 -15.48
CA HIS B 91 1.74 42.41 -15.62
C HIS B 91 2.25 42.22 -17.02
N VAL B 92 3.22 41.34 -17.15
CA VAL B 92 3.87 40.92 -18.37
C VAL B 92 3.78 39.39 -18.31
N VAL B 93 3.15 38.80 -19.32
CA VAL B 93 2.98 37.34 -19.38
C VAL B 93 3.68 36.80 -20.63
N GLY B 94 4.06 35.52 -20.57
CA GLY B 94 4.72 34.80 -21.66
C GLY B 94 3.76 33.88 -22.37
N GLY B 95 2.55 33.83 -21.87
CA GLY B 95 1.44 33.07 -22.42
C GLY B 95 0.56 33.91 -23.32
N ARG B 96 -0.35 33.23 -24.01
CA ARG B 96 -1.34 33.82 -24.90
C ARG B 96 -2.72 33.24 -24.55
N PRO B 97 -3.81 34.03 -24.67
CA PRO B 97 -5.16 33.48 -24.39
C PRO B 97 -5.71 32.59 -25.51
N GLU B 98 -6.47 31.55 -25.16
CA GLU B 98 -7.17 30.64 -26.08
C GLU B 98 -8.64 31.08 -26.13
N GLY B 99 -9.16 31.52 -24.99
CA GLY B 99 -10.51 32.03 -24.81
C GLY B 99 -10.84 32.31 -23.37
N TRP B 100 -12.14 32.47 -23.04
CA TRP B 100 -12.56 32.76 -21.67
C TRP B 100 -13.23 31.58 -20.96
N ASN B 101 -13.35 30.40 -21.62
CA ASN B 101 -13.95 29.22 -20.99
C ASN B 101 -12.91 28.37 -20.25
N TYR B 102 -12.66 28.74 -18.99
CA TYR B 102 -11.71 28.14 -18.06
C TYR B 102 -12.11 26.71 -17.72
N ILE B 103 -13.41 26.51 -17.45
CA ILE B 103 -13.94 25.22 -17.03
C ILE B 103 -13.93 24.18 -18.16
N ALA B 104 -13.85 24.63 -19.43
CA ALA B 104 -13.76 23.75 -20.59
C ALA B 104 -12.29 23.43 -20.99
N GLY B 105 -11.34 24.00 -20.26
CA GLY B 105 -9.90 23.78 -20.47
C GLY B 105 -9.15 24.81 -21.29
N GLN B 106 -9.68 26.05 -21.39
CA GLN B 106 -9.01 27.11 -22.10
C GLN B 106 -8.06 27.93 -21.20
N SER B 107 -6.85 28.19 -21.71
CA SER B 107 -5.86 29.02 -21.03
C SER B 107 -6.14 30.48 -21.37
N GLN B 108 -5.95 31.36 -20.38
CA GLN B 108 -6.14 32.79 -20.54
C GLN B 108 -4.81 33.48 -20.69
N GLY B 109 -3.74 32.67 -20.61
CA GLY B 109 -2.35 33.09 -20.78
C GLY B 109 -1.47 33.02 -19.55
N TRP B 110 -2.04 32.65 -18.38
CA TRP B 110 -1.32 32.47 -17.13
C TRP B 110 -0.81 33.81 -16.57
N GLY B 111 0.25 33.79 -15.77
CA GLY B 111 0.82 35.00 -15.18
C GLY B 111 -0.13 35.82 -14.31
N GLY B 112 -1.11 35.13 -13.72
CA GLY B 112 -2.11 35.67 -12.81
C GLY B 112 -3.43 36.06 -13.43
N ILE B 113 -3.60 35.84 -14.75
CA ILE B 113 -4.81 36.25 -15.44
C ILE B 113 -6.00 35.38 -15.05
N ASP B 114 -5.85 34.05 -15.04
CA ASP B 114 -6.95 33.16 -14.68
C ASP B 114 -7.20 33.11 -13.15
N ILE B 115 -6.16 33.47 -12.37
CA ILE B 115 -6.23 33.57 -10.91
C ILE B 115 -7.13 34.79 -10.51
N ALA B 116 -6.92 35.94 -11.20
CA ALA B 116 -7.60 37.21 -11.00
C ALA B 116 -9.05 37.20 -11.48
N LEU B 117 -9.44 36.16 -12.24
CA LEU B 117 -10.79 36.04 -12.77
C LEU B 117 -11.53 34.92 -12.05
N SER B 118 -11.00 33.69 -12.14
CA SER B 118 -11.64 32.51 -11.59
C SER B 118 -11.35 32.29 -10.11
N GLU B 119 -12.34 32.67 -9.30
CA GLU B 119 -12.39 32.54 -7.84
C GLU B 119 -13.03 31.19 -7.52
N CYS B 120 -12.67 30.62 -6.39
CA CYS B 120 -13.10 29.26 -6.02
C CYS B 120 -13.93 29.18 -4.73
N LEU B 121 -14.32 27.94 -4.33
CA LEU B 121 -15.06 27.70 -3.09
C LEU B 121 -14.23 28.09 -1.88
N THR B 122 -12.96 27.70 -1.88
CA THR B 122 -12.00 28.06 -0.83
C THR B 122 -10.80 28.83 -1.43
N ARG B 123 -9.87 29.26 -0.56
CA ARG B 123 -8.62 29.95 -0.91
C ARG B 123 -7.49 29.45 -0.01
N THR B 124 -6.33 29.13 -0.61
CA THR B 124 -5.18 28.53 0.07
C THR B 124 -3.86 29.29 -0.07
N ALA B 125 -3.65 29.98 -1.20
CA ALA B 125 -2.40 30.70 -1.45
C ALA B 125 -1.94 31.60 -0.30
N PRO B 126 -2.81 32.39 0.37
CA PRO B 126 -2.34 33.19 1.50
C PRO B 126 -2.01 32.37 2.77
N LEU B 127 -2.20 31.01 2.78
CA LEU B 127 -1.90 30.18 3.96
C LEU B 127 -0.40 29.96 4.18
N PHE B 128 0.47 30.66 3.40
CA PHE B 128 1.93 30.57 3.56
C PHE B 128 2.29 31.20 4.88
N GLN B 129 1.41 32.11 5.37
CA GLN B 129 1.63 32.84 6.60
C GLN B 129 1.01 32.20 7.84
N VAL B 130 0.28 31.08 7.71
CA VAL B 130 -0.22 30.35 8.90
C VAL B 130 0.77 29.20 9.15
N ASP B 131 1.25 29.03 10.38
CA ASP B 131 2.22 27.96 10.68
C ASP B 131 1.54 26.68 11.21
N ALA B 132 0.32 26.86 11.81
CA ALA B 132 -0.54 25.86 12.48
C ALA B 132 -0.69 24.48 11.77
N LYS B 133 -0.91 23.44 12.61
CA LYS B 133 -1.06 22.03 12.27
C LYS B 133 -2.41 21.77 11.62
N ASP B 134 -2.38 21.27 10.34
CA ASP B 134 -3.47 21.00 9.39
C ASP B 134 -4.44 22.22 9.29
N THR B 135 -3.96 23.30 8.60
CA THR B 135 -4.70 24.57 8.42
C THR B 135 -5.93 24.37 7.55
N GLU B 136 -7.05 25.00 7.93
CA GLU B 136 -8.25 24.92 7.14
C GLU B 136 -8.16 26.00 6.03
N PRO B 137 -8.49 25.67 4.74
CA PRO B 137 -8.45 26.70 3.69
C PRO B 137 -9.44 27.83 4.02
N LEU B 138 -9.12 29.06 3.56
CA LEU B 138 -9.97 30.21 3.86
C LEU B 138 -11.28 30.15 3.11
N PRO B 139 -12.42 30.52 3.76
CA PRO B 139 -13.69 30.55 3.03
C PRO B 139 -13.73 31.63 1.91
N ASN B 140 -13.76 31.22 0.63
CA ASN B 140 -13.84 32.17 -0.50
C ASN B 140 -15.35 32.28 -0.91
N LEU B 141 -15.78 31.61 -2.01
CA LEU B 141 -17.17 31.65 -2.46
C LEU B 141 -18.12 30.87 -1.55
N ALA B 142 -17.57 29.90 -0.80
CA ALA B 142 -18.28 29.13 0.23
C ALA B 142 -17.86 29.81 1.52
N LYS B 143 -18.79 30.49 2.20
CA LYS B 143 -18.47 31.24 3.42
C LYS B 143 -18.22 30.35 4.65
N SER B 144 -18.90 29.19 4.76
CA SER B 144 -18.78 28.26 5.90
C SER B 144 -19.14 26.81 5.53
N TRP B 145 -18.80 25.86 6.42
CA TRP B 145 -19.06 24.42 6.27
C TRP B 145 -19.04 23.65 7.61
N GLU B 146 -19.87 22.60 7.69
CA GLU B 146 -19.95 21.75 8.89
C GLU B 146 -19.82 20.29 8.48
N TRP B 147 -19.18 19.46 9.34
CA TRP B 147 -19.04 18.03 9.13
C TRP B 147 -20.03 17.30 10.03
N SER B 148 -20.59 16.19 9.53
CA SER B 148 -21.52 15.34 10.27
C SER B 148 -20.75 14.53 11.32
N GLU B 149 -21.45 14.00 12.36
CA GLU B 149 -20.86 13.21 13.45
C GLU B 149 -20.02 12.00 12.99
N ASP B 150 -20.28 11.49 11.76
CA ASP B 150 -19.59 10.36 11.13
C ASP B 150 -18.39 10.77 10.27
N GLY B 151 -18.52 11.88 9.55
CA GLY B 151 -17.48 12.43 8.69
C GLY B 151 -17.68 12.20 7.20
N HIS B 152 -18.87 11.73 6.82
CA HIS B 152 -19.14 11.49 5.42
C HIS B 152 -19.79 12.68 4.72
N THR B 153 -20.45 13.59 5.47
CA THR B 153 -21.17 14.71 4.86
C THR B 153 -20.64 16.12 5.22
N LEU B 154 -20.35 16.93 4.16
CA LEU B 154 -19.96 18.34 4.29
C LEU B 154 -21.06 19.25 3.74
N THR B 155 -21.75 19.94 4.67
CA THR B 155 -22.80 20.93 4.40
C THR B 155 -22.05 22.25 4.16
N MET B 156 -22.12 22.76 2.93
CA MET B 156 -21.41 23.98 2.56
C MET B 156 -22.36 25.14 2.37
N HIS B 157 -22.10 26.26 3.07
CA HIS B 157 -22.90 27.47 2.99
C HIS B 157 -22.16 28.50 2.13
N LEU B 158 -22.75 28.84 0.98
CA LEU B 158 -22.20 29.78 0.02
C LEU B 158 -22.45 31.22 0.45
N VAL B 159 -21.76 32.19 -0.18
CA VAL B 159 -21.97 33.61 0.10
C VAL B 159 -23.37 34.02 -0.43
N LYS B 160 -24.21 34.53 0.48
CA LYS B 160 -25.58 34.90 0.18
C LYS B 160 -25.71 36.35 -0.27
N GLY B 161 -25.96 36.54 -1.58
CA GLY B 161 -26.20 37.85 -2.16
C GLY B 161 -25.20 38.36 -3.18
N ALA B 162 -24.12 37.62 -3.43
CA ALA B 162 -23.13 38.04 -4.41
C ALA B 162 -23.70 37.91 -5.83
N LYS B 163 -23.22 38.78 -6.74
CA LYS B 163 -23.62 38.85 -8.14
C LYS B 163 -22.39 38.69 -9.04
N TRP B 164 -22.59 38.25 -10.30
CA TRP B 164 -21.52 38.16 -11.31
C TRP B 164 -21.22 39.58 -11.76
N SER B 165 -20.06 39.79 -12.38
CA SER B 165 -19.62 41.11 -12.86
C SER B 165 -20.60 41.78 -13.85
N ASP B 166 -21.62 41.03 -14.30
CA ASP B 166 -22.64 41.51 -15.21
C ASP B 166 -23.98 41.84 -14.49
N GLY B 167 -24.11 41.39 -13.24
CA GLY B 167 -25.30 41.64 -12.43
C GLY B 167 -26.13 40.44 -12.01
N GLU B 168 -26.04 39.30 -12.75
CA GLU B 168 -26.79 38.07 -12.47
C GLU B 168 -26.28 37.44 -11.19
N ALA B 169 -27.20 36.96 -10.34
CA ALA B 169 -26.88 36.38 -9.03
C ALA B 169 -25.90 35.22 -9.04
N PHE B 170 -25.07 35.13 -7.99
CA PHE B 170 -24.17 34.00 -7.79
C PHE B 170 -24.87 33.08 -6.79
N ASN B 171 -25.09 31.82 -7.19
CA ASN B 171 -25.74 30.83 -6.36
C ASN B 171 -25.29 29.40 -6.68
N ALA B 172 -25.96 28.41 -6.06
CA ALA B 172 -25.72 26.97 -6.19
C ALA B 172 -25.79 26.46 -7.62
N ASP B 173 -26.61 27.08 -8.48
CA ASP B 173 -26.75 26.73 -9.90
C ASP B 173 -25.41 26.80 -10.65
N ASP B 174 -24.48 27.66 -10.17
CA ASP B 174 -23.14 27.84 -10.74
C ASP B 174 -22.19 26.76 -10.21
N VAL B 175 -22.31 26.44 -8.91
CA VAL B 175 -21.53 25.41 -8.22
C VAL B 175 -21.95 24.02 -8.76
N MET B 176 -23.27 23.81 -8.96
CA MET B 176 -23.86 22.58 -9.50
C MET B 176 -23.50 22.39 -10.96
N PHE B 177 -23.54 23.48 -11.74
CA PHE B 177 -23.23 23.45 -13.17
C PHE B 177 -21.80 23.00 -13.39
N TYR B 178 -20.86 23.48 -12.56
CA TYR B 178 -19.45 23.10 -12.64
C TYR B 178 -19.26 21.63 -12.26
N TRP B 179 -19.85 21.19 -11.12
CA TRP B 179 -19.73 19.83 -10.62
C TRP B 179 -20.33 18.77 -11.56
N GLU B 180 -21.50 19.04 -12.12
CA GLU B 180 -22.18 18.08 -12.99
C GLU B 180 -21.73 18.17 -14.47
N ASP B 181 -21.76 19.39 -15.01
CA ASP B 181 -21.53 19.64 -16.44
C ASP B 181 -20.06 19.91 -16.83
N ALA B 182 -19.10 19.82 -15.88
CA ALA B 182 -17.67 19.99 -16.20
C ALA B 182 -16.83 18.87 -15.58
N VAL B 183 -16.83 18.80 -14.24
CA VAL B 183 -16.09 17.81 -13.47
C VAL B 183 -16.52 16.37 -13.78
N VAL B 184 -17.80 16.02 -13.49
CA VAL B 184 -18.35 14.69 -13.69
C VAL B 184 -18.40 14.34 -15.18
N ASP B 185 -18.94 15.24 -16.01
CA ASP B 185 -19.04 15.15 -17.48
C ASP B 185 -17.67 14.76 -18.07
N PRO B 186 -17.52 13.54 -18.64
CA PRO B 186 -16.20 13.11 -19.12
C PRO B 186 -15.62 13.87 -20.31
N ASN B 187 -16.48 14.58 -21.06
CA ASN B 187 -16.11 15.33 -22.27
C ASN B 187 -15.66 16.76 -22.02
N VAL B 188 -15.92 17.31 -20.81
CA VAL B 188 -15.44 18.62 -20.41
C VAL B 188 -14.22 18.40 -19.54
N SER B 189 -13.17 19.20 -19.76
CA SER B 189 -11.91 19.10 -19.03
C SER B 189 -11.46 20.47 -18.45
N PRO B 190 -11.72 20.78 -17.15
CA PRO B 190 -11.26 22.07 -16.58
C PRO B 190 -9.76 22.34 -16.72
N LEU B 191 -9.37 23.63 -16.87
CA LEU B 191 -7.98 24.09 -17.03
C LEU B 191 -7.10 23.75 -15.84
N GLY B 192 -6.01 23.05 -16.13
CA GLY B 192 -5.02 22.61 -15.13
C GLY B 192 -4.68 21.14 -15.21
N GLY B 193 -5.58 20.35 -15.79
CA GLY B 193 -5.47 18.90 -15.96
C GLY B 193 -5.57 18.05 -14.70
N GLY B 194 -6.40 18.47 -13.71
CA GLY B 194 -6.57 17.75 -12.45
C GLY B 194 -7.92 17.85 -11.73
N ALA B 195 -8.98 18.27 -12.42
CA ALA B 195 -10.30 18.40 -11.79
C ALA B 195 -11.25 17.28 -12.24
N SER B 196 -10.74 16.03 -12.17
CA SER B 196 -11.45 14.82 -12.50
C SER B 196 -12.36 14.45 -11.30
N PRO B 197 -13.43 13.63 -11.47
CA PRO B 197 -14.31 13.33 -10.31
C PRO B 197 -13.62 12.76 -9.06
N GLU B 198 -12.61 11.89 -9.25
CA GLU B 198 -11.89 11.23 -8.16
C GLU B 198 -10.93 12.15 -7.40
N ALA B 199 -10.62 13.35 -7.97
CA ALA B 199 -9.77 14.37 -7.31
C ALA B 199 -10.37 14.73 -5.94
N PHE B 200 -11.71 14.58 -5.83
CA PHE B 200 -12.55 14.87 -4.68
C PHE B 200 -12.95 13.60 -3.91
N GLY B 201 -12.32 12.48 -4.28
CA GLY B 201 -12.57 11.17 -3.68
C GLY B 201 -13.36 10.28 -4.62
N GLU B 202 -13.05 8.97 -4.64
CA GLU B 202 -13.78 8.00 -5.47
C GLU B 202 -15.19 7.79 -4.92
N GLY B 203 -16.18 8.00 -5.78
CA GLY B 203 -17.60 7.87 -5.44
C GLY B 203 -18.15 9.00 -4.61
N THR B 204 -17.51 10.18 -4.71
CA THR B 204 -17.91 11.42 -4.02
C THR B 204 -18.95 12.15 -4.86
N THR B 205 -20.06 12.50 -4.23
CA THR B 205 -21.19 13.19 -4.84
C THR B 205 -21.38 14.58 -4.20
N LEU B 206 -22.09 15.47 -4.91
CA LEU B 206 -22.46 16.82 -4.49
C LEU B 206 -23.91 17.07 -4.96
N LYS B 207 -24.71 17.75 -4.11
CA LYS B 207 -26.14 18.00 -4.38
C LYS B 207 -26.62 19.29 -3.72
N LYS B 208 -27.43 20.06 -4.47
CA LYS B 208 -28.02 21.32 -4.01
C LYS B 208 -29.03 21.07 -2.91
N ILE B 209 -29.03 21.90 -1.87
CA ILE B 209 -30.00 21.85 -0.78
C ILE B 209 -31.00 22.97 -1.10
N ASP B 210 -30.55 24.22 -0.95
CA ASP B 210 -31.24 25.44 -1.33
C ASP B 210 -30.25 26.24 -2.19
N ASP B 211 -30.63 27.43 -2.68
CA ASP B 211 -29.75 28.25 -3.54
C ASP B 211 -28.42 28.68 -2.88
N TYR B 212 -28.33 28.70 -1.55
CA TYR B 212 -27.11 29.11 -0.87
C TYR B 212 -26.51 28.01 0.02
N THR B 213 -26.98 26.75 -0.17
CA THR B 213 -26.48 25.55 0.52
C THR B 213 -26.32 24.36 -0.43
N VAL B 214 -25.12 23.77 -0.42
CA VAL B 214 -24.74 22.59 -1.21
C VAL B 214 -24.21 21.50 -0.25
N GLU B 215 -24.39 20.23 -0.60
CA GLU B 215 -23.99 19.12 0.27
C GLU B 215 -23.10 18.08 -0.40
N TRP B 216 -21.91 17.86 0.18
CA TRP B 216 -20.95 16.87 -0.28
C TRP B 216 -21.14 15.55 0.44
N THR B 217 -20.90 14.44 -0.26
CA THR B 217 -21.01 13.12 0.34
C THR B 217 -19.76 12.35 -0.02
N PHE B 218 -18.93 12.05 0.98
CA PHE B 218 -17.65 11.35 0.83
C PHE B 218 -17.71 9.91 1.31
N LYS B 219 -16.96 9.02 0.64
CA LYS B 219 -16.85 7.60 0.96
C LYS B 219 -16.00 7.40 2.23
N ALA B 220 -15.06 8.34 2.48
CA ALA B 220 -14.16 8.32 3.64
C ALA B 220 -14.66 9.22 4.78
N ALA B 221 -14.23 8.92 6.01
CA ALA B 221 -14.61 9.68 7.20
C ALA B 221 -13.65 10.86 7.38
N PHE B 222 -14.22 12.09 7.43
CA PHE B 222 -13.57 13.41 7.51
C PHE B 222 -12.37 13.55 6.55
N PRO B 223 -12.54 13.38 5.20
CA PRO B 223 -11.39 13.54 4.30
C PRO B 223 -11.13 15.02 3.98
N LYS B 224 -10.96 15.82 5.07
CA LYS B 224 -10.72 17.27 5.16
C LYS B 224 -9.71 17.85 4.15
N GLN B 225 -8.82 16.99 3.61
CA GLN B 225 -7.81 17.40 2.62
C GLN B 225 -8.39 17.85 1.27
N TYR B 226 -9.66 17.46 1.00
CA TYR B 226 -10.38 17.83 -0.20
C TYR B 226 -10.81 19.28 -0.22
N LEU B 227 -10.86 19.98 0.94
CA LEU B 227 -11.20 21.40 1.00
C LEU B 227 -10.17 22.27 0.27
N TYR B 228 -8.94 21.75 0.12
CA TYR B 228 -7.85 22.37 -0.63
C TYR B 228 -8.09 22.17 -2.16
N THR B 229 -8.65 21.01 -2.56
CA THR B 229 -8.99 20.70 -3.96
C THR B 229 -10.17 21.60 -4.39
N MET B 230 -10.97 22.07 -3.40
CA MET B 230 -12.05 23.02 -3.61
C MET B 230 -11.52 24.48 -3.88
N ALA B 231 -10.19 24.69 -3.74
CA ALA B 231 -9.56 25.95 -4.06
C ALA B 231 -9.00 25.86 -5.51
N TYR B 232 -8.21 26.86 -5.97
CA TYR B 232 -7.61 26.94 -7.31
C TYR B 232 -6.54 25.83 -7.49
N PRO B 233 -6.47 25.15 -8.66
CA PRO B 233 -7.25 25.37 -9.88
C PRO B 233 -8.55 24.57 -10.07
N SER B 234 -8.76 23.54 -9.24
CA SER B 234 -9.77 22.52 -9.40
C SER B 234 -11.24 22.90 -9.11
N PHE B 235 -11.56 23.90 -8.29
CA PHE B 235 -13.01 24.20 -8.14
C PHE B 235 -13.32 25.66 -8.39
N CYS B 236 -13.30 26.05 -9.69
CA CYS B 236 -13.55 27.42 -10.13
C CYS B 236 -14.88 27.52 -10.92
N PRO B 237 -16.01 27.87 -10.25
CA PRO B 237 -17.29 28.01 -10.98
C PRO B 237 -17.25 29.15 -12.00
N GLY B 238 -17.90 28.94 -13.14
CA GLY B 238 -17.99 29.90 -14.24
C GLY B 238 -19.38 30.48 -14.40
N PRO B 239 -19.58 31.49 -15.30
CA PRO B 239 -20.92 32.08 -15.44
C PRO B 239 -21.93 31.12 -16.08
N SER B 240 -22.60 30.30 -15.25
CA SER B 240 -23.59 29.31 -15.70
C SER B 240 -24.71 29.89 -16.57
N HIS B 241 -25.15 31.14 -16.33
CA HIS B 241 -26.20 31.79 -17.16
C HIS B 241 -25.73 32.11 -18.59
N ILE B 242 -24.40 32.09 -18.82
CA ILE B 242 -23.75 32.34 -20.10
C ILE B 242 -23.29 30.99 -20.70
N LEU B 243 -22.69 30.13 -19.86
CA LEU B 243 -22.12 28.83 -20.22
C LEU B 243 -23.14 27.71 -20.46
N LYS B 244 -24.22 27.64 -19.64
CA LYS B 244 -25.29 26.63 -19.74
C LYS B 244 -25.97 26.64 -21.13
N PRO B 245 -26.40 27.79 -21.72
CA PRO B 245 -27.02 27.73 -23.06
C PRO B 245 -26.08 27.28 -24.19
N GLN B 246 -24.77 27.22 -23.91
CA GLN B 246 -23.74 26.79 -24.86
C GLN B 246 -23.34 25.32 -24.66
N HIS B 247 -23.74 24.72 -23.53
CA HIS B 247 -23.42 23.34 -23.19
C HIS B 247 -24.12 22.27 -24.06
N PRO B 248 -23.40 21.20 -24.50
CA PRO B 248 -24.03 20.15 -25.32
C PRO B 248 -25.16 19.37 -24.65
N LYS B 249 -25.10 19.22 -23.31
CA LYS B 249 -26.14 18.53 -22.53
C LYS B 249 -27.39 19.43 -22.46
N TYR B 250 -27.23 20.74 -22.78
CA TYR B 250 -28.28 21.75 -22.72
C TYR B 250 -28.60 22.43 -24.09
N SER B 251 -27.86 22.07 -25.19
CA SER B 251 -28.02 22.64 -26.55
C SER B 251 -27.55 21.73 -27.70
N LYS B 252 -27.50 22.26 -28.94
CA LYS B 252 -27.09 21.51 -30.13
C LYS B 252 -25.61 21.77 -30.53
N ASN B 253 -24.78 22.12 -29.52
CA ASN B 253 -23.34 22.39 -29.64
C ASN B 253 -22.55 21.12 -29.39
N THR B 254 -21.37 20.99 -30.04
CA THR B 254 -20.45 19.87 -29.79
C THR B 254 -19.66 20.24 -28.53
N TYR B 255 -18.79 19.33 -28.04
CA TYR B 255 -17.95 19.62 -26.87
C TYR B 255 -16.71 20.51 -27.23
N ASN B 256 -16.43 20.69 -28.53
CA ASN B 256 -15.38 21.57 -29.03
C ASN B 256 -15.99 22.95 -29.30
N GLN B 257 -17.27 22.98 -29.74
CA GLN B 257 -18.01 24.22 -30.00
C GLN B 257 -18.24 24.97 -28.67
N PHE B 258 -18.60 24.23 -27.60
CA PHE B 258 -18.78 24.72 -26.24
C PHE B 258 -17.46 25.27 -25.70
N LYS B 259 -16.34 24.52 -25.92
CA LYS B 259 -14.99 24.85 -25.47
C LYS B 259 -14.52 26.18 -26.05
N ASN B 260 -14.75 26.36 -27.36
CA ASN B 260 -14.35 27.54 -28.11
C ASN B 260 -15.51 28.53 -28.34
N ALA B 261 -16.55 28.47 -27.48
CA ALA B 261 -17.74 29.35 -27.58
C ALA B 261 -17.45 30.81 -27.29
N PHE B 262 -16.41 31.07 -26.48
CA PHE B 262 -16.05 32.42 -26.10
C PHE B 262 -14.59 32.72 -26.46
N PRO B 263 -14.37 33.20 -27.72
CA PRO B 263 -12.99 33.51 -28.16
C PRO B 263 -12.36 34.69 -27.39
N PRO B 264 -11.02 34.85 -27.39
CA PRO B 264 -10.41 35.99 -26.66
C PRO B 264 -10.95 37.39 -27.00
N GLU B 265 -11.51 37.56 -28.22
CA GLU B 265 -12.09 38.80 -28.73
C GLU B 265 -13.43 39.11 -28.03
N TYR B 266 -14.16 38.05 -27.60
CA TYR B 266 -15.43 38.15 -26.86
C TYR B 266 -15.10 38.89 -25.56
N MET B 267 -15.75 40.03 -25.31
CA MET B 267 -15.41 40.85 -24.14
C MET B 267 -16.44 40.82 -23.00
N ASN B 268 -16.02 41.37 -21.85
CA ASN B 268 -16.77 41.56 -20.60
C ASN B 268 -17.41 40.28 -20.07
N MET B 269 -16.67 39.15 -20.10
CA MET B 269 -17.10 37.82 -19.62
C MET B 269 -17.43 37.86 -18.09
N PRO B 270 -18.63 37.40 -17.64
CA PRO B 270 -18.95 37.45 -16.19
C PRO B 270 -18.03 36.64 -15.30
N VAL B 271 -17.49 37.33 -14.29
CA VAL B 271 -16.54 36.80 -13.32
C VAL B 271 -16.95 37.08 -11.87
N MET B 272 -16.37 36.30 -10.96
CA MET B 272 -16.52 36.48 -9.52
C MET B 272 -15.26 37.19 -8.98
N GLY B 273 -14.29 37.42 -9.88
CA GLY B 273 -13.02 38.11 -9.65
C GLY B 273 -13.14 39.63 -9.55
N ALA B 274 -12.07 40.28 -9.05
CA ALA B 274 -11.97 41.72 -8.80
C ALA B 274 -11.93 42.61 -10.08
N TRP B 275 -11.42 42.08 -11.20
CA TRP B 275 -11.36 42.78 -12.50
C TRP B 275 -11.96 41.91 -13.60
N VAL B 276 -12.36 42.54 -14.70
CA VAL B 276 -13.06 41.91 -15.84
C VAL B 276 -12.33 42.33 -17.15
N PRO B 277 -12.17 41.43 -18.14
CA PRO B 277 -11.50 41.84 -19.42
C PRO B 277 -12.38 42.75 -20.23
N VAL B 278 -11.86 43.94 -20.57
CA VAL B 278 -12.57 45.01 -21.32
C VAL B 278 -11.92 45.26 -22.68
N SER B 279 -10.64 44.87 -22.83
CA SER B 279 -9.87 45.08 -24.06
C SER B 279 -8.90 43.92 -24.31
N TYR B 280 -8.67 43.61 -25.58
CA TYR B 280 -7.73 42.57 -25.99
C TYR B 280 -7.15 42.92 -27.35
N ARG B 281 -5.83 42.79 -27.47
CA ARG B 281 -5.11 43.00 -28.72
C ARG B 281 -4.15 41.82 -28.89
N PRO B 282 -4.38 40.93 -29.89
CA PRO B 282 -3.49 39.76 -30.05
C PRO B 282 -2.00 40.09 -30.04
N ASP B 283 -1.22 39.25 -29.33
CA ASP B 283 0.23 39.34 -29.16
C ASP B 283 0.71 40.69 -28.57
N ASP B 284 -0.22 41.47 -28.00
CA ASP B 284 0.06 42.79 -27.43
C ASP B 284 -0.37 42.95 -25.96
N LEU B 285 -1.69 43.01 -25.70
CA LEU B 285 -2.17 43.35 -24.36
C LEU B 285 -3.64 42.98 -24.15
N ILE B 286 -3.99 42.65 -22.88
CA ILE B 286 -5.33 42.36 -22.36
C ILE B 286 -5.45 43.33 -21.18
N VAL B 287 -6.51 44.16 -21.17
CA VAL B 287 -6.79 45.13 -20.10
C VAL B 287 -8.03 44.71 -19.33
N LEU B 288 -7.93 44.73 -18.00
CA LEU B 288 -9.05 44.41 -17.13
C LEU B 288 -9.43 45.66 -16.29
N ARG B 289 -10.75 45.93 -16.11
CA ARG B 289 -11.29 47.02 -15.28
C ARG B 289 -11.99 46.48 -14.00
N ARG B 290 -11.86 47.21 -12.86
CA ARG B 290 -12.52 46.84 -11.59
C ARG B 290 -13.98 46.39 -11.81
N ASN B 291 -14.39 45.28 -11.14
CA ASN B 291 -15.72 44.66 -11.17
C ASN B 291 -16.65 45.40 -10.17
N PRO B 292 -17.74 46.05 -10.66
CA PRO B 292 -18.63 46.78 -9.73
C PRO B 292 -19.43 45.87 -8.79
N TYR B 293 -19.58 44.60 -9.16
CA TYR B 293 -20.29 43.59 -8.38
C TYR B 293 -19.37 42.69 -7.51
N TYR B 294 -18.11 43.16 -7.19
CA TYR B 294 -17.19 42.42 -6.33
C TYR B 294 -17.76 42.38 -4.91
N TRP B 295 -17.82 41.16 -4.34
CA TRP B 295 -18.39 40.75 -3.05
C TRP B 295 -17.44 40.91 -1.85
N LYS B 296 -16.23 41.49 -2.08
CA LYS B 296 -15.20 41.68 -1.04
C LYS B 296 -14.97 43.15 -0.70
N VAL B 297 -14.92 43.45 0.61
CA VAL B 297 -14.75 44.78 1.19
C VAL B 297 -13.71 44.74 2.32
N ASP B 298 -13.28 45.92 2.81
CA ASP B 298 -12.37 46.03 3.95
C ASP B 298 -13.18 46.46 5.21
N GLU B 299 -12.56 46.38 6.40
CA GLU B 299 -13.16 46.74 7.70
C GLU B 299 -13.84 48.13 7.74
N LYS B 300 -13.34 49.05 6.90
CA LYS B 300 -13.83 50.42 6.76
C LYS B 300 -15.06 50.55 5.83
N GLY B 301 -15.46 49.44 5.21
CA GLY B 301 -16.60 49.39 4.32
C GLY B 301 -16.27 49.70 2.88
N GLN B 302 -14.99 49.96 2.58
CA GLN B 302 -14.55 50.27 1.20
C GLN B 302 -14.60 49.01 0.33
N GLN B 303 -15.36 49.09 -0.78
CA GLN B 303 -15.56 47.99 -1.74
C GLN B 303 -14.30 47.83 -2.53
N LEU B 304 -13.69 46.66 -2.41
CA LEU B 304 -12.45 46.29 -3.08
C LEU B 304 -12.71 45.87 -4.52
N PRO B 305 -11.69 45.82 -5.41
CA PRO B 305 -10.27 46.16 -5.22
C PRO B 305 -9.99 47.68 -5.05
N TYR B 306 -8.74 48.04 -4.70
CA TYR B 306 -8.22 49.40 -4.59
C TYR B 306 -7.78 49.86 -5.99
N LEU B 307 -7.04 49.01 -6.75
CA LEU B 307 -6.58 49.28 -8.13
C LEU B 307 -7.74 49.13 -9.09
N ASN B 308 -7.93 50.12 -9.94
CA ASN B 308 -9.02 50.16 -10.90
C ASN B 308 -8.74 49.36 -12.15
N GLU B 309 -7.48 49.01 -12.42
CA GLU B 309 -7.06 48.38 -13.67
C GLU B 309 -5.87 47.42 -13.54
N VAL B 310 -5.89 46.33 -14.34
CA VAL B 310 -4.81 45.33 -14.49
C VAL B 310 -4.49 45.24 -15.96
N HIS B 311 -3.17 45.14 -16.28
CA HIS B 311 -2.63 44.96 -17.63
C HIS B 311 -1.93 43.65 -17.64
N TYR B 312 -2.00 42.92 -18.75
CA TYR B 312 -1.25 41.69 -19.00
C TYR B 312 -0.67 41.87 -20.37
N LYS B 313 0.61 42.24 -20.41
CA LYS B 313 1.34 42.40 -21.66
C LYS B 313 1.64 41.02 -22.24
N LEU B 314 1.30 40.83 -23.51
CA LEU B 314 1.54 39.58 -24.19
C LEU B 314 2.92 39.71 -24.79
N SER B 315 3.90 39.11 -24.10
CA SER B 315 5.35 39.11 -24.41
C SER B 315 5.98 37.70 -24.11
N THR B 316 7.13 37.62 -23.41
CA THR B 316 7.81 36.36 -23.02
C THR B 316 7.90 36.23 -21.48
N TRP B 317 8.27 35.03 -20.98
CA TRP B 317 8.44 34.78 -19.52
C TRP B 317 9.69 35.45 -18.93
N ALA B 318 10.75 35.54 -19.76
CA ALA B 318 12.02 36.18 -19.43
C ALA B 318 11.84 37.71 -19.43
N ASP B 319 11.04 38.24 -20.37
CA ASP B 319 10.75 39.67 -20.44
C ASP B 319 9.97 40.17 -19.24
N ARG B 320 9.17 39.29 -18.59
CA ARG B 320 8.47 39.64 -17.36
C ARG B 320 9.48 40.11 -16.29
N ASP B 321 10.61 39.41 -16.14
CA ASP B 321 11.70 39.71 -15.23
C ASP B 321 12.41 41.01 -15.63
N VAL B 322 12.81 41.09 -16.91
CA VAL B 322 13.45 42.27 -17.51
C VAL B 322 12.60 43.52 -17.23
N GLN B 323 11.31 43.48 -17.59
CA GLN B 323 10.37 44.61 -17.42
C GLN B 323 10.05 44.98 -16.01
N ALA B 324 10.15 44.07 -15.05
CA ALA B 324 9.88 44.35 -13.64
C ALA B 324 11.03 45.13 -12.98
N VAL B 325 12.29 44.71 -13.24
CA VAL B 325 13.47 45.37 -12.65
C VAL B 325 13.72 46.74 -13.29
N ALA B 326 13.27 46.93 -14.55
CA ALA B 326 13.36 48.18 -15.32
C ALA B 326 12.28 49.15 -14.85
N GLY B 327 11.12 48.61 -14.47
CA GLY B 327 10.03 49.42 -13.94
C GLY B 327 8.83 49.62 -14.84
N SER B 328 8.79 48.92 -15.99
CA SER B 328 7.68 49.00 -16.95
C SER B 328 6.59 47.97 -16.61
N GLY B 329 7.02 46.89 -15.98
CA GLY B 329 6.15 45.87 -15.44
C GLY B 329 6.29 45.99 -13.93
N ASP B 330 5.22 45.68 -13.23
CA ASP B 330 5.15 45.86 -11.77
C ASP B 330 5.40 44.63 -10.96
N PHE B 331 5.29 43.47 -11.59
CA PHE B 331 5.37 42.22 -10.86
C PHE B 331 6.08 41.14 -11.65
N SER B 332 6.85 40.29 -10.94
CA SER B 332 7.53 39.11 -11.50
C SER B 332 7.78 38.01 -10.45
N ASN B 333 7.75 36.79 -10.91
CA ASN B 333 8.15 35.59 -10.18
C ASN B 333 9.40 35.25 -10.93
N LEU B 334 10.57 35.55 -10.36
CA LEU B 334 11.87 35.27 -10.98
C LEU B 334 12.20 33.80 -10.69
N GLU B 335 11.91 32.96 -11.68
CA GLU B 335 11.96 31.49 -11.59
C GLU B 335 12.93 30.81 -12.55
N GLN B 336 13.60 31.59 -13.42
CA GLN B 336 14.53 31.05 -14.38
C GLN B 336 15.94 31.41 -13.92
N PRO B 337 16.72 30.45 -13.35
CA PRO B 337 18.08 30.78 -12.83
C PRO B 337 19.02 31.51 -13.79
N GLU B 338 18.72 31.45 -15.10
CA GLU B 338 19.44 32.15 -16.16
C GLU B 338 19.21 33.65 -16.11
N ASN B 339 18.26 34.11 -15.29
CA ASN B 339 17.90 35.54 -15.17
C ASN B 339 18.29 36.13 -13.85
N PHE B 340 18.61 35.28 -12.85
CA PHE B 340 18.97 35.64 -11.48
C PHE B 340 20.07 36.69 -11.34
N VAL B 341 21.21 36.48 -12.02
CA VAL B 341 22.40 37.36 -11.95
C VAL B 341 22.06 38.74 -12.50
N ALA B 342 21.45 38.82 -13.68
CA ALA B 342 21.03 40.09 -14.31
C ALA B 342 20.05 40.86 -13.44
N SER B 343 19.07 40.13 -12.88
CA SER B 343 18.03 40.65 -12.01
C SER B 343 18.56 41.16 -10.66
N LEU B 344 19.52 40.43 -10.04
CA LEU B 344 20.14 40.81 -8.77
C LEU B 344 21.03 42.04 -8.94
N LYS B 345 21.71 42.15 -10.11
CA LYS B 345 22.56 43.27 -10.52
C LYS B 345 21.74 44.56 -10.60
N ARG B 346 20.57 44.50 -11.30
CA ARG B 346 19.66 45.63 -11.40
C ARG B 346 19.01 45.97 -10.02
N ALA B 347 18.78 44.93 -9.19
CA ALA B 347 18.20 45.01 -7.85
C ALA B 347 19.20 45.67 -6.89
N ALA B 348 20.51 45.47 -7.13
CA ALA B 348 21.59 46.06 -6.33
C ALA B 348 21.54 47.59 -6.34
N ASP B 349 21.00 48.19 -7.42
CA ASP B 349 20.87 49.65 -7.50
C ASP B 349 19.88 50.15 -6.45
N PRO B 350 20.30 51.09 -5.57
CA PRO B 350 19.38 51.62 -4.54
C PRO B 350 18.22 52.48 -5.09
N ASN B 351 18.34 52.93 -6.34
CA ASN B 351 17.29 53.72 -6.99
C ASN B 351 16.42 52.87 -7.94
N ALA B 352 16.49 51.52 -7.79
CA ALA B 352 15.71 50.54 -8.56
C ALA B 352 14.21 50.65 -8.25
N PRO B 353 13.32 50.52 -9.28
CA PRO B 353 11.87 50.66 -9.01
C PRO B 353 11.22 49.48 -8.28
N ALA B 354 11.90 48.33 -8.28
CA ALA B 354 11.40 47.09 -7.67
C ALA B 354 12.31 46.51 -6.60
N ARG B 355 11.71 45.74 -5.69
CA ARG B 355 12.38 45.02 -4.63
C ARG B 355 12.31 43.53 -4.97
N LEU B 356 13.43 42.83 -4.78
CA LEU B 356 13.57 41.40 -5.06
C LEU B 356 13.65 40.67 -3.72
N ALA B 357 13.02 39.52 -3.62
CA ALA B 357 13.08 38.74 -2.38
C ALA B 357 13.05 37.24 -2.64
N PHE B 358 14.15 36.56 -2.28
CA PHE B 358 14.25 35.10 -2.39
C PHE B 358 13.55 34.39 -1.22
N GLY B 359 13.09 33.15 -1.48
CA GLY B 359 12.40 32.28 -0.53
C GLY B 359 13.07 30.92 -0.43
N PRO B 360 12.34 29.88 0.02
CA PRO B 360 12.95 28.52 0.12
C PRO B 360 13.03 27.81 -1.22
N ARG B 361 13.73 26.66 -1.30
CA ARG B 361 13.87 25.90 -2.56
C ARG B 361 12.61 25.10 -2.89
N LEU B 362 11.57 25.80 -3.40
CA LEU B 362 10.29 25.18 -3.74
C LEU B 362 10.05 25.02 -5.28
N ILE B 363 11.04 25.40 -6.11
CA ILE B 363 10.93 25.23 -7.56
C ILE B 363 11.72 23.99 -7.94
N GLY B 364 11.02 22.98 -8.44
CA GLY B 364 11.59 21.72 -8.85
C GLY B 364 11.21 21.35 -10.26
N TYR B 365 12.07 20.54 -10.91
CA TYR B 365 11.92 19.97 -12.26
C TYR B 365 12.15 18.47 -12.23
N ASN B 366 11.19 17.72 -12.77
CA ASN B 366 11.26 16.28 -12.85
C ASN B 366 11.11 15.80 -14.27
N LEU B 367 11.74 14.66 -14.54
CA LEU B 367 11.63 13.88 -15.76
C LEU B 367 10.48 12.91 -15.44
N GLN B 368 9.41 12.97 -16.22
CA GLN B 368 8.25 12.10 -16.08
C GLN B 368 8.23 11.20 -17.30
N MET B 369 8.06 9.91 -17.04
CA MET B 369 8.00 8.81 -17.99
C MET B 369 6.57 8.34 -18.06
N ASN B 370 6.07 8.04 -19.25
CA ASN B 370 4.71 7.52 -19.42
C ASN B 370 4.64 6.06 -18.94
N PHE B 371 3.84 5.83 -17.87
CA PHE B 371 3.67 4.51 -17.24
C PHE B 371 2.43 3.73 -17.70
N SER B 372 1.60 4.30 -18.55
CA SER B 372 0.44 3.56 -19.06
C SER B 372 0.82 2.70 -20.30
N ALA B 373 0.69 1.36 -20.14
CA ALA B 373 0.98 0.30 -21.08
C ALA B 373 -0.34 -0.25 -21.66
N ASN B 374 -1.48 0.33 -21.23
CA ASN B 374 -2.80 -0.05 -21.71
C ASN B 374 -3.36 0.98 -22.71
N GLY B 375 -2.45 1.71 -23.35
CA GLY B 375 -2.77 2.65 -24.41
C GLY B 375 -3.29 4.02 -24.06
N TRP B 376 -2.69 4.70 -23.06
CA TRP B 376 -3.05 6.11 -22.77
C TRP B 376 -2.28 6.92 -23.80
N GLY B 377 -3.02 7.69 -24.60
CA GLY B 377 -2.45 8.52 -25.66
C GLY B 377 -2.31 7.85 -27.01
N ASN B 378 -2.93 6.65 -27.13
CA ASN B 378 -2.96 5.79 -28.34
C ASN B 378 -1.56 5.54 -28.96
N PRO B 379 -0.52 5.08 -28.21
CA PRO B 379 0.80 4.86 -28.82
C PRO B 379 0.85 3.74 -29.89
N ASP B 380 1.90 3.80 -30.72
CA ASP B 380 2.23 2.84 -31.76
C ASP B 380 3.19 1.77 -31.18
N GLU B 381 3.76 0.88 -32.04
CA GLU B 381 4.69 -0.17 -31.61
C GLU B 381 5.96 0.37 -30.92
N ARG B 382 6.55 1.47 -31.46
CA ARG B 382 7.74 2.12 -30.88
C ARG B 382 7.42 2.83 -29.57
N GLY B 383 6.31 3.56 -29.53
CA GLY B 383 5.81 4.23 -28.33
C GLY B 383 5.63 3.23 -27.21
N GLN B 384 4.80 2.20 -27.45
CA GLN B 384 4.50 1.06 -26.57
C GLN B 384 5.76 0.34 -26.02
N ALA B 385 6.81 0.15 -26.85
CA ALA B 385 8.09 -0.45 -26.45
C ALA B 385 8.78 0.36 -25.33
N ILE B 386 8.67 1.71 -25.37
CA ILE B 386 9.24 2.64 -24.39
C ILE B 386 8.46 2.57 -23.06
N ARG B 387 7.12 2.45 -23.13
CA ARG B 387 6.21 2.31 -21.99
C ARG B 387 6.64 1.10 -21.19
N GLU B 388 7.09 0.04 -21.88
CA GLU B 388 7.57 -1.22 -21.32
C GLU B 388 8.95 -1.04 -20.66
N LEU B 389 9.79 -0.11 -21.19
CA LEU B 389 11.11 0.19 -20.63
C LEU B 389 10.95 1.02 -19.37
N ASN B 390 10.08 2.04 -19.44
CA ASN B 390 9.74 3.00 -18.41
C ASN B 390 9.22 2.35 -17.18
N ARG B 391 8.42 1.27 -17.35
CA ARG B 391 7.83 0.51 -16.26
C ARG B 391 8.83 -0.47 -15.62
N ASN B 392 9.97 -0.69 -16.29
CA ASN B 392 11.05 -1.56 -15.80
C ASN B 392 11.89 -0.74 -14.81
N GLU B 393 11.96 -1.20 -13.54
CA GLU B 393 12.69 -0.54 -12.44
C GLU B 393 14.20 -0.40 -12.69
N VAL B 394 14.83 -1.37 -13.40
CA VAL B 394 16.27 -1.37 -13.70
C VAL B 394 16.58 -0.30 -14.79
N PHE B 395 15.60 -0.02 -15.67
CA PHE B 395 15.76 1.04 -16.66
C PHE B 395 15.72 2.40 -15.98
N ARG B 396 14.77 2.61 -15.03
CA ARG B 396 14.66 3.89 -14.32
C ARG B 396 15.87 4.15 -13.43
N GLN B 397 16.36 3.12 -12.73
CA GLN B 397 17.54 3.21 -11.87
C GLN B 397 18.78 3.63 -12.66
N ALA B 398 18.98 3.06 -13.85
CA ALA B 398 20.08 3.41 -14.76
C ALA B 398 19.95 4.84 -15.32
N VAL B 399 18.71 5.26 -15.71
CA VAL B 399 18.44 6.61 -16.25
C VAL B 399 18.80 7.71 -15.22
N THR B 400 18.36 7.53 -13.97
CA THR B 400 18.61 8.45 -12.87
C THR B 400 20.12 8.51 -12.45
N SER B 401 20.83 7.35 -12.41
CA SER B 401 22.25 7.23 -12.07
C SER B 401 23.20 7.77 -13.15
N ALA B 402 22.71 7.92 -14.39
CA ALA B 402 23.52 8.45 -15.50
C ALA B 402 23.58 9.99 -15.45
N LEU B 403 22.79 10.59 -14.53
CA LEU B 403 22.67 12.03 -14.29
C LEU B 403 23.68 12.56 -13.29
N ASP B 404 24.44 13.59 -13.72
CA ASP B 404 25.37 14.35 -12.87
C ASP B 404 24.56 15.56 -12.46
N ARG B 405 23.97 15.46 -11.28
CA ARG B 405 23.07 16.45 -10.71
C ARG B 405 23.77 17.74 -10.28
N LYS B 406 25.05 17.65 -9.88
CA LYS B 406 25.88 18.80 -9.51
C LYS B 406 26.04 19.70 -10.75
N ALA B 407 26.41 19.09 -11.89
CA ALA B 407 26.59 19.73 -13.20
C ALA B 407 25.28 20.30 -13.74
N ILE B 408 24.13 19.64 -13.44
CA ILE B 408 22.80 20.09 -13.85
C ILE B 408 22.47 21.48 -13.27
N GLY B 409 22.67 21.62 -11.96
CA GLY B 409 22.43 22.85 -11.21
C GLY B 409 23.32 23.98 -11.69
N ASP B 410 24.60 23.66 -11.85
CA ASP B 410 25.63 24.56 -12.32
C ASP B 410 25.40 25.00 -13.77
N SER B 411 24.59 24.25 -14.56
CA SER B 411 24.27 24.60 -15.94
C SER B 411 23.18 25.69 -16.00
N LEU B 412 22.50 25.93 -14.88
CA LEU B 412 21.44 26.93 -14.77
C LEU B 412 21.97 28.21 -14.11
N VAL B 413 22.65 28.05 -12.95
CA VAL B 413 23.26 29.11 -12.16
C VAL B 413 24.29 28.49 -11.18
N LYS B 414 25.50 29.04 -11.13
CA LYS B 414 26.51 28.59 -10.17
C LYS B 414 26.26 29.34 -8.85
N GLY B 415 26.60 28.70 -7.74
CA GLY B 415 26.43 29.33 -6.42
C GLY B 415 25.59 28.54 -5.42
N PRO B 416 24.84 29.25 -4.53
CA PRO B 416 24.08 28.55 -3.47
C PRO B 416 22.60 28.25 -3.74
N PHE B 417 22.11 28.58 -4.93
CA PHE B 417 20.70 28.43 -5.30
C PHE B 417 20.18 26.99 -5.39
N THR B 418 20.85 26.16 -6.21
CA THR B 418 20.43 24.80 -6.49
C THR B 418 20.80 23.77 -5.42
N ALA B 419 19.96 22.71 -5.34
CA ALA B 419 20.11 21.59 -4.42
C ALA B 419 20.05 20.29 -5.23
N ILE B 420 20.83 19.27 -4.80
CA ILE B 420 20.78 17.94 -5.41
C ILE B 420 19.33 17.45 -5.21
N TYR B 421 18.64 17.20 -6.32
CA TYR B 421 17.26 16.81 -6.26
C TYR B 421 17.01 15.45 -6.92
N PRO B 422 16.79 14.39 -6.10
CA PRO B 422 16.52 13.07 -6.67
C PRO B 422 15.09 12.88 -7.17
N GLY B 423 14.19 13.73 -6.70
CA GLY B 423 12.76 13.70 -7.00
C GLY B 423 11.90 13.80 -5.74
N GLY B 424 10.60 13.64 -5.91
CA GLY B 424 9.63 13.62 -4.81
C GLY B 424 9.28 14.95 -4.22
N ILE B 425 8.99 14.95 -2.90
CA ILE B 425 8.66 16.10 -2.05
C ILE B 425 9.82 17.11 -2.09
N SER B 426 9.48 18.39 -2.25
CA SER B 426 10.43 19.51 -2.27
C SER B 426 11.13 19.62 -0.90
N SER B 427 12.47 19.80 -0.92
CA SER B 427 13.30 19.93 0.29
C SER B 427 12.91 21.18 1.09
N GLY B 428 12.41 22.20 0.38
CA GLY B 428 11.95 23.47 0.91
C GLY B 428 10.71 23.38 1.80
N THR B 429 9.90 22.29 1.65
CA THR B 429 8.65 22.05 2.39
C THR B 429 8.94 21.36 3.76
N SER B 430 8.00 21.52 4.72
CA SER B 430 8.09 20.98 6.09
C SER B 430 7.98 19.46 6.16
N PHE B 431 7.04 18.88 5.37
CA PHE B 431 6.73 17.45 5.26
C PHE B 431 7.89 16.55 4.79
N TYR B 432 8.96 17.20 4.28
CA TYR B 432 10.18 16.59 3.73
C TYR B 432 11.01 15.96 4.79
N ASP B 433 11.54 14.76 4.48
CA ASP B 433 12.50 14.11 5.36
C ASP B 433 13.68 13.68 4.50
N ARG B 434 14.89 14.20 4.81
CA ARG B 434 16.14 13.91 4.11
C ARG B 434 16.52 12.44 4.27
N ALA B 435 16.34 11.89 5.49
CA ALA B 435 16.60 10.48 5.81
C ALA B 435 15.72 9.51 4.98
N SER B 436 14.51 9.98 4.58
CA SER B 436 13.51 9.29 3.79
C SER B 436 13.75 9.35 2.31
N THR B 437 14.46 10.37 1.81
CA THR B 437 14.76 10.53 0.37
C THR B 437 15.84 9.54 -0.06
N VAL B 438 15.62 8.89 -1.20
CA VAL B 438 16.56 7.91 -1.76
C VAL B 438 17.36 8.61 -2.86
N TYR B 439 18.69 8.72 -2.66
CA TYR B 439 19.59 9.33 -3.62
C TYR B 439 20.36 8.28 -4.41
N TYR B 440 20.15 8.28 -5.73
CA TYR B 440 20.86 7.46 -6.70
C TYR B 440 22.04 8.34 -7.22
N PRO B 441 23.27 8.26 -6.64
CA PRO B 441 24.36 9.14 -7.08
C PRO B 441 24.81 8.95 -8.51
N PHE B 442 25.57 9.92 -9.04
CA PHE B 442 26.07 9.85 -10.42
C PHE B 442 27.00 8.68 -10.53
N ASN B 443 26.56 7.66 -11.29
CA ASN B 443 27.23 6.39 -11.54
C ASN B 443 26.92 5.96 -12.98
N LEU B 444 27.56 6.63 -13.97
CA LEU B 444 27.33 6.32 -15.36
C LEU B 444 27.74 4.88 -15.73
N GLU B 445 28.95 4.43 -15.30
CA GLU B 445 29.45 3.07 -15.54
C GLU B 445 28.54 1.96 -14.96
N GLY B 446 27.86 2.29 -13.86
CA GLY B 446 26.88 1.44 -13.21
C GLY B 446 25.61 1.42 -14.02
N ALA B 447 25.14 2.61 -14.44
CA ALA B 447 23.95 2.80 -15.25
C ALA B 447 24.07 2.00 -16.55
N LYS B 448 25.23 2.15 -17.25
CA LYS B 448 25.57 1.45 -18.49
C LYS B 448 25.45 -0.05 -18.33
N ALA B 449 26.03 -0.60 -17.24
CA ALA B 449 25.96 -2.04 -16.91
C ALA B 449 24.54 -2.55 -16.59
N ALA B 450 23.67 -1.68 -16.02
CA ALA B 450 22.26 -2.01 -15.72
C ALA B 450 21.44 -2.15 -17.04
N LEU B 451 21.69 -1.27 -18.02
CA LEU B 451 20.99 -1.34 -19.31
C LEU B 451 21.44 -2.54 -20.12
N ALA B 452 22.69 -3.02 -19.90
CA ALA B 452 23.24 -4.23 -20.52
C ALA B 452 22.58 -5.46 -19.88
N SER B 453 22.34 -5.40 -18.56
CA SER B 453 21.71 -6.46 -17.79
C SER B 453 20.24 -6.72 -18.16
N ILE B 454 19.57 -5.72 -18.77
CA ILE B 454 18.17 -5.86 -19.14
C ILE B 454 18.08 -6.40 -20.55
N GLY B 455 19.03 -6.04 -21.40
CA GLY B 455 19.10 -6.55 -22.78
C GLY B 455 19.44 -5.55 -23.86
N LEU B 456 19.95 -4.36 -23.47
CA LEU B 456 20.34 -3.29 -24.41
C LEU B 456 21.85 -3.27 -24.63
N LYS B 457 22.24 -3.13 -25.90
CA LYS B 457 23.62 -3.11 -26.36
C LYS B 457 23.63 -2.50 -27.73
N ASP B 458 24.68 -1.72 -27.99
CA ASP B 458 24.94 -1.17 -29.31
C ASP B 458 25.36 -2.39 -30.15
N THR B 459 24.56 -2.72 -31.19
CA THR B 459 24.81 -3.85 -32.10
C THR B 459 25.25 -3.39 -33.50
N ASP B 460 24.98 -2.12 -33.86
CA ASP B 460 25.32 -1.55 -35.19
C ASP B 460 26.51 -0.53 -35.14
N GLY B 461 27.12 -0.40 -33.95
CA GLY B 461 28.34 0.37 -33.69
C GLY B 461 28.28 1.86 -33.75
N ASP B 462 27.08 2.46 -33.65
CA ASP B 462 26.88 3.91 -33.76
C ASP B 462 26.91 4.65 -32.41
N GLY B 463 27.04 3.92 -31.32
CA GLY B 463 27.10 4.47 -29.96
C GLY B 463 25.79 4.39 -29.20
N PHE B 464 24.67 4.27 -29.94
CA PHE B 464 23.32 4.23 -29.38
C PHE B 464 22.81 2.83 -29.24
N LEU B 465 22.37 2.47 -28.01
CA LEU B 465 21.87 1.15 -27.62
C LEU B 465 20.72 0.64 -28.48
N ASN B 466 20.75 -0.63 -28.80
CA ASN B 466 19.71 -1.27 -29.60
C ASN B 466 18.72 -2.08 -28.73
N PHE B 467 17.50 -2.29 -29.25
CA PHE B 467 16.47 -3.12 -28.63
C PHE B 467 16.87 -4.57 -28.90
N PRO B 468 16.46 -5.59 -28.09
CA PRO B 468 16.81 -6.97 -28.44
C PRO B 468 16.20 -7.35 -29.81
N LYS B 469 16.72 -8.42 -30.44
CA LYS B 469 16.26 -8.90 -31.75
C LYS B 469 14.74 -9.06 -31.80
N GLU B 470 14.13 -9.52 -30.69
CA GLU B 470 12.70 -9.74 -30.55
C GLU B 470 11.86 -8.45 -30.48
N THR B 471 12.45 -7.31 -30.04
CA THR B 471 11.76 -6.02 -29.93
C THR B 471 12.11 -5.06 -31.08
N LEU B 472 11.06 -4.57 -31.79
CA LEU B 472 11.07 -3.64 -32.92
C LEU B 472 12.15 -3.91 -34.02
N GLY B 473 12.46 -5.19 -34.25
CA GLY B 473 13.44 -5.61 -35.24
C GLY B 473 14.88 -5.31 -34.84
N GLY B 474 15.09 -5.19 -33.53
CA GLY B 474 16.39 -4.93 -32.92
C GLY B 474 16.93 -3.54 -33.18
N ARG B 475 16.04 -2.59 -33.54
CA ARG B 475 16.37 -1.22 -33.87
C ARG B 475 16.84 -0.44 -32.65
N ASN B 476 17.54 0.68 -32.87
CA ASN B 476 18.05 1.57 -31.84
C ASN B 476 16.89 2.10 -31.03
N VAL B 477 17.09 2.26 -29.74
CA VAL B 477 16.09 2.84 -28.87
C VAL B 477 16.09 4.34 -29.19
N GLU B 478 14.90 4.94 -29.24
CA GLU B 478 14.63 6.34 -29.52
C GLU B 478 13.50 6.74 -28.62
N ILE B 479 13.73 7.76 -27.78
CA ILE B 479 12.74 8.24 -26.80
C ILE B 479 12.36 9.70 -27.14
N THR B 480 11.05 10.02 -27.11
CA THR B 480 10.55 11.38 -27.41
C THR B 480 10.26 12.15 -26.15
N LEU B 481 10.99 13.29 -25.99
CA LEU B 481 10.93 14.20 -24.83
C LEU B 481 10.07 15.44 -25.07
N LEU B 482 8.93 15.55 -24.35
CA LEU B 482 8.01 16.71 -24.41
C LEU B 482 8.55 17.85 -23.57
N VAL B 483 8.78 19.02 -24.20
CA VAL B 483 9.37 20.19 -23.52
C VAL B 483 8.54 21.45 -23.72
N ASN B 484 8.37 22.25 -22.63
CA ASN B 484 7.71 23.56 -22.61
C ASN B 484 8.66 24.60 -23.24
N ASN B 485 8.26 25.06 -24.43
CA ASN B 485 8.93 26.00 -25.35
C ASN B 485 9.01 27.44 -24.80
N GLY B 486 8.19 27.73 -23.80
CA GLY B 486 8.11 29.07 -23.23
C GLY B 486 9.15 29.43 -22.19
N TYR B 487 9.98 28.45 -21.79
CA TYR B 487 10.99 28.65 -20.74
C TYR B 487 12.33 28.18 -21.15
N ALA B 488 13.37 29.00 -20.94
CA ALA B 488 14.78 28.76 -21.19
C ALA B 488 15.31 27.65 -20.30
N THR B 489 14.81 27.57 -19.05
CA THR B 489 15.17 26.57 -18.05
C THR B 489 14.82 25.16 -18.55
N ASP B 490 13.55 24.97 -18.94
CA ASP B 490 13.04 23.72 -19.49
C ASP B 490 13.93 23.23 -20.64
N LYS B 491 14.26 24.12 -21.57
CA LYS B 491 15.11 23.89 -22.74
C LYS B 491 16.55 23.50 -22.35
N SER B 492 17.17 24.24 -21.40
CA SER B 492 18.52 24.04 -20.86
C SER B 492 18.60 22.62 -20.29
N LEU B 493 17.57 22.29 -19.48
CA LEU B 493 17.41 20.98 -18.84
C LEU B 493 17.17 19.88 -19.85
N ALA B 494 16.28 20.13 -20.84
CA ALA B 494 15.93 19.20 -21.90
C ALA B 494 17.17 18.83 -22.69
N GLU B 495 17.95 19.81 -23.14
CA GLU B 495 19.19 19.64 -23.90
C GLU B 495 20.27 18.91 -23.08
N GLY B 496 20.38 19.25 -21.80
CA GLY B 496 21.34 18.67 -20.86
C GLY B 496 21.09 17.20 -20.66
N LEU B 497 19.81 16.84 -20.42
CA LEU B 497 19.35 15.47 -20.25
C LEU B 497 19.70 14.66 -21.49
N VAL B 498 19.45 15.22 -22.69
CA VAL B 498 19.75 14.61 -23.99
C VAL B 498 21.26 14.29 -24.13
N GLY B 499 22.12 15.20 -23.70
CA GLY B 499 23.56 15.05 -23.74
C GLY B 499 24.08 13.97 -22.81
N GLN B 500 23.50 13.90 -21.60
CA GLN B 500 23.83 12.92 -20.56
C GLN B 500 23.25 11.52 -20.90
N MET B 501 22.05 11.49 -21.55
CA MET B 501 21.44 10.22 -22.01
C MET B 501 22.20 9.70 -23.22
N ALA B 502 22.88 10.62 -23.95
CA ALA B 502 23.73 10.31 -25.11
C ALA B 502 25.00 9.56 -24.65
N LYS B 503 25.60 9.97 -23.50
CA LYS B 503 26.81 9.39 -22.88
C LYS B 503 26.48 7.97 -22.42
N LEU B 504 25.23 7.75 -21.95
CA LEU B 504 24.70 6.47 -21.51
C LEU B 504 24.48 5.58 -22.73
N GLY B 505 23.95 6.17 -23.79
CA GLY B 505 23.71 5.47 -25.05
C GLY B 505 22.27 5.42 -25.50
N LEU B 506 21.44 6.36 -24.99
CA LEU B 506 20.01 6.52 -25.32
C LEU B 506 19.80 7.73 -26.19
N ARG B 507 19.12 7.58 -27.34
CA ARG B 507 18.84 8.74 -28.18
C ARG B 507 17.52 9.33 -27.80
N VAL B 508 17.57 10.53 -27.23
CA VAL B 508 16.38 11.27 -26.83
C VAL B 508 16.18 12.40 -27.82
N VAL B 509 14.98 12.48 -28.37
CA VAL B 509 14.59 13.51 -29.35
C VAL B 509 13.71 14.56 -28.68
N ILE B 510 14.07 15.84 -28.79
CA ILE B 510 13.29 16.93 -28.19
C ILE B 510 12.09 17.29 -29.06
N HIS B 511 10.91 17.22 -28.44
CA HIS B 511 9.63 17.61 -29.03
C HIS B 511 9.18 18.82 -28.19
N SER B 512 9.55 20.00 -28.66
CA SER B 512 9.25 21.28 -27.99
C SER B 512 8.00 21.95 -28.52
N LEU B 513 6.98 22.01 -27.66
CA LEU B 513 5.66 22.58 -27.96
C LEU B 513 5.32 23.78 -27.12
N ASP B 514 4.43 24.66 -27.63
CA ASP B 514 3.93 25.81 -26.90
C ASP B 514 2.99 25.31 -25.78
N SER B 515 2.96 26.03 -24.63
CA SER B 515 2.21 25.70 -23.41
C SER B 515 0.84 25.05 -23.65
N ASN B 516 0.01 25.64 -24.54
CA ASN B 516 -1.32 25.13 -24.90
C ASN B 516 -1.27 23.73 -25.52
N GLN B 517 -0.35 23.54 -26.52
CA GLN B 517 -0.12 22.29 -27.24
C GLN B 517 0.48 21.26 -26.30
N ARG B 518 1.53 21.64 -25.57
CA ARG B 518 2.23 20.81 -24.58
C ARG B 518 1.26 20.16 -23.60
N ASP B 519 0.25 20.90 -23.11
CA ASP B 519 -0.72 20.38 -22.13
C ASP B 519 -1.64 19.31 -22.71
N ALA B 520 -2.05 19.46 -23.99
CA ALA B 520 -2.89 18.47 -24.69
C ALA B 520 -2.10 17.18 -24.95
N ALA B 521 -0.82 17.33 -25.35
CA ALA B 521 0.11 16.23 -25.61
C ALA B 521 0.50 15.52 -24.28
N HIS B 522 0.46 16.23 -23.14
CA HIS B 522 0.76 15.66 -21.83
C HIS B 522 -0.48 15.01 -21.26
N TYR B 523 -1.55 15.80 -21.02
CA TYR B 523 -2.79 15.29 -20.38
C TYR B 523 -3.48 14.21 -21.21
N GLY B 524 -3.24 14.21 -22.53
CA GLY B 524 -3.76 13.21 -23.45
C GLY B 524 -3.02 11.89 -23.39
N GLY B 525 -1.72 11.94 -23.05
CA GLY B 525 -0.83 10.79 -22.97
C GLY B 525 0.06 10.60 -24.19
N GLN B 526 0.14 11.62 -25.05
CA GLN B 526 0.94 11.60 -26.27
C GLN B 526 2.40 12.03 -25.99
N PHE B 527 3.12 11.21 -25.18
CA PHE B 527 4.54 11.43 -24.81
C PHE B 527 5.19 10.11 -24.32
N ASP B 528 6.53 10.00 -24.46
CA ASP B 528 7.33 8.90 -23.94
C ASP B 528 7.95 9.39 -22.59
N TRP B 529 8.63 10.56 -22.64
CA TRP B 529 9.26 11.27 -21.51
C TRP B 529 8.89 12.76 -21.61
N LEU B 530 8.92 13.47 -20.48
CA LEU B 530 8.68 14.91 -20.44
C LEU B 530 9.45 15.59 -19.35
N VAL B 531 9.77 16.89 -19.56
CA VAL B 531 10.43 17.75 -18.57
C VAL B 531 9.32 18.68 -18.07
N ARG B 532 9.15 18.78 -16.74
CA ARG B 532 8.07 19.59 -16.18
C ARG B 532 8.47 20.26 -14.89
N ARG B 533 7.94 21.45 -14.67
CA ARG B 533 8.13 22.18 -13.42
C ARG B 533 7.08 21.62 -12.45
N ASN B 534 7.48 21.32 -11.22
CA ASN B 534 6.60 20.73 -10.21
C ASN B 534 5.40 21.59 -9.85
N SER B 535 4.22 20.97 -9.71
CA SER B 535 3.01 21.64 -9.31
C SER B 535 2.90 21.67 -7.75
N THR B 536 1.91 22.34 -7.19
CA THR B 536 1.71 22.61 -5.77
C THR B 536 1.90 21.43 -4.82
N GLU B 537 1.48 20.19 -5.18
CA GLU B 537 1.59 18.99 -4.35
C GLU B 537 3.03 18.63 -3.94
N LEU B 538 4.04 18.97 -4.75
CA LEU B 538 5.42 18.64 -4.38
C LEU B 538 6.05 19.78 -3.53
N SER B 539 5.47 21.00 -3.60
CA SER B 539 5.84 22.24 -2.91
C SER B 539 5.08 22.47 -1.60
N SER B 540 3.92 21.79 -1.41
CA SER B 540 3.05 21.97 -0.24
C SER B 540 2.55 20.65 0.41
N VAL B 541 2.29 19.60 -0.43
CA VAL B 541 1.77 18.27 -0.05
C VAL B 541 0.24 18.35 0.15
N VAL B 542 -0.19 19.37 0.91
CA VAL B 542 -1.56 19.67 1.30
C VAL B 542 -2.42 20.20 0.15
N GLN B 543 -1.81 20.85 -0.85
CA GLN B 543 -2.53 21.40 -1.98
C GLN B 543 -2.51 20.42 -3.13
N ASN B 544 -3.71 19.90 -3.53
CA ASN B 544 -3.93 18.93 -4.62
C ASN B 544 -3.17 17.65 -4.38
N THR B 545 -3.34 17.10 -3.17
CA THR B 545 -2.73 15.86 -2.64
C THR B 545 -2.98 14.66 -3.56
N GLU B 546 -4.09 14.68 -4.31
CA GLU B 546 -4.45 13.62 -5.23
C GLU B 546 -3.45 13.43 -6.39
N GLN B 547 -2.64 14.45 -6.70
CA GLN B 547 -1.65 14.41 -7.79
C GLN B 547 -0.31 13.75 -7.37
N LEU B 548 -0.20 13.38 -6.08
CA LEU B 548 0.96 12.68 -5.50
C LEU B 548 1.06 11.23 -5.96
N ALA B 549 -0.06 10.61 -6.33
CA ALA B 549 -0.10 9.22 -6.75
C ALA B 549 -1.31 8.98 -7.66
N PRO B 550 -1.39 7.84 -8.39
CA PRO B 550 -2.58 7.60 -9.21
C PRO B 550 -3.69 7.03 -8.31
N VAL B 551 -4.34 7.92 -7.52
CA VAL B 551 -5.43 7.54 -6.61
C VAL B 551 -6.70 7.26 -7.42
N GLY B 552 -6.87 8.03 -8.48
CA GLY B 552 -7.96 7.89 -9.45
C GLY B 552 -7.40 7.64 -10.85
N PRO B 553 -8.26 7.40 -11.87
CA PRO B 553 -7.71 7.14 -13.22
C PRO B 553 -7.15 8.37 -13.94
N ARG B 554 -7.28 9.56 -13.33
CA ARG B 554 -6.83 10.82 -13.93
C ARG B 554 -6.08 11.78 -12.97
N THR B 555 -5.67 11.30 -11.79
CA THR B 555 -5.02 12.12 -10.77
C THR B 555 -3.48 12.26 -10.95
N SER B 556 -2.85 11.30 -11.63
CA SER B 556 -1.41 11.23 -11.86
C SER B 556 -0.97 11.99 -13.11
N TRP B 557 0.22 12.63 -13.07
CA TRP B 557 0.79 13.33 -14.21
C TRP B 557 1.39 12.36 -15.24
N ASN B 558 1.96 11.22 -14.78
CA ASN B 558 2.59 10.29 -15.73
C ASN B 558 1.90 8.90 -15.84
N HIS B 559 0.84 8.65 -15.05
CA HIS B 559 0.10 7.39 -15.16
C HIS B 559 -1.42 7.58 -15.06
N ARG B 560 -2.02 7.77 -16.24
CA ARG B 560 -3.47 7.88 -16.41
C ARG B 560 -3.87 6.74 -17.31
N SER B 561 -5.17 6.41 -17.36
CA SER B 561 -5.71 5.34 -18.20
C SER B 561 -6.61 5.90 -19.31
N PRO B 562 -6.69 5.26 -20.51
CA PRO B 562 -7.60 5.76 -21.55
C PRO B 562 -9.09 5.57 -21.20
N GLU B 563 -9.93 6.44 -21.78
CA GLU B 563 -11.39 6.43 -21.62
C GLU B 563 -12.01 5.44 -22.61
N GLY B 564 -12.62 4.36 -22.12
CA GLY B 564 -12.74 4.03 -20.70
C GLY B 564 -12.01 2.74 -20.39
N LYS B 565 -11.14 2.76 -19.35
CA LYS B 565 -10.32 1.63 -18.88
C LYS B 565 -9.78 1.88 -17.46
N GLU B 566 -9.56 0.78 -16.70
CA GLU B 566 -8.98 0.83 -15.34
C GLU B 566 -7.47 1.02 -15.45
N LEU B 567 -6.82 1.48 -14.36
CA LEU B 567 -5.36 1.67 -14.32
C LEU B 567 -4.60 0.34 -14.35
N ASP B 568 -3.40 0.37 -14.99
CA ASP B 568 -2.48 -0.77 -15.12
C ASP B 568 -1.29 -0.54 -14.15
N LEU B 569 -1.62 -0.18 -12.89
CA LEU B 569 -0.69 0.17 -11.82
C LEU B 569 0.38 -0.86 -11.49
N MET B 570 1.55 -0.34 -11.06
CA MET B 570 2.70 -1.10 -10.59
C MET B 570 2.54 -1.24 -9.05
N PRO B 571 3.16 -2.24 -8.39
CA PRO B 571 2.93 -2.40 -6.94
C PRO B 571 3.32 -1.20 -6.09
N PHE B 572 4.35 -0.41 -6.46
CA PHE B 572 4.74 0.79 -5.70
C PHE B 572 3.72 1.90 -5.80
N GLU B 573 3.09 2.07 -6.99
CA GLU B 573 2.06 3.06 -7.25
C GLU B 573 0.81 2.75 -6.44
N LYS B 574 0.46 1.45 -6.34
CA LYS B 574 -0.67 0.89 -5.58
C LYS B 574 -0.48 1.18 -4.10
N GLU B 575 0.77 1.08 -3.61
CA GLU B 575 1.12 1.31 -2.21
C GLU B 575 1.17 2.81 -1.91
N MET B 576 1.63 3.63 -2.86
CA MET B 576 1.67 5.08 -2.72
C MET B 576 0.27 5.67 -2.67
N ALA B 577 -0.65 5.12 -3.50
CA ALA B 577 -2.06 5.54 -3.56
C ALA B 577 -2.75 5.23 -2.23
N ASP B 578 -2.33 4.15 -1.55
CA ASP B 578 -2.85 3.76 -0.24
C ASP B 578 -2.42 4.80 0.79
N ILE B 579 -1.16 5.26 0.71
CA ILE B 579 -0.61 6.24 1.62
C ILE B 579 -1.36 7.56 1.47
N VAL B 580 -1.52 8.02 0.21
CA VAL B 580 -2.19 9.28 -0.16
C VAL B 580 -3.64 9.28 0.34
N ARG B 581 -4.36 8.15 0.17
CA ARG B 581 -5.76 8.01 0.63
C ARG B 581 -5.87 8.05 2.15
N LYS B 582 -4.87 7.48 2.86
CA LYS B 582 -4.82 7.42 4.33
C LYS B 582 -4.47 8.82 4.87
N PHE B 583 -3.54 9.54 4.18
CA PHE B 583 -3.11 10.89 4.54
C PHE B 583 -4.27 11.89 4.46
N ILE B 584 -5.07 11.81 3.39
CA ILE B 584 -6.22 12.66 3.10
C ILE B 584 -7.28 12.60 4.23
N SER B 585 -7.56 11.39 4.73
CA SER B 585 -8.53 11.16 5.81
C SER B 585 -7.96 11.24 7.22
N SER B 586 -6.67 11.55 7.34
CA SER B 586 -6.00 11.69 8.64
C SER B 586 -6.08 13.09 9.21
N GLN B 587 -6.39 13.17 10.52
CA GLN B 587 -6.42 14.42 11.29
C GLN B 587 -5.23 14.44 12.27
N ASP B 588 -4.60 13.25 12.48
CA ASP B 588 -3.43 13.06 13.34
C ASP B 588 -2.17 13.53 12.63
N ASN B 589 -1.51 14.57 13.17
CA ASN B 589 -0.32 15.21 12.61
C ASN B 589 0.92 14.33 12.61
N ALA B 590 1.12 13.54 13.67
CA ALA B 590 2.24 12.59 13.80
C ALA B 590 2.08 11.45 12.79
N GLU B 591 0.82 11.01 12.55
CA GLU B 591 0.53 9.98 11.56
C GLU B 591 0.84 10.55 10.15
N ARG B 592 0.36 11.78 9.89
CA ARG B 592 0.53 12.55 8.65
C ARG B 592 1.99 12.78 8.32
N ALA B 593 2.82 13.07 9.35
CA ALA B 593 4.26 13.29 9.17
C ALA B 593 4.99 11.99 8.75
N ASP B 594 4.62 10.85 9.37
CA ASP B 594 5.25 9.56 9.05
C ASP B 594 4.68 8.93 7.78
N LEU B 595 3.43 9.32 7.39
CA LEU B 595 2.82 8.88 6.14
C LEU B 595 3.58 9.50 4.97
N MET B 596 4.12 10.73 5.16
CA MET B 596 4.92 11.45 4.14
C MET B 596 6.34 10.95 4.07
N LYS B 597 6.91 10.49 5.21
CA LYS B 597 8.24 9.89 5.28
C LYS B 597 8.20 8.57 4.47
N GLN B 598 7.11 7.77 4.64
CA GLN B 598 6.80 6.53 3.92
C GLN B 598 6.69 6.82 2.44
N TYR B 599 5.74 7.71 2.08
CA TYR B 599 5.43 8.16 0.72
C TYR B 599 6.68 8.52 -0.10
N GLN B 600 7.54 9.39 0.46
CA GLN B 600 8.80 9.87 -0.10
C GLN B 600 9.76 8.74 -0.39
N LYS B 601 9.93 7.80 0.58
CA LYS B 601 10.80 6.64 0.43
C LYS B 601 10.37 5.78 -0.75
N VAL B 602 9.05 5.45 -0.86
CA VAL B 602 8.46 4.65 -1.94
C VAL B 602 8.65 5.37 -3.25
N TYR B 603 8.43 6.69 -3.27
CA TYR B 603 8.60 7.53 -4.47
C TYR B 603 10.01 7.47 -5.02
N THR B 604 10.99 7.89 -4.21
CA THR B 604 12.40 8.06 -4.54
C THR B 604 13.14 6.77 -4.86
N GLN B 605 12.87 5.69 -4.14
CA GLN B 605 13.52 4.40 -4.36
C GLN B 605 12.96 3.75 -5.63
N ASN B 606 11.67 3.96 -5.92
CA ASN B 606 11.03 3.33 -7.06
C ASN B 606 11.11 4.14 -8.32
N LEU B 607 11.33 5.46 -8.15
CA LEU B 607 11.44 6.47 -9.17
C LEU B 607 10.11 6.63 -9.88
N TYR B 608 9.17 7.27 -9.17
CA TYR B 608 7.86 7.63 -9.72
C TYR B 608 8.12 8.75 -10.77
N THR B 609 9.12 9.59 -10.52
CA THR B 609 9.63 10.65 -11.41
C THR B 609 11.14 10.73 -11.15
N ILE B 610 11.89 11.26 -12.09
CA ILE B 610 13.34 11.37 -11.93
C ILE B 610 13.69 12.85 -11.80
N GLY B 611 14.14 13.24 -10.61
CA GLY B 611 14.50 14.62 -10.29
C GLY B 611 15.70 15.12 -11.06
N LEU B 612 15.65 16.39 -11.49
CA LEU B 612 16.75 17.01 -12.22
C LEU B 612 17.46 17.99 -11.30
N THR B 613 16.74 19.03 -10.85
CA THR B 613 17.22 20.07 -9.94
C THR B 613 16.06 20.82 -9.28
N GLU B 614 16.39 21.55 -8.23
CA GLU B 614 15.51 22.31 -7.36
C GLU B 614 16.23 23.57 -6.93
N TYR B 615 15.49 24.67 -6.79
CA TYR B 615 16.10 25.94 -6.45
C TYR B 615 15.06 26.92 -5.94
N PRO B 616 15.47 28.09 -5.37
CA PRO B 616 14.48 29.06 -4.93
C PRO B 616 14.22 30.13 -5.99
N GLY B 617 12.99 30.60 -6.03
CA GLY B 617 12.61 31.70 -6.88
C GLY B 617 12.51 32.94 -6.01
N ALA B 618 12.51 34.11 -6.63
CA ALA B 618 12.40 35.38 -5.93
C ALA B 618 11.15 36.15 -6.37
N LEU B 619 10.48 36.84 -5.45
CA LEU B 619 9.34 37.70 -5.78
C LEU B 619 9.87 39.10 -6.08
N ILE B 620 9.47 39.67 -7.24
CA ILE B 620 9.79 41.03 -7.71
C ILE B 620 8.46 41.82 -7.81
N VAL B 621 8.33 42.86 -7.00
CA VAL B 621 7.18 43.78 -6.98
C VAL B 621 7.73 45.20 -7.07
N ASN B 622 7.00 46.11 -7.75
CA ASN B 622 7.28 47.54 -7.82
C ASN B 622 7.12 48.12 -6.41
N LYS B 623 8.05 48.99 -6.00
CA LYS B 623 8.12 49.59 -4.67
C LYS B 623 6.94 50.53 -4.29
N ARG B 624 6.15 50.98 -5.28
CA ARG B 624 5.04 51.89 -4.97
C ARG B 624 3.86 51.18 -4.29
N PHE B 625 3.70 49.87 -4.53
CA PHE B 625 2.62 49.05 -3.97
C PHE B 625 2.72 48.82 -2.48
N SER B 626 1.58 49.01 -1.79
CA SER B 626 1.38 48.82 -0.36
C SER B 626 0.59 47.51 -0.16
N ASN B 627 0.66 46.93 1.03
CA ASN B 627 -0.02 45.69 1.46
C ASN B 627 0.55 44.45 0.87
N VAL B 628 1.83 44.48 0.49
CA VAL B 628 2.54 43.34 -0.09
C VAL B 628 3.14 42.57 1.08
N PRO B 629 2.65 41.36 1.39
CA PRO B 629 3.20 40.64 2.56
C PRO B 629 4.69 40.30 2.44
N GLN B 630 5.39 40.43 3.55
CA GLN B 630 6.82 40.14 3.70
C GLN B 630 6.99 38.63 3.62
N GLY B 631 8.00 38.18 2.87
CA GLY B 631 8.30 36.76 2.72
C GLY B 631 7.34 35.92 1.90
N THR B 632 6.50 36.56 1.04
CA THR B 632 5.53 35.88 0.16
C THR B 632 6.31 35.02 -0.82
N PRO B 633 6.18 33.65 -0.76
CA PRO B 633 6.91 32.78 -1.71
C PRO B 633 6.37 32.95 -3.14
N ILE B 634 7.12 32.52 -4.14
CA ILE B 634 6.62 32.67 -5.49
C ILE B 634 5.73 31.49 -5.80
N PHE B 635 5.97 30.36 -5.12
CA PHE B 635 5.21 29.12 -5.31
C PHE B 635 5.19 28.22 -4.07
N MET B 636 4.00 27.95 -3.54
CA MET B 636 3.75 27.08 -2.36
C MET B 636 2.36 26.42 -2.49
N PHE B 637 1.30 27.03 -1.93
CA PHE B 637 -0.10 26.60 -2.05
C PHE B 637 -0.66 27.03 -3.42
N ASN B 638 0.00 28.03 -4.06
CA ASN B 638 -0.20 28.59 -5.41
C ASN B 638 0.86 29.65 -5.60
N TRP B 639 0.91 30.21 -6.85
CA TRP B 639 1.78 31.28 -7.32
C TRP B 639 1.50 32.55 -6.55
N ALA B 640 2.57 33.39 -6.35
CA ALA B 640 2.52 34.65 -5.60
C ALA B 640 1.44 35.62 -6.04
N GLU B 641 1.02 35.61 -7.32
CA GLU B 641 -0.10 36.44 -7.82
C GLU B 641 -1.33 36.22 -6.96
N ASP B 642 -1.62 34.96 -6.59
CA ASP B 642 -2.74 34.59 -5.72
C ASP B 642 -2.42 34.93 -4.24
N ALA B 643 -1.20 34.56 -3.78
CA ALA B 643 -0.71 34.69 -2.41
C ALA B 643 -0.69 36.12 -1.87
N ILE B 644 -0.29 37.12 -2.74
CA ILE B 644 -0.18 38.55 -2.33
C ILE B 644 -1.52 39.23 -2.06
N ILE B 645 -2.67 38.66 -2.50
CA ILE B 645 -4.04 39.22 -2.36
C ILE B 645 -4.04 40.57 -3.07
N ARG B 646 -4.07 40.53 -4.42
CA ARG B 646 -3.97 41.68 -5.29
C ARG B 646 -5.10 42.73 -5.16
N GLU B 647 -6.31 42.31 -4.76
CA GLU B 647 -7.49 43.18 -4.49
C GLU B 647 -7.29 44.00 -3.18
N ARG B 648 -6.27 43.62 -2.40
CA ARG B 648 -5.92 44.24 -1.12
C ARG B 648 -4.67 45.17 -1.28
N LEU B 649 -4.07 45.15 -2.47
CA LEU B 649 -2.91 45.97 -2.80
C LEU B 649 -3.34 47.39 -3.16
N TRP B 650 -2.54 48.37 -2.75
CA TRP B 650 -2.86 49.76 -3.02
C TRP B 650 -1.64 50.62 -3.14
N VAL B 651 -1.83 51.84 -3.61
CA VAL B 651 -0.76 52.80 -3.82
C VAL B 651 -1.28 54.12 -3.24
N ALA B 652 -0.45 54.80 -2.41
CA ALA B 652 -0.71 56.14 -1.85
C ALA B 652 -0.82 57.09 -3.04
N ALA B 653 -1.77 58.07 -3.00
CA ALA B 653 -2.03 58.98 -4.12
C ALA B 653 -0.82 59.82 -4.60
N ASP B 654 0.15 60.12 -3.71
CA ASP B 654 1.36 60.85 -4.08
C ASP B 654 2.40 59.94 -4.81
N LYS B 655 2.20 58.60 -4.77
CA LYS B 655 3.07 57.61 -5.42
C LYS B 655 2.47 57.02 -6.73
N GLN B 656 1.13 57.15 -6.92
CA GLN B 656 0.33 56.58 -8.00
C GLN B 656 0.82 56.90 -9.38
N GLY B 657 0.90 55.87 -10.23
CA GLY B 657 1.31 56.04 -11.62
C GLY B 657 0.16 56.51 -12.49
N LYS B 658 0.48 57.02 -13.68
CA LYS B 658 -0.56 57.47 -14.60
C LYS B 658 -0.64 56.52 -15.81
N TYR B 659 -1.05 55.26 -15.55
CA TYR B 659 -1.10 54.17 -16.54
C TYR B 659 -2.52 53.63 -16.92
N GLU B 660 -3.63 54.30 -16.52
CA GLU B 660 -4.99 53.87 -16.88
C GLU B 660 -5.32 54.07 -18.37
N LEU B 661 -5.69 52.99 -19.04
CA LEU B 661 -6.06 53.00 -20.45
C LEU B 661 -7.54 53.30 -20.63
N PHE B 662 -8.34 52.88 -19.66
CA PHE B 662 -9.77 53.15 -19.60
C PHE B 662 -10.05 53.80 -18.24
N PRO B 663 -9.49 55.01 -17.92
CA PRO B 663 -9.76 55.62 -16.59
C PRO B 663 -11.22 56.01 -16.43
N GLN B 664 -11.72 55.93 -15.17
CA GLN B 664 -13.08 56.26 -14.75
C GLN B 664 -14.17 55.59 -15.65
N GLN B 665 -13.84 54.35 -16.10
CA GLN B 665 -14.69 53.52 -16.96
C GLN B 665 -14.89 52.17 -16.32
N LEU B 666 -16.05 51.54 -16.56
CA LEU B 666 -16.37 50.23 -15.99
C LEU B 666 -16.58 49.18 -17.08
N PRO B 667 -16.61 47.84 -16.79
CA PRO B 667 -16.80 46.89 -17.89
C PRO B 667 -18.20 46.97 -18.49
N GLY B 668 -18.28 46.73 -19.79
CA GLY B 668 -19.53 46.73 -20.53
C GLY B 668 -20.30 45.44 -20.32
N LYS B 669 -21.21 45.10 -21.27
CA LYS B 669 -21.99 43.88 -21.20
C LYS B 669 -21.26 42.75 -21.93
N PRO B 670 -21.41 41.47 -21.51
CA PRO B 670 -20.72 40.37 -22.21
C PRO B 670 -21.06 40.28 -23.71
N GLY B 671 -20.03 40.43 -24.56
CA GLY B 671 -20.20 40.38 -26.00
C GLY B 671 -20.04 41.70 -26.73
N GLU B 672 -20.29 42.84 -26.01
CA GLU B 672 -20.15 44.20 -26.53
C GLU B 672 -18.69 44.52 -26.84
N GLY B 673 -18.45 45.71 -27.41
CA GLY B 673 -17.14 46.20 -27.81
C GLY B 673 -16.08 46.15 -26.72
N GLY B 674 -16.34 46.86 -25.63
CA GLY B 674 -15.42 46.93 -24.51
C GLY B 674 -15.99 47.61 -23.28
N PRO B 675 -15.21 48.53 -22.64
CA PRO B 675 -15.71 49.19 -21.42
C PRO B 675 -16.77 50.27 -21.68
N ILE B 676 -17.33 50.83 -20.58
CA ILE B 676 -18.43 51.79 -20.62
C ILE B 676 -18.06 53.20 -20.06
N ASN B 677 -18.51 54.27 -20.78
CA ASN B 677 -18.33 55.71 -20.54
C ASN B 677 -19.47 56.22 -19.55
N HIS B 678 -20.07 57.47 -19.52
CA HIS B 678 -20.08 58.75 -20.26
C HIS B 678 -20.57 58.61 -21.71
#